data_6JAE
#
_entry.id   6JAE
#
_cell.length_a   62.309
_cell.length_b   122.229
_cell.length_c   155.958
_cell.angle_alpha   90.00
_cell.angle_beta   90.06
_cell.angle_gamma   90.00
#
_symmetry.space_group_name_H-M   'P 1 21 1'
#
loop_
_entity.id
_entity.type
_entity.pdbx_description
1 polymer 'Glycerol kinase'
2 non-polymer 'PHOSPHATE ION'
3 non-polymer GLYCEROL
4 water water
#
_entity_poly.entity_id   1
_entity_poly.type   'polypeptide(L)'
_entity_poly.pdbx_seq_one_letter_code
;GIDPFTMKYVGSIDQGTTSTRFIIFDERQRPVSVHQVPHTQHTPHPGWLEHDPMEIFRSACKCMSVAIAKLRQKDASFRK
IEAIGITNQRETTVAWDRVTKEPLCYAPVWNDLRTYDITKKVTAELGGGDSMFASKITGLPVSTYFAAFKMRWMLENVPA
VADACRRGTLCFGTIDTWLMYKLSGGKAFVTDVTNASRTFLMDLRTRKWSPELCEKLKIPMETLPEIRSNSELFGYVETD
ECGVAAALNERTPIMGSIGDQQSALFGNMCFEKGEAKNTYGTGCFLLMNVGEEARFSKHGLLSTVGFQVGRDGPCYYALE
GAIACAGATVEWMRRNMNLFSHITECEKLARSVPGTQGIVFVPAFSGLLAPYWDPSARGTIVGMTLKTTRAHVIRAALQA
IALQLNDVVGSMKRDAGLNLSSLRVDGGLSKNGLLMEIQASLLGVDILVPSMHETTALGAALCAGLAAGVWTSLEEVKAV
SRRENSWKTVSPSGSAMEREAMIAEWREALKRTKWAKL
;
_entity_poly.pdbx_strand_id   A,B,C,D
#
# COMPACT_ATOMS: atom_id res chain seq x y z
N PHE A 5 10.64 -84.12 62.34
CA PHE A 5 11.03 -85.26 61.45
C PHE A 5 12.42 -84.98 60.81
N THR A 6 12.52 -84.98 59.47
CA THR A 6 13.80 -84.77 58.76
C THR A 6 13.56 -83.91 57.49
N MET A 7 14.19 -82.73 57.41
CA MET A 7 13.93 -81.73 56.32
C MET A 7 14.19 -82.26 54.89
N LYS A 8 13.12 -82.61 54.16
CA LYS A 8 13.25 -83.10 52.78
C LYS A 8 13.67 -81.95 51.86
N TYR A 9 14.34 -82.31 50.77
CA TYR A 9 14.76 -81.33 49.74
C TYR A 9 14.35 -81.78 48.36
N VAL A 10 14.04 -80.82 47.46
CA VAL A 10 13.67 -81.14 46.06
C VAL A 10 14.48 -80.28 45.08
N GLY A 11 15.01 -80.95 44.07
CA GLY A 11 15.90 -80.31 43.09
C GLY A 11 15.18 -79.96 41.82
N SER A 12 15.50 -78.78 41.28
CA SER A 12 14.92 -78.31 40.01
C SER A 12 16.05 -77.95 39.02
N ILE A 13 16.14 -78.64 37.90
CA ILE A 13 17.04 -78.22 36.83
C ILE A 13 16.26 -77.21 35.99
N ASP A 14 16.70 -75.96 35.98
CA ASP A 14 16.05 -74.92 35.21
C ASP A 14 16.97 -74.57 34.02
N GLN A 15 16.62 -75.16 32.87
CA GLN A 15 17.42 -75.14 31.66
C GLN A 15 16.88 -74.08 30.72
N GLY A 16 17.48 -72.89 30.78
CA GLY A 16 17.04 -71.77 29.98
C GLY A 16 17.75 -71.64 28.64
N THR A 17 17.39 -70.61 27.91
CA THR A 17 17.95 -70.29 26.60
C THR A 17 19.45 -69.92 26.66
N THR A 18 19.87 -69.11 27.64
CA THR A 18 21.29 -68.69 27.71
C THR A 18 22.05 -69.25 28.89
N SER A 19 21.37 -69.90 29.85
CA SER A 19 22.06 -70.61 30.93
C SER A 19 21.22 -71.69 31.59
N THR A 20 21.91 -72.44 32.45
CA THR A 20 21.29 -73.50 33.21
C THR A 20 21.53 -73.21 34.68
N ARG A 21 20.50 -73.53 35.46
CA ARG A 21 20.59 -73.47 36.91
C ARG A 21 20.08 -74.77 37.54
N PHE A 22 20.61 -75.08 38.72
CA PHE A 22 20.04 -76.11 39.62
C PHE A 22 19.72 -75.40 40.90
N ILE A 23 18.46 -75.49 41.30
CA ILE A 23 17.99 -74.91 42.53
C ILE A 23 17.46 -76.05 43.41
N ILE A 24 17.97 -76.10 44.62
CA ILE A 24 17.44 -76.97 45.67
C ILE A 24 16.46 -76.17 46.53
N PHE A 25 15.22 -76.65 46.55
CA PHE A 25 14.16 -76.11 47.45
C PHE A 25 13.98 -77.03 48.68
N ASP A 26 13.65 -76.43 49.83
CA ASP A 26 13.10 -77.24 50.98
C ASP A 26 11.59 -77.45 50.83
N GLU A 27 10.98 -78.17 51.76
CA GLU A 27 9.51 -78.44 51.68
C GLU A 27 8.67 -77.21 52.00
N ARG A 28 9.29 -76.18 52.56
CA ARG A 28 8.69 -74.84 52.69
C ARG A 28 8.78 -74.02 51.40
N GLN A 29 9.17 -74.69 50.30
CA GLN A 29 9.39 -74.03 49.02
C GLN A 29 10.40 -72.86 49.11
N ARG A 30 11.42 -72.94 49.95
CA ARG A 30 12.47 -71.92 49.93
C ARG A 30 13.64 -72.44 49.12
N PRO A 31 14.25 -71.58 48.28
CA PRO A 31 15.34 -72.08 47.53
C PRO A 31 16.51 -71.97 48.42
N VAL A 32 17.20 -73.08 48.64
CA VAL A 32 18.23 -73.07 49.68
C VAL A 32 19.63 -73.16 49.11
N SER A 33 19.73 -73.63 47.86
CA SER A 33 20.96 -73.62 47.10
C SER A 33 20.67 -73.53 45.61
N VAL A 34 21.58 -72.81 44.94
CA VAL A 34 21.50 -72.55 43.52
C VAL A 34 22.91 -72.53 42.97
N HIS A 35 23.07 -73.07 41.77
CA HIS A 35 24.23 -72.72 40.99
C HIS A 35 23.80 -72.52 39.55
N GLN A 36 24.54 -71.64 38.83
CA GLN A 36 24.28 -71.29 37.43
C GLN A 36 25.51 -71.53 36.53
N VAL A 37 25.28 -72.06 35.33
CA VAL A 37 26.35 -72.17 34.30
C VAL A 37 25.85 -71.76 32.91
N PRO A 38 26.53 -70.79 32.25
CA PRO A 38 26.09 -70.28 30.93
C PRO A 38 26.41 -71.29 29.80
N HIS A 39 25.66 -71.30 28.70
CA HIS A 39 26.12 -72.07 27.53
C HIS A 39 26.17 -71.14 26.28
N THR A 40 26.84 -71.61 25.26
CA THR A 40 27.19 -70.80 24.10
C THR A 40 26.04 -70.60 23.15
N GLN A 41 25.87 -69.37 22.72
CA GLN A 41 24.82 -68.97 21.78
C GLN A 41 25.38 -68.90 20.34
N HIS A 42 25.43 -70.04 19.66
CA HIS A 42 26.01 -70.16 18.32
C HIS A 42 25.07 -69.59 17.29
N THR A 43 25.54 -68.58 16.57
CA THR A 43 24.80 -67.92 15.49
C THR A 43 25.58 -68.09 14.15
N PRO A 44 25.47 -69.26 13.51
CA PRO A 44 26.30 -69.52 12.32
C PRO A 44 25.93 -68.68 11.08
N HIS A 45 24.65 -68.33 10.94
CA HIS A 45 24.13 -67.38 9.92
C HIS A 45 23.19 -66.38 10.57
N PRO A 46 22.95 -65.21 9.96
CA PRO A 46 22.04 -64.29 10.65
C PRO A 46 20.65 -64.91 10.84
N GLY A 47 20.01 -64.66 11.99
CA GLY A 47 18.78 -65.35 12.37
C GLY A 47 18.88 -66.86 12.70
N TRP A 48 20.06 -67.46 12.80
CA TRP A 48 20.10 -68.86 13.23
C TRP A 48 20.62 -68.86 14.65
N LEU A 49 20.15 -69.80 15.46
CA LEU A 49 20.65 -69.97 16.85
C LEU A 49 20.60 -71.46 17.18
N GLU A 50 21.69 -71.96 17.73
CA GLU A 50 21.94 -73.36 17.97
C GLU A 50 22.60 -73.46 19.35
N HIS A 51 22.25 -74.50 20.10
CA HIS A 51 23.00 -74.91 21.27
C HIS A 51 23.69 -76.27 21.11
N ASP A 52 24.81 -76.41 21.77
CA ASP A 52 25.55 -77.64 21.89
C ASP A 52 24.89 -78.48 23.04
N PRO A 53 24.28 -79.62 22.69
CA PRO A 53 23.50 -80.36 23.68
C PRO A 53 24.35 -80.92 24.77
N MET A 54 25.58 -81.29 24.43
CA MET A 54 26.50 -81.79 25.46
C MET A 54 26.90 -80.72 26.44
N GLU A 55 27.09 -79.49 25.96
CA GLU A 55 27.40 -78.38 26.87
C GLU A 55 26.22 -78.13 27.86
N ILE A 56 25.01 -78.33 27.37
CA ILE A 56 23.84 -78.10 28.21
C ILE A 56 23.73 -79.15 29.31
N PHE A 57 23.94 -80.39 28.89
CA PHE A 57 23.91 -81.53 29.80
C PHE A 57 24.99 -81.37 30.83
N ARG A 58 26.19 -81.05 30.36
CA ARG A 58 27.29 -80.78 31.28
C ARG A 58 26.98 -79.63 32.20
N SER A 59 26.38 -78.55 31.69
CA SER A 59 26.02 -77.39 32.56
C SER A 59 25.11 -77.86 33.70
N ALA A 60 24.10 -78.63 33.36
CA ALA A 60 23.16 -79.15 34.31
C ALA A 60 23.88 -79.96 35.39
N CYS A 61 24.73 -80.90 34.96
CA CYS A 61 25.47 -81.75 35.90
C CYS A 61 26.33 -80.98 36.85
N LYS A 62 27.00 -79.98 36.32
CA LYS A 62 27.88 -79.16 37.15
C LYS A 62 27.09 -78.36 38.16
N CYS A 63 25.91 -77.90 37.73
CA CYS A 63 25.00 -77.10 38.53
C CYS A 63 24.51 -77.93 39.71
N MET A 64 24.26 -79.20 39.44
CA MET A 64 23.73 -80.09 40.46
C MET A 64 24.85 -80.38 41.45
N SER A 65 26.01 -80.73 40.92
CA SER A 65 27.10 -81.13 41.78
C SER A 65 27.60 -79.99 42.66
N VAL A 66 27.57 -78.76 42.17
CA VAL A 66 27.98 -77.62 43.00
C VAL A 66 26.91 -77.14 44.02
N ALA A 67 25.65 -77.09 43.61
CA ALA A 67 24.60 -76.58 44.47
C ALA A 67 24.46 -77.52 45.68
N ILE A 68 24.59 -78.81 45.42
CA ILE A 68 24.59 -79.83 46.48
C ILE A 68 25.78 -79.65 47.43
N ALA A 69 26.98 -79.59 46.86
CA ALA A 69 28.16 -79.34 47.69
C ALA A 69 27.91 -78.13 48.62
N LYS A 70 27.28 -77.07 48.11
CA LYS A 70 27.09 -75.86 48.93
C LYS A 70 26.02 -76.02 50.02
N LEU A 71 24.97 -76.77 49.71
CA LEU A 71 23.91 -77.06 50.65
C LEU A 71 24.54 -77.82 51.82
N ARG A 72 25.32 -78.86 51.49
CA ARG A 72 25.78 -79.78 52.50
C ARG A 72 26.73 -79.13 53.49
N GLN A 73 27.29 -78.01 53.08
CA GLN A 73 28.02 -77.17 54.00
C GLN A 73 27.11 -76.22 54.82
N LYS A 74 25.94 -75.89 54.29
CA LYS A 74 24.92 -75.18 55.08
C LYS A 74 24.15 -76.14 56.04
N ASP A 75 24.05 -77.40 55.68
CA ASP A 75 23.22 -78.39 56.37
C ASP A 75 23.93 -79.71 56.25
N ALA A 76 24.81 -80.00 57.22
CA ALA A 76 25.65 -81.16 57.17
C ALA A 76 24.93 -82.46 57.49
N SER A 77 23.64 -82.38 57.86
CA SER A 77 22.75 -83.58 57.90
C SER A 77 22.24 -84.02 56.53
N PHE A 78 21.92 -83.06 55.69
CA PHE A 78 21.45 -83.36 54.35
C PHE A 78 22.26 -84.51 53.75
N ARG A 79 21.55 -85.55 53.33
CA ARG A 79 22.13 -86.77 52.78
C ARG A 79 21.55 -87.14 51.43
N LYS A 80 20.39 -86.60 51.10
CA LYS A 80 19.78 -86.84 49.81
C LYS A 80 18.71 -85.80 49.49
N ILE A 81 18.39 -85.83 48.22
CA ILE A 81 17.38 -85.02 47.62
C ILE A 81 16.30 -86.01 47.32
N GLU A 82 15.08 -85.69 47.72
CA GLU A 82 13.93 -86.56 47.48
C GLU A 82 13.62 -86.83 46.01
N ALA A 83 13.60 -85.78 45.21
CA ALA A 83 13.39 -85.96 43.77
C ALA A 83 13.94 -84.80 42.98
N ILE A 84 14.10 -85.04 41.68
CA ILE A 84 14.51 -84.02 40.76
C ILE A 84 13.41 -83.74 39.76
N GLY A 85 13.04 -82.47 39.63
CA GLY A 85 12.29 -81.97 38.47
C GLY A 85 13.15 -81.17 37.47
N ILE A 86 12.66 -81.12 36.24
CA ILE A 86 13.30 -80.49 35.11
C ILE A 86 12.33 -79.51 34.52
N THR A 87 12.78 -78.27 34.33
CA THR A 87 12.09 -77.32 33.48
C THR A 87 13.00 -76.64 32.43
N ASN A 88 12.50 -76.49 31.23
CA ASN A 88 13.37 -76.25 30.11
C ASN A 88 12.81 -75.27 29.12
N GLN A 89 13.70 -74.54 28.44
CA GLN A 89 13.36 -73.82 27.19
C GLN A 89 12.66 -74.80 26.29
N ARG A 90 11.51 -74.41 25.79
CA ARG A 90 10.69 -75.30 24.93
C ARG A 90 11.07 -75.18 23.45
N GLU A 91 10.40 -76.01 22.64
CA GLU A 91 10.63 -76.15 21.19
C GLU A 91 12.03 -76.56 20.71
N THR A 92 13.07 -76.08 21.39
CA THR A 92 14.43 -76.35 21.01
C THR A 92 14.58 -77.86 20.95
N THR A 93 15.24 -78.34 19.91
CA THR A 93 15.15 -79.75 19.53
C THR A 93 16.51 -80.34 19.26
N VAL A 94 16.76 -81.43 19.99
CA VAL A 94 18.00 -82.20 19.88
C VAL A 94 17.81 -83.50 19.03
N ALA A 95 18.81 -83.81 18.23
CA ALA A 95 18.96 -85.05 17.49
C ALA A 95 20.12 -85.88 18.05
N TRP A 96 19.88 -87.14 18.39
CA TRP A 96 20.94 -87.97 18.91
C TRP A 96 20.87 -89.44 18.52
N ASP A 97 22.01 -90.09 18.75
CA ASP A 97 22.18 -91.50 18.40
C ASP A 97 21.90 -92.41 19.58
N ARG A 98 20.92 -93.30 19.40
CA ARG A 98 20.59 -94.36 20.36
C ARG A 98 21.80 -95.23 20.78
N VAL A 99 22.85 -95.33 19.94
CA VAL A 99 24.01 -96.15 20.32
C VAL A 99 25.33 -95.40 20.62
N THR A 100 25.67 -94.34 19.88
CA THR A 100 26.76 -93.47 20.38
C THR A 100 26.32 -92.77 21.69
N LYS A 101 25.01 -92.62 21.88
CA LYS A 101 24.44 -91.81 22.96
C LYS A 101 24.74 -90.30 22.81
N GLU A 102 25.42 -89.91 21.73
CA GLU A 102 25.94 -88.55 21.50
C GLU A 102 24.99 -87.78 20.56
N PRO A 103 25.01 -86.42 20.57
CA PRO A 103 24.23 -85.71 19.56
C PRO A 103 24.83 -85.82 18.18
N LEU A 104 23.96 -85.87 17.17
CA LEU A 104 24.34 -85.86 15.76
C LEU A 104 24.70 -84.47 15.23
N CYS A 105 24.19 -83.42 15.87
CA CYS A 105 24.49 -82.02 15.48
C CYS A 105 24.05 -81.07 16.62
N TYR A 106 24.21 -79.77 16.39
CA TYR A 106 23.76 -78.75 17.31
C TYR A 106 22.24 -78.68 17.28
N ALA A 107 21.64 -78.19 18.36
CA ALA A 107 20.19 -78.17 18.54
C ALA A 107 19.61 -76.82 18.15
N PRO A 108 18.83 -76.76 17.03
CA PRO A 108 18.27 -75.47 16.70
C PRO A 108 17.34 -75.05 17.81
N VAL A 109 17.46 -73.79 18.18
CA VAL A 109 16.78 -73.25 19.34
C VAL A 109 15.39 -72.77 18.94
N TRP A 110 14.49 -72.62 19.92
CA TRP A 110 13.10 -72.17 19.59
C TRP A 110 13.01 -70.99 18.61
N ASN A 111 13.79 -69.92 18.85
CA ASN A 111 13.67 -68.73 18.00
C ASN A 111 14.52 -68.77 16.75
N ASP A 112 15.12 -69.92 16.45
CA ASP A 112 15.89 -70.07 15.23
C ASP A 112 15.02 -69.97 13.97
N LEU A 113 15.60 -69.45 12.90
CA LEU A 113 14.82 -69.14 11.68
C LEU A 113 15.21 -69.97 10.45
N ARG A 114 16.03 -70.99 10.64
CA ARG A 114 16.47 -71.81 9.50
C ARG A 114 15.32 -72.64 8.90
N THR A 115 14.25 -72.84 9.67
CA THR A 115 13.10 -73.58 9.26
C THR A 115 12.08 -72.68 8.52
N TYR A 116 12.53 -71.54 7.99
CA TYR A 116 11.60 -70.64 7.31
C TYR A 116 10.99 -71.32 6.07
N ASP A 117 11.85 -71.70 5.15
CA ASP A 117 11.43 -72.39 3.93
C ASP A 117 10.52 -73.55 4.18
N ILE A 118 11.01 -74.48 4.98
CA ILE A 118 10.24 -75.65 5.31
C ILE A 118 8.88 -75.24 5.82
N THR A 119 8.85 -74.15 6.58
CA THR A 119 7.59 -73.69 7.15
C THR A 119 6.58 -73.29 6.02
N LYS A 120 7.09 -72.67 4.95
CA LYS A 120 6.25 -72.21 3.82
C LYS A 120 5.76 -73.41 2.99
N LYS A 121 6.70 -74.29 2.64
CA LYS A 121 6.36 -75.57 2.06
C LYS A 121 5.19 -76.25 2.79
N VAL A 122 5.27 -76.35 4.14
CA VAL A 122 4.22 -77.04 4.92
C VAL A 122 2.83 -76.36 4.88
N THR A 123 2.79 -75.05 5.11
CA THR A 123 1.54 -74.31 4.99
C THR A 123 0.97 -74.54 3.56
N ALA A 124 1.83 -74.47 2.55
CA ALA A 124 1.40 -74.53 1.16
C ALA A 124 0.88 -75.92 0.80
N GLU A 125 1.83 -76.85 0.69
CA GLU A 125 1.58 -78.22 0.24
C GLU A 125 0.77 -79.08 1.20
N LEU A 126 0.59 -78.65 2.45
CA LEU A 126 -0.16 -79.48 3.44
C LEU A 126 -1.38 -78.78 4.07
N GLY A 127 -1.39 -77.45 4.13
CA GLY A 127 -2.50 -76.74 4.74
C GLY A 127 -3.36 -76.01 3.72
N GLY A 128 -3.08 -76.22 2.44
CA GLY A 128 -3.79 -75.53 1.36
C GLY A 128 -3.70 -74.02 1.55
N GLY A 129 -2.50 -73.56 1.88
CA GLY A 129 -2.25 -72.16 2.21
C GLY A 129 -2.75 -71.72 3.58
N ASP A 130 -3.38 -72.63 4.34
CA ASP A 130 -3.84 -72.33 5.69
C ASP A 130 -2.86 -72.81 6.80
N SER A 131 -2.34 -71.85 7.55
CA SER A 131 -1.31 -72.17 8.52
C SER A 131 -1.99 -72.61 9.83
N MET A 132 -3.31 -72.42 9.92
CA MET A 132 -4.10 -72.88 11.05
C MET A 132 -4.62 -74.28 10.78
N PHE A 133 -4.23 -74.85 9.65
CA PHE A 133 -4.81 -76.07 9.19
C PHE A 133 -4.80 -77.16 10.26
N ALA A 134 -3.73 -77.22 11.05
CA ALA A 134 -3.58 -78.28 12.05
C ALA A 134 -3.90 -77.75 13.46
N SER A 135 -4.43 -76.54 13.53
CA SER A 135 -4.60 -75.93 14.83
C SER A 135 -5.70 -76.55 15.76
N LYS A 136 -6.66 -77.29 15.19
CA LYS A 136 -7.68 -78.01 16.00
C LYS A 136 -7.03 -79.32 16.51
N ILE A 137 -6.10 -79.87 15.73
CA ILE A 137 -5.18 -80.88 16.26
C ILE A 137 -4.14 -80.32 17.32
N THR A 138 -3.19 -79.51 16.87
CA THR A 138 -2.01 -79.13 17.71
C THR A 138 -2.26 -78.02 18.73
N GLY A 139 -3.12 -77.07 18.40
CA GLY A 139 -3.39 -75.89 19.23
C GLY A 139 -2.55 -74.72 18.75
N LEU A 140 -1.85 -74.98 17.63
CA LEU A 140 -0.75 -74.13 17.14
C LEU A 140 -0.81 -73.92 15.66
N PRO A 141 -0.45 -72.71 15.17
CA PRO A 141 -0.24 -72.46 13.75
C PRO A 141 1.10 -72.97 13.32
N VAL A 142 1.34 -72.98 12.01
CA VAL A 142 2.61 -73.36 11.49
C VAL A 142 3.53 -72.17 11.72
N SER A 143 4.75 -72.46 12.13
CA SER A 143 5.70 -71.41 12.48
C SER A 143 7.08 -71.99 12.65
N THR A 144 8.08 -71.14 12.50
CA THR A 144 9.45 -71.55 12.66
C THR A 144 9.73 -72.07 14.07
N TYR A 145 8.94 -71.62 15.06
CA TYR A 145 9.15 -71.98 16.44
C TYR A 145 9.09 -73.47 16.74
N PHE A 146 8.17 -74.21 16.13
CA PHE A 146 7.84 -75.50 16.69
C PHE A 146 8.70 -76.70 16.24
N ALA A 147 8.75 -77.71 17.10
CA ALA A 147 9.85 -78.68 17.05
C ALA A 147 9.85 -79.51 15.79
N ALA A 148 8.66 -79.95 15.34
CA ALA A 148 8.62 -80.83 14.14
C ALA A 148 9.31 -80.22 12.90
N PHE A 149 9.26 -78.90 12.75
CA PHE A 149 9.90 -78.26 11.58
C PHE A 149 11.42 -78.30 11.67
N LYS A 150 11.94 -78.33 12.89
CA LYS A 150 13.38 -78.43 13.10
C LYS A 150 13.85 -79.87 12.86
N MET A 151 13.07 -80.82 13.39
CA MET A 151 13.28 -82.26 13.13
C MET A 151 13.38 -82.46 11.62
N ARG A 152 12.44 -81.88 10.89
CA ARG A 152 12.41 -81.99 9.44
C ARG A 152 13.65 -81.35 8.85
N TRP A 153 14.00 -80.15 9.30
CA TRP A 153 15.21 -79.47 8.78
C TRP A 153 16.47 -80.30 9.01
N MET A 154 16.44 -81.07 10.08
CA MET A 154 17.61 -81.83 10.42
C MET A 154 17.72 -83.10 9.54
N LEU A 155 16.58 -83.73 9.29
CA LEU A 155 16.54 -84.89 8.40
C LEU A 155 16.94 -84.49 6.98
N GLU A 156 16.60 -83.27 6.58
CA GLU A 156 16.86 -82.81 5.20
C GLU A 156 18.20 -82.09 5.02
N ASN A 157 18.98 -81.87 6.08
CA ASN A 157 20.26 -81.15 5.90
C ASN A 157 21.47 -81.68 6.63
N VAL A 158 21.27 -82.57 7.60
CA VAL A 158 22.42 -83.14 8.35
C VAL A 158 22.68 -84.62 7.92
N PRO A 159 23.77 -84.88 7.15
CA PRO A 159 24.07 -86.26 6.74
C PRO A 159 23.92 -87.26 7.90
N ALA A 160 24.67 -87.04 8.99
CA ALA A 160 24.56 -87.85 10.20
C ALA A 160 23.11 -88.13 10.63
N VAL A 161 22.19 -87.18 10.38
CA VAL A 161 20.83 -87.33 10.91
C VAL A 161 19.93 -88.19 10.00
N ALA A 162 19.88 -87.92 8.70
CA ALA A 162 19.25 -88.85 7.73
C ALA A 162 19.84 -90.26 7.85
N ASP A 163 21.17 -90.33 8.02
CA ASP A 163 21.86 -91.61 8.19
C ASP A 163 21.27 -92.40 9.35
N ALA A 164 21.28 -91.80 10.54
CA ALA A 164 20.78 -92.49 11.74
C ALA A 164 19.30 -92.85 11.64
N CYS A 165 18.56 -92.04 10.89
CA CYS A 165 17.18 -92.36 10.53
C CYS A 165 17.08 -93.68 9.79
N ARG A 166 17.94 -93.83 8.78
CA ARG A 166 17.97 -95.01 7.94
C ARG A 166 18.42 -96.22 8.75
N ARG A 167 19.50 -96.07 9.53
CA ARG A 167 19.95 -97.15 10.41
C ARG A 167 19.04 -97.35 11.66
N GLY A 168 17.89 -96.66 11.72
CA GLY A 168 16.93 -96.78 12.82
C GLY A 168 17.51 -96.62 14.23
N THR A 169 18.56 -95.79 14.37
CA THR A 169 19.19 -95.48 15.67
C THR A 169 18.93 -94.04 16.17
N LEU A 170 18.01 -93.31 15.52
CA LEU A 170 17.87 -91.86 15.73
C LEU A 170 16.83 -91.51 16.77
N CYS A 171 17.22 -90.65 17.72
CA CYS A 171 16.26 -90.00 18.59
C CYS A 171 16.18 -88.48 18.38
N PHE A 172 14.96 -87.98 18.51
CA PHE A 172 14.71 -86.56 18.58
C PHE A 172 14.12 -86.32 19.97
N GLY A 173 14.27 -85.12 20.47
CA GLY A 173 13.65 -84.77 21.72
C GLY A 173 13.78 -83.29 21.96
N THR A 174 12.79 -82.74 22.64
CA THR A 174 12.96 -81.43 23.18
C THR A 174 13.92 -81.57 24.36
N ILE A 175 14.20 -80.49 25.03
CA ILE A 175 15.32 -80.43 25.95
C ILE A 175 15.02 -81.25 27.18
N ASP A 176 13.76 -81.33 27.56
CA ASP A 176 13.37 -82.20 28.68
C ASP A 176 13.79 -83.68 28.45
N THR A 177 13.59 -84.15 27.23
CA THR A 177 13.87 -85.51 26.84
C THR A 177 15.37 -85.77 26.74
N TRP A 178 16.09 -84.85 26.09
CA TRP A 178 17.55 -84.87 26.12
C TRP A 178 18.09 -84.92 27.54
N LEU A 179 17.68 -84.01 28.40
CA LEU A 179 18.17 -84.06 29.77
C LEU A 179 17.86 -85.43 30.41
N MET A 180 16.62 -85.88 30.30
CA MET A 180 16.22 -87.15 30.95
C MET A 180 16.93 -88.39 30.34
N TYR A 181 17.19 -88.38 29.05
CA TYR A 181 17.92 -89.44 28.42
C TYR A 181 19.34 -89.56 28.99
N LYS A 182 20.13 -88.50 28.85
CA LYS A 182 21.51 -88.45 29.35
C LYS A 182 21.63 -88.60 30.87
N LEU A 183 20.70 -88.03 31.62
CA LEU A 183 20.77 -88.11 33.07
C LEU A 183 20.59 -89.62 33.49
N SER A 184 19.72 -90.32 32.74
CA SER A 184 19.39 -91.76 32.90
C SER A 184 20.53 -92.71 32.52
N GLY A 185 21.50 -92.20 31.78
CA GLY A 185 22.52 -93.02 31.12
C GLY A 185 21.99 -93.72 29.89
N GLY A 186 21.01 -93.13 29.22
CA GLY A 186 20.40 -93.70 28.04
C GLY A 186 19.14 -94.54 28.26
N LYS A 187 18.67 -94.63 29.51
CA LYS A 187 17.56 -95.54 29.87
C LYS A 187 16.13 -95.01 29.77
N ALA A 188 15.93 -93.70 29.97
CA ALA A 188 14.63 -93.09 29.71
C ALA A 188 14.65 -92.32 28.40
N PHE A 189 13.52 -92.40 27.71
CA PHE A 189 13.24 -91.69 26.49
C PHE A 189 11.78 -91.23 26.65
N VAL A 190 11.60 -90.10 27.32
CA VAL A 190 10.27 -89.61 27.68
C VAL A 190 10.20 -88.09 27.60
N THR A 191 8.97 -87.59 27.48
CA THR A 191 8.68 -86.18 27.45
C THR A 191 7.38 -85.96 28.22
N ASP A 192 7.24 -84.81 28.86
CA ASP A 192 5.97 -84.47 29.53
C ASP A 192 4.99 -83.85 28.55
N VAL A 193 3.74 -83.62 28.98
CA VAL A 193 2.70 -83.21 28.02
C VAL A 193 2.87 -81.77 27.52
N THR A 194 3.30 -80.90 28.41
CA THR A 194 3.57 -79.49 28.10
C THR A 194 4.58 -79.43 26.99
N ASN A 195 5.71 -80.11 27.13
CA ASN A 195 6.74 -80.01 26.09
C ASN A 195 6.26 -80.62 24.82
N ALA A 196 5.51 -81.73 24.93
CA ALA A 196 5.07 -82.43 23.71
C ALA A 196 4.04 -81.60 22.93
N SER A 197 3.21 -80.84 23.65
CA SER A 197 2.27 -79.85 23.01
C SER A 197 2.88 -78.76 22.15
N ARG A 198 4.21 -78.68 22.12
CA ARG A 198 4.94 -77.64 21.39
C ARG A 198 5.69 -78.23 20.22
N THR A 199 5.56 -79.54 20.00
CA THR A 199 6.29 -80.22 18.91
C THR A 199 5.64 -80.06 17.54
N PHE A 200 4.34 -79.78 17.58
CA PHE A 200 3.44 -79.81 16.42
C PHE A 200 3.09 -81.27 16.02
N LEU A 201 3.35 -82.21 16.91
CA LEU A 201 3.07 -83.62 16.66
C LEU A 201 2.13 -84.27 17.68
N MET A 202 1.69 -83.51 18.67
CA MET A 202 0.79 -84.02 19.67
C MET A 202 -0.61 -83.46 19.44
N ASP A 203 -1.59 -84.36 19.54
CA ASP A 203 -2.99 -84.00 19.60
C ASP A 203 -3.29 -83.43 20.97
N LEU A 204 -3.79 -82.21 20.99
CA LEU A 204 -3.95 -81.45 22.24
C LEU A 204 -4.98 -82.06 23.23
N ARG A 205 -6.06 -82.62 22.70
CA ARG A 205 -7.12 -83.16 23.55
C ARG A 205 -6.75 -84.54 24.05
N THR A 206 -6.19 -85.35 23.15
CA THR A 206 -5.83 -86.74 23.49
C THR A 206 -4.42 -86.87 24.08
N ARG A 207 -3.61 -85.82 23.98
CA ARG A 207 -2.22 -85.87 24.44
C ARG A 207 -1.56 -87.15 24.00
N LYS A 208 -1.78 -87.50 22.74
CA LYS A 208 -1.13 -88.64 22.15
C LYS A 208 -0.53 -88.09 20.92
N TRP A 209 0.54 -88.74 20.47
CA TRP A 209 1.07 -88.46 19.15
C TRP A 209 -0.03 -88.70 18.16
N SER A 210 -0.02 -87.87 17.12
CA SER A 210 -0.97 -87.92 16.01
C SER A 210 -0.26 -88.58 14.84
N PRO A 211 -0.71 -89.80 14.45
CA PRO A 211 -0.09 -90.45 13.28
C PRO A 211 -0.32 -89.69 11.99
N GLU A 212 -1.47 -89.03 11.85
CA GLU A 212 -1.69 -88.17 10.67
C GLU A 212 -0.50 -87.21 10.51
N LEU A 213 -0.23 -86.47 11.59
CA LEU A 213 0.78 -85.42 11.50
C LEU A 213 2.21 -85.93 11.25
N CYS A 214 2.69 -86.93 12.01
CA CYS A 214 4.05 -87.48 11.75
C CYS A 214 4.21 -88.04 10.35
N GLU A 215 3.13 -88.64 9.84
CA GLU A 215 3.12 -89.15 8.47
C GLU A 215 3.21 -87.99 7.47
N LYS A 216 2.31 -87.01 7.61
CA LYS A 216 2.26 -85.86 6.67
C LYS A 216 3.54 -85.01 6.71
N LEU A 217 4.05 -84.73 7.92
CA LEU A 217 5.28 -83.91 8.04
C LEU A 217 6.52 -84.77 7.84
N LYS A 218 6.31 -86.09 7.72
CA LYS A 218 7.32 -87.01 7.24
C LYS A 218 8.40 -87.20 8.32
N ILE A 219 7.92 -87.63 9.50
CA ILE A 219 8.78 -87.82 10.65
C ILE A 219 8.44 -89.17 11.26
N PRO A 220 9.38 -90.13 11.17
CA PRO A 220 9.12 -91.49 11.62
C PRO A 220 8.88 -91.59 13.12
N MET A 221 7.72 -92.07 13.51
CA MET A 221 7.37 -92.10 14.93
C MET A 221 8.29 -92.92 15.86
N GLU A 222 9.20 -93.70 15.26
CA GLU A 222 10.14 -94.52 16.05
C GLU A 222 11.04 -93.61 16.84
N THR A 223 11.32 -92.44 16.26
CA THR A 223 12.17 -91.40 16.86
C THR A 223 11.56 -90.66 18.05
N LEU A 224 10.24 -90.73 18.24
CA LEU A 224 9.58 -89.91 19.28
C LEU A 224 9.50 -90.57 20.66
N PRO A 225 9.67 -89.79 21.72
CA PRO A 225 9.59 -90.43 23.02
C PRO A 225 8.16 -90.67 23.50
N GLU A 226 8.05 -91.26 24.66
CA GLU A 226 6.78 -91.53 25.26
C GLU A 226 6.25 -90.34 26.10
N ILE A 227 5.01 -89.98 25.85
CA ILE A 227 4.37 -88.93 26.58
C ILE A 227 3.95 -89.41 27.97
N ARG A 228 4.24 -88.58 28.98
CA ARG A 228 3.76 -88.81 30.33
C ARG A 228 3.17 -87.54 30.87
N SER A 229 2.61 -87.62 32.08
CA SER A 229 2.21 -86.41 32.77
C SER A 229 3.44 -85.49 33.14
N ASN A 230 3.17 -84.42 33.87
CA ASN A 230 4.25 -83.62 34.44
C ASN A 230 4.84 -84.17 35.71
N SER A 231 4.11 -85.12 36.33
CA SER A 231 4.36 -85.46 37.74
C SER A 231 4.11 -86.94 38.05
N GLU A 232 5.24 -87.66 38.20
CA GLU A 232 5.35 -89.12 38.21
C GLU A 232 6.81 -89.54 37.95
N LEU A 233 7.06 -90.85 37.88
CA LEU A 233 8.41 -91.36 37.74
C LEU A 233 8.82 -91.45 36.27
N PHE A 234 9.86 -90.70 35.89
CA PHE A 234 10.45 -90.73 34.52
C PHE A 234 11.72 -91.58 34.39
N GLY A 235 12.50 -91.67 35.46
CA GLY A 235 13.82 -92.32 35.38
C GLY A 235 14.60 -92.09 36.66
N TYR A 236 15.85 -92.53 36.68
CA TYR A 236 16.74 -92.17 37.78
C TYR A 236 17.98 -91.52 37.22
N VAL A 237 18.62 -90.69 38.05
CA VAL A 237 19.92 -90.17 37.67
C VAL A 237 20.93 -91.28 37.84
N GLU A 238 21.46 -91.75 36.72
CA GLU A 238 22.43 -92.84 36.72
C GLU A 238 23.76 -92.48 36.06
N THR A 239 24.03 -91.20 35.87
CA THR A 239 25.23 -90.73 35.18
C THR A 239 26.20 -90.22 36.21
N ASP A 240 27.49 -90.28 35.87
CA ASP A 240 28.54 -89.73 36.75
C ASP A 240 29.20 -88.52 36.15
N GLU A 241 28.67 -88.05 35.02
CA GLU A 241 29.23 -86.94 34.22
C GLU A 241 30.08 -85.86 34.91
N CYS A 242 29.59 -85.23 35.95
CA CYS A 242 30.51 -84.33 36.68
C CYS A 242 30.46 -84.66 38.11
N GLY A 243 30.60 -85.95 38.42
CA GLY A 243 30.44 -86.44 39.79
C GLY A 243 29.00 -86.37 40.29
N VAL A 244 28.04 -86.28 39.37
CA VAL A 244 26.70 -86.00 39.80
C VAL A 244 26.04 -87.17 40.57
N ALA A 245 26.15 -88.40 40.06
CA ALA A 245 25.68 -89.58 40.84
C ALA A 245 26.29 -89.62 42.24
N ALA A 246 27.62 -89.43 42.32
CA ALA A 246 28.32 -89.37 43.60
C ALA A 246 27.77 -88.29 44.50
N ALA A 247 27.58 -87.09 43.94
CA ALA A 247 27.12 -85.95 44.73
C ALA A 247 25.66 -86.14 45.14
N LEU A 248 24.85 -86.74 44.27
CA LEU A 248 23.48 -87.05 44.69
C LEU A 248 23.48 -88.00 45.86
N ASN A 249 24.48 -88.88 45.86
CA ASN A 249 24.81 -89.67 47.01
C ASN A 249 23.96 -90.92 47.01
N GLU A 250 22.64 -90.78 47.00
CA GLU A 250 21.73 -91.93 46.89
C GLU A 250 21.06 -91.93 45.52
N ARG A 251 20.55 -93.08 45.11
CA ARG A 251 19.81 -93.18 43.88
C ARG A 251 18.73 -92.12 43.94
N THR A 252 18.56 -91.40 42.83
CA THR A 252 17.65 -90.27 42.82
C THR A 252 16.71 -90.31 41.63
N PRO A 253 15.43 -90.28 41.92
CA PRO A 253 14.42 -90.31 40.89
C PRO A 253 14.20 -88.92 40.28
N ILE A 254 14.04 -88.90 38.96
CA ILE A 254 13.49 -87.75 38.28
C ILE A 254 11.98 -87.91 38.25
N MET A 255 11.28 -87.03 38.93
CA MET A 255 9.83 -87.13 38.98
C MET A 255 9.07 -85.84 38.52
N GLY A 256 9.77 -84.86 37.96
CA GLY A 256 9.15 -83.66 37.41
C GLY A 256 9.70 -83.25 36.06
N SER A 257 8.82 -82.96 35.13
CA SER A 257 9.22 -82.44 33.86
C SER A 257 8.14 -81.50 33.34
N ILE A 258 8.54 -80.30 32.97
CA ILE A 258 7.61 -79.25 32.61
C ILE A 258 8.30 -78.06 31.89
N GLY A 259 7.76 -77.76 30.69
CA GLY A 259 8.08 -76.58 29.87
C GLY A 259 8.11 -75.33 30.71
N ASP A 260 9.10 -74.43 30.42
CA ASP A 260 9.42 -73.35 31.34
C ASP A 260 8.24 -72.42 31.54
N GLN A 261 7.54 -72.10 30.47
CA GLN A 261 6.45 -71.14 30.63
C GLN A 261 5.30 -71.74 31.42
N GLN A 262 4.98 -73.00 31.16
CA GLN A 262 3.97 -73.65 32.02
C GLN A 262 4.49 -73.87 33.44
N SER A 263 5.78 -74.16 33.58
CA SER A 263 6.32 -74.32 34.92
C SER A 263 6.15 -73.04 35.69
N ALA A 264 6.25 -71.89 35.03
CA ALA A 264 6.00 -70.62 35.73
C ALA A 264 4.51 -70.45 36.13
N LEU A 265 3.60 -70.83 35.25
CA LEU A 265 2.17 -70.80 35.54
C LEU A 265 1.87 -71.65 36.79
N PHE A 266 2.34 -72.89 36.77
CA PHE A 266 2.24 -73.81 37.90
C PHE A 266 2.91 -73.26 39.14
N GLY A 267 4.09 -72.67 38.94
CA GLY A 267 4.86 -72.16 40.08
C GLY A 267 4.30 -70.91 40.66
N ASN A 268 3.44 -70.25 39.88
CA ASN A 268 2.63 -69.13 40.43
C ASN A 268 1.24 -69.58 40.97
N MET A 269 1.04 -70.86 41.19
CA MET A 269 -0.22 -71.33 41.77
C MET A 269 -1.43 -70.98 40.92
N CYS A 270 -1.35 -71.06 39.60
CA CYS A 270 -2.51 -70.74 38.74
C CYS A 270 -3.21 -72.03 38.45
N PHE A 271 -3.79 -72.59 39.50
CA PHE A 271 -4.39 -73.92 39.39
C PHE A 271 -5.83 -73.84 38.87
N GLU A 272 -6.48 -72.67 38.98
CA GLU A 272 -7.90 -72.51 38.61
C GLU A 272 -8.05 -71.78 37.27
N LYS A 273 -9.06 -72.19 36.52
CA LYS A 273 -9.47 -71.52 35.27
C LYS A 273 -9.56 -70.00 35.52
N GLY A 274 -9.00 -69.23 34.59
CA GLY A 274 -8.98 -67.78 34.68
C GLY A 274 -7.84 -67.14 35.47
N GLU A 275 -7.05 -67.96 36.16
CA GLU A 275 -5.79 -67.46 36.76
C GLU A 275 -4.69 -67.54 35.70
N ALA A 276 -3.77 -66.59 35.76
CA ALA A 276 -2.88 -66.36 34.63
C ALA A 276 -1.61 -65.72 35.10
N LYS A 277 -0.60 -65.78 34.25
CA LYS A 277 0.68 -65.20 34.62
C LYS A 277 1.29 -64.63 33.40
N ASN A 278 2.05 -63.55 33.60
CA ASN A 278 2.89 -63.06 32.57
C ASN A 278 4.32 -63.03 33.08
N THR A 279 5.26 -63.54 32.26
CA THR A 279 6.68 -63.39 32.49
C THR A 279 7.23 -62.26 31.60
N TYR A 280 7.83 -61.26 32.26
CA TYR A 280 8.33 -60.04 31.65
C TYR A 280 9.86 -60.22 31.55
N GLY A 281 10.33 -61.02 30.58
CA GLY A 281 11.79 -61.23 30.37
C GLY A 281 12.28 -60.34 29.21
N THR A 282 13.13 -60.90 28.37
CA THR A 282 13.52 -60.31 27.09
C THR A 282 12.31 -59.95 26.20
N GLY A 283 11.42 -60.91 26.06
CA GLY A 283 10.05 -60.71 25.66
C GLY A 283 9.08 -61.12 26.80
N CYS A 284 7.82 -61.25 26.47
CA CYS A 284 6.76 -61.54 27.43
C CYS A 284 6.11 -62.83 27.04
N PHE A 285 5.70 -63.63 28.02
CA PHE A 285 4.91 -64.84 27.76
C PHE A 285 3.77 -64.84 28.76
N LEU A 286 2.55 -64.77 28.25
CA LEU A 286 1.37 -64.74 29.12
C LEU A 286 0.63 -66.03 28.96
N LEU A 287 0.36 -66.71 30.08
CA LEU A 287 -0.42 -67.96 30.02
C LEU A 287 -1.55 -67.86 31.01
N MET A 288 -2.71 -68.28 30.53
CA MET A 288 -3.93 -68.26 31.33
C MET A 288 -4.45 -69.69 31.45
N ASN A 289 -4.69 -70.10 32.69
CA ASN A 289 -5.32 -71.38 32.93
C ASN A 289 -6.77 -71.25 32.42
N VAL A 290 -7.14 -72.03 31.39
CA VAL A 290 -8.50 -72.01 30.87
C VAL A 290 -9.39 -73.18 31.36
N GLY A 291 -8.78 -74.15 32.04
CA GLY A 291 -9.49 -75.18 32.74
C GLY A 291 -9.35 -76.51 32.04
N GLU A 292 -10.33 -77.38 32.28
CA GLU A 292 -10.21 -78.82 32.00
C GLU A 292 -10.53 -79.13 30.56
N GLU A 293 -11.12 -78.15 29.88
CA GLU A 293 -11.42 -78.27 28.47
C GLU A 293 -10.59 -77.26 27.68
N ALA A 294 -9.92 -77.77 26.65
CA ALA A 294 -9.18 -76.95 25.70
C ALA A 294 -10.03 -75.78 25.11
N ARG A 295 -9.39 -74.61 24.90
CA ARG A 295 -10.02 -73.48 24.24
C ARG A 295 -9.16 -73.11 23.06
N PHE A 296 -9.77 -72.93 21.90
CA PHE A 296 -9.04 -72.55 20.67
C PHE A 296 -9.28 -71.09 20.35
N SER A 297 -8.44 -70.52 19.49
CA SER A 297 -8.33 -69.06 19.37
C SER A 297 -8.70 -68.48 18.03
N LYS A 298 -9.35 -67.31 18.06
CA LYS A 298 -9.74 -66.60 16.84
C LYS A 298 -8.72 -65.52 16.49
N HIS A 299 -7.66 -65.44 17.28
CA HIS A 299 -6.75 -64.30 17.23
C HIS A 299 -5.30 -64.68 17.08
N GLY A 300 -5.02 -65.91 16.67
CA GLY A 300 -3.65 -66.37 16.52
C GLY A 300 -2.97 -66.88 17.79
N LEU A 301 -3.60 -66.69 18.96
CA LEU A 301 -3.05 -67.14 20.24
C LEU A 301 -2.90 -68.64 20.26
N LEU A 302 -1.93 -69.15 21.02
CA LEU A 302 -1.63 -70.59 21.01
C LEU A 302 -2.45 -71.31 22.06
N SER A 303 -2.98 -72.49 21.72
CA SER A 303 -3.66 -73.31 22.74
C SER A 303 -2.70 -74.40 23.15
N THR A 304 -2.57 -74.63 24.44
CA THR A 304 -1.53 -75.52 24.90
C THR A 304 -1.90 -76.18 26.24
N VAL A 305 -1.09 -77.14 26.66
CA VAL A 305 -1.30 -77.83 27.92
C VAL A 305 -0.75 -76.91 28.99
N GLY A 306 -1.53 -76.72 30.05
CA GLY A 306 -1.10 -75.96 31.21
C GLY A 306 -0.29 -76.88 32.12
N PHE A 307 -0.92 -77.94 32.59
CA PHE A 307 -0.25 -78.98 33.37
C PHE A 307 -1.18 -80.22 33.65
N GLN A 308 -0.56 -81.36 33.93
CA GLN A 308 -1.23 -82.59 34.34
C GLN A 308 -0.40 -83.26 35.44
N VAL A 309 -0.89 -83.20 36.68
CA VAL A 309 -0.24 -83.88 37.82
C VAL A 309 -0.68 -85.35 37.91
N GLY A 310 0.08 -86.27 37.32
CA GLY A 310 -0.20 -87.70 37.39
C GLY A 310 -0.57 -88.32 36.06
N ARG A 311 -0.18 -89.58 35.87
CA ARG A 311 -0.83 -90.47 34.92
C ARG A 311 -2.34 -90.35 35.15
N ASP A 312 -3.06 -90.02 34.07
CA ASP A 312 -4.47 -89.61 34.17
C ASP A 312 -4.92 -89.08 35.56
N GLY A 313 -4.18 -88.10 36.06
CA GLY A 313 -4.73 -87.01 36.84
C GLY A 313 -5.36 -86.01 35.87
N PRO A 314 -6.04 -84.99 36.38
CA PRO A 314 -6.73 -84.09 35.47
C PRO A 314 -5.76 -83.17 34.69
N CYS A 315 -5.99 -83.07 33.40
CA CYS A 315 -5.22 -82.17 32.58
C CYS A 315 -5.93 -80.82 32.47
N TYR A 316 -5.26 -79.77 32.93
CA TYR A 316 -5.74 -78.41 32.80
C TYR A 316 -5.06 -77.77 31.60
N TYR A 317 -5.82 -77.02 30.81
CA TYR A 317 -5.30 -76.37 29.59
C TYR A 317 -5.05 -74.90 29.78
N ALA A 318 -4.40 -74.33 28.77
CA ALA A 318 -4.09 -72.94 28.79
C ALA A 318 -4.13 -72.34 27.42
N LEU A 319 -4.40 -71.03 27.41
CA LEU A 319 -4.12 -70.16 26.25
C LEU A 319 -2.78 -69.42 26.51
N GLU A 320 -2.02 -69.21 25.44
CA GLU A 320 -0.68 -68.57 25.53
C GLU A 320 -0.49 -67.44 24.53
N GLY A 321 0.07 -66.33 24.99
CA GLY A 321 0.43 -65.20 24.13
C GLY A 321 1.78 -64.62 24.51
N ALA A 322 2.41 -63.95 23.55
CA ALA A 322 3.77 -63.42 23.64
C ALA A 322 3.93 -61.99 23.09
N ILE A 323 4.95 -61.30 23.57
CA ILE A 323 5.47 -60.21 22.74
C ILE A 323 7.00 -60.37 22.66
N ALA A 324 7.53 -60.02 21.51
CA ALA A 324 8.94 -60.24 21.21
C ALA A 324 9.89 -59.31 21.99
N CYS A 325 9.51 -58.05 22.19
CA CYS A 325 10.46 -57.07 22.69
C CYS A 325 9.94 -56.32 23.91
N ALA A 326 10.20 -56.89 25.09
CA ALA A 326 9.84 -56.23 26.33
C ALA A 326 11.11 -55.82 27.00
N GLY A 327 11.75 -56.71 27.75
CA GLY A 327 13.05 -56.37 28.33
C GLY A 327 14.04 -55.99 27.23
N ALA A 328 13.89 -56.56 26.04
CA ALA A 328 14.79 -56.17 24.94
C ALA A 328 14.67 -54.67 24.58
N THR A 329 13.46 -54.16 24.54
CA THR A 329 13.23 -52.75 24.31
C THR A 329 13.92 -51.90 25.37
N VAL A 330 13.82 -52.30 26.64
CA VAL A 330 14.48 -51.51 27.72
C VAL A 330 16.01 -51.50 27.53
N GLU A 331 16.57 -52.65 27.24
CA GLU A 331 17.99 -52.78 27.03
C GLU A 331 18.37 -51.99 25.74
N TRP A 332 17.56 -52.07 24.69
CA TRP A 332 17.82 -51.32 23.46
C TRP A 332 17.88 -49.83 23.76
N MET A 333 16.98 -49.31 24.59
CA MET A 333 16.95 -47.87 24.78
C MET A 333 18.31 -47.41 25.35
N ARG A 334 18.89 -48.28 26.15
CA ARG A 334 20.10 -47.96 26.84
C ARG A 334 21.31 -48.23 25.99
N ARG A 335 21.49 -49.48 25.60
CA ARG A 335 22.71 -49.84 24.90
C ARG A 335 22.77 -49.37 23.47
N ASN A 336 21.63 -49.32 22.79
CA ASN A 336 21.61 -48.84 21.40
C ASN A 336 21.43 -47.39 21.26
N MET A 337 20.68 -46.79 22.21
CA MET A 337 20.28 -45.43 22.11
C MET A 337 20.85 -44.48 23.16
N ASN A 338 21.53 -44.95 24.20
CA ASN A 338 22.07 -44.06 25.21
C ASN A 338 21.03 -43.20 25.97
N LEU A 339 19.81 -43.69 26.12
CA LEU A 339 18.76 -42.90 26.82
C LEU A 339 18.87 -42.94 28.35
N PHE A 340 19.63 -43.88 28.89
CA PHE A 340 19.89 -43.94 30.33
C PHE A 340 21.06 -44.86 30.54
N SER A 341 21.69 -44.84 31.72
CA SER A 341 22.81 -45.80 32.01
C SER A 341 22.45 -46.85 33.02
N HIS A 342 22.11 -46.48 34.26
CA HIS A 342 21.83 -47.56 35.26
C HIS A 342 20.36 -48.03 35.10
N ILE A 343 20.08 -49.33 35.23
CA ILE A 343 18.73 -49.86 35.07
C ILE A 343 17.59 -49.17 35.84
N THR A 344 17.87 -48.49 36.97
CA THR A 344 16.80 -47.86 37.75
C THR A 344 16.40 -46.56 37.13
N GLU A 345 17.28 -45.95 36.35
CA GLU A 345 16.99 -44.70 35.67
C GLU A 345 15.80 -44.87 34.73
N CYS A 346 15.61 -46.10 34.25
CA CYS A 346 14.51 -46.38 33.34
C CYS A 346 13.20 -45.98 33.97
N GLU A 347 12.92 -46.56 35.12
CA GLU A 347 11.73 -46.21 35.88
C GLU A 347 11.75 -44.73 36.35
N LYS A 348 12.85 -44.24 36.93
CA LYS A 348 12.87 -42.85 37.40
C LYS A 348 12.54 -41.89 36.26
N LEU A 349 13.21 -42.01 35.10
CA LEU A 349 12.88 -41.14 33.97
C LEU A 349 11.42 -41.22 33.60
N ALA A 350 10.85 -42.41 33.48
CA ALA A 350 9.44 -42.50 33.02
C ALA A 350 8.47 -41.90 34.03
N ARG A 351 8.77 -41.99 35.32
CA ARG A 351 7.90 -41.37 36.34
C ARG A 351 8.16 -39.86 36.44
N SER A 352 9.32 -39.38 35.99
CA SER A 352 9.59 -37.91 36.00
C SER A 352 8.67 -37.12 35.08
N VAL A 353 7.85 -37.74 34.25
CA VAL A 353 6.91 -36.97 33.44
C VAL A 353 5.51 -37.48 33.67
N PRO A 354 4.51 -36.59 33.51
CA PRO A 354 3.09 -36.89 33.73
C PRO A 354 2.48 -37.92 32.74
N GLY A 355 2.94 -37.92 31.53
CA GLY A 355 2.48 -38.92 30.57
C GLY A 355 3.45 -38.90 29.40
N THR A 356 2.96 -39.35 28.25
CA THR A 356 3.75 -39.33 27.06
C THR A 356 3.42 -38.14 26.21
N GLN A 357 2.42 -37.40 26.66
CA GLN A 357 2.06 -36.10 26.14
C GLN A 357 2.03 -36.08 24.65
N GLY A 358 1.31 -37.02 24.06
CA GLY A 358 1.03 -36.96 22.64
C GLY A 358 1.71 -38.07 21.85
N ILE A 359 2.86 -38.57 22.32
CA ILE A 359 3.61 -39.58 21.50
C ILE A 359 3.27 -41.03 21.81
N VAL A 360 3.41 -41.87 20.79
CA VAL A 360 3.40 -43.31 21.00
C VAL A 360 4.65 -43.93 20.40
N PHE A 361 5.17 -44.88 21.14
CA PHE A 361 6.30 -45.66 20.76
C PHE A 361 5.86 -47.11 20.64
N VAL A 362 5.74 -47.59 19.42
CA VAL A 362 5.44 -48.96 19.16
C VAL A 362 6.72 -49.76 18.92
N PRO A 363 7.18 -50.51 19.94
CA PRO A 363 8.51 -51.15 19.82
C PRO A 363 8.52 -52.52 19.15
N ALA A 364 7.94 -52.59 17.96
CA ALA A 364 7.86 -53.82 17.21
C ALA A 364 9.10 -54.03 16.35
N PHE A 365 10.25 -54.09 17.02
CA PHE A 365 11.52 -54.17 16.32
C PHE A 365 11.67 -55.38 15.46
N SER A 366 11.05 -56.46 15.90
CA SER A 366 11.05 -57.70 15.17
C SER A 366 9.61 -58.12 14.90
N GLY A 367 8.72 -57.14 14.84
CA GLY A 367 7.37 -57.35 14.33
C GLY A 367 6.36 -57.52 15.39
N LEU A 368 5.11 -57.67 14.96
CA LEU A 368 4.04 -57.85 15.94
C LEU A 368 3.63 -59.31 15.90
N LEU A 369 3.30 -59.80 17.09
CA LEU A 369 2.95 -61.18 17.36
C LEU A 369 1.51 -61.14 17.74
N ALA A 370 1.16 -62.05 18.64
CA ALA A 370 0.15 -61.78 19.63
C ALA A 370 -1.00 -61.86 18.70
N PRO A 371 -2.09 -61.06 18.93
CA PRO A 371 -3.29 -61.11 18.06
C PRO A 371 -3.35 -60.18 16.85
N TYR A 372 -2.22 -59.58 16.45
CA TYR A 372 -2.13 -58.84 15.17
C TYR A 372 -0.83 -59.21 14.58
N TRP A 373 -0.62 -60.50 14.37
CA TRP A 373 0.66 -60.95 13.87
C TRP A 373 0.94 -60.22 12.55
N ASP A 374 2.06 -59.51 12.53
CA ASP A 374 2.47 -58.78 11.36
C ASP A 374 3.97 -58.61 11.44
N PRO A 375 4.71 -59.39 10.64
CA PRO A 375 6.14 -59.37 10.61
C PRO A 375 6.67 -58.16 9.83
N SER A 376 5.80 -57.42 9.17
CA SER A 376 6.25 -56.20 8.48
C SER A 376 6.33 -55.00 9.43
N ALA A 377 5.72 -55.08 10.63
CA ALA A 377 5.76 -53.96 11.57
C ALA A 377 7.17 -53.80 12.12
N ARG A 378 7.57 -52.53 12.31
CA ARG A 378 8.93 -52.22 12.74
C ARG A 378 8.86 -51.24 13.89
N GLY A 379 9.97 -51.03 14.58
CA GLY A 379 9.92 -50.05 15.67
C GLY A 379 9.53 -48.67 15.15
N THR A 380 8.59 -48.01 15.82
CA THR A 380 8.08 -46.73 15.35
C THR A 380 7.64 -45.74 16.43
N ILE A 381 7.89 -44.46 16.18
CA ILE A 381 7.53 -43.41 17.11
C ILE A 381 6.79 -42.34 16.33
N VAL A 382 5.62 -41.95 16.84
CA VAL A 382 4.79 -40.96 16.15
C VAL A 382 4.49 -39.84 17.14
N GLY A 383 4.28 -38.64 16.62
CA GLY A 383 3.74 -37.53 17.40
C GLY A 383 4.71 -36.71 18.20
N MET A 384 6.01 -36.81 17.93
CA MET A 384 6.96 -36.05 18.72
C MET A 384 6.94 -34.54 18.35
N THR A 385 7.32 -33.72 19.34
CA THR A 385 7.52 -32.34 19.20
C THR A 385 8.88 -32.03 19.81
N LEU A 386 9.27 -30.76 19.71
CA LEU A 386 10.49 -30.28 20.30
C LEU A 386 10.46 -30.33 21.82
N LYS A 387 9.28 -30.58 22.38
CA LYS A 387 9.13 -30.79 23.84
C LYS A 387 9.34 -32.25 24.27
N THR A 388 9.26 -33.18 23.33
CA THR A 388 9.48 -34.55 23.69
C THR A 388 10.93 -34.75 24.13
N THR A 389 11.08 -35.47 25.22
CA THR A 389 12.40 -35.82 25.74
C THR A 389 12.45 -37.36 25.81
N ARG A 390 13.65 -37.88 25.99
CA ARG A 390 13.83 -39.30 26.36
C ARG A 390 12.92 -39.84 27.47
N ALA A 391 12.57 -38.98 28.44
CA ALA A 391 11.70 -39.44 29.54
C ALA A 391 10.32 -39.85 28.96
N HIS A 392 9.82 -39.08 28.00
CA HIS A 392 8.57 -39.43 27.34
C HIS A 392 8.74 -40.70 26.53
N VAL A 393 9.91 -40.88 25.91
CA VAL A 393 10.10 -42.03 25.02
C VAL A 393 10.19 -43.29 25.84
N ILE A 394 10.88 -43.25 26.97
CA ILE A 394 10.95 -44.37 27.90
C ILE A 394 9.57 -44.76 28.44
N ARG A 395 8.82 -43.79 28.93
CA ARG A 395 7.47 -44.04 29.40
C ARG A 395 6.62 -44.67 28.36
N ALA A 396 6.71 -44.13 27.15
CA ALA A 396 5.94 -44.61 26.04
C ALA A 396 6.22 -46.07 25.81
N ALA A 397 7.47 -46.44 25.91
CA ALA A 397 7.87 -47.83 25.67
C ALA A 397 7.23 -48.73 26.69
N LEU A 398 7.16 -48.31 27.96
CA LEU A 398 6.50 -49.08 29.02
C LEU A 398 4.99 -49.15 28.83
N GLN A 399 4.40 -48.04 28.42
CA GLN A 399 2.97 -48.06 28.10
C GLN A 399 2.72 -49.04 27.02
N ALA A 400 3.57 -49.03 26.00
CA ALA A 400 3.37 -49.90 24.84
C ALA A 400 3.49 -51.43 25.13
N ILE A 401 4.43 -51.82 25.97
CA ILE A 401 4.48 -53.21 26.43
C ILE A 401 3.14 -53.57 27.09
N ALA A 402 2.65 -52.72 27.98
CA ALA A 402 1.39 -52.99 28.70
C ALA A 402 0.16 -52.98 27.81
N LEU A 403 0.16 -52.11 26.82
CA LEU A 403 -0.90 -52.04 25.83
C LEU A 403 -0.92 -53.26 24.94
N GLN A 404 0.24 -53.86 24.72
CA GLN A 404 0.27 -55.09 23.93
C GLN A 404 -0.32 -56.24 24.74
N LEU A 405 0.02 -56.30 26.02
CA LEU A 405 -0.52 -57.30 26.93
C LEU A 405 -2.03 -57.06 27.21
N ASN A 406 -2.49 -55.81 27.21
CA ASN A 406 -3.92 -55.55 27.20
C ASN A 406 -4.61 -56.09 25.97
N ASP A 407 -4.01 -55.93 24.80
CA ASP A 407 -4.55 -56.51 23.57
C ASP A 407 -4.51 -58.03 23.64
N VAL A 408 -3.43 -58.61 24.19
CA VAL A 408 -3.34 -60.06 24.32
C VAL A 408 -4.41 -60.61 25.27
N VAL A 409 -4.52 -60.04 26.46
CA VAL A 409 -5.49 -60.47 27.49
C VAL A 409 -6.96 -60.34 27.03
N GLY A 410 -7.28 -59.25 26.32
CA GLY A 410 -8.59 -59.08 25.70
C GLY A 410 -8.93 -60.24 24.78
N SER A 411 -8.00 -60.56 23.88
CA SER A 411 -8.15 -61.69 22.98
C SER A 411 -8.37 -63.00 23.75
N MET A 412 -7.63 -63.19 24.85
CA MET A 412 -7.77 -64.42 25.64
C MET A 412 -9.13 -64.53 26.32
N LYS A 413 -9.67 -63.40 26.76
CA LYS A 413 -10.98 -63.38 27.35
C LYS A 413 -12.07 -63.89 26.38
N ARG A 414 -12.06 -63.38 25.14
CA ARG A 414 -13.02 -63.82 24.11
C ARG A 414 -12.87 -65.29 23.86
N ASP A 415 -11.64 -65.70 23.59
CA ASP A 415 -11.37 -67.08 23.25
C ASP A 415 -11.78 -68.03 24.39
N ALA A 416 -11.53 -67.63 25.62
CA ALA A 416 -11.69 -68.57 26.71
C ALA A 416 -13.11 -68.52 27.30
N GLY A 417 -13.85 -67.45 27.00
CA GLY A 417 -15.12 -67.19 27.64
C GLY A 417 -15.04 -66.98 29.14
N LEU A 418 -13.86 -66.64 29.66
CA LEU A 418 -13.72 -66.34 31.09
C LEU A 418 -13.12 -64.98 31.29
N ASN A 419 -13.27 -64.50 32.52
CA ASN A 419 -12.55 -63.33 32.98
C ASN A 419 -11.15 -63.71 33.44
N LEU A 420 -10.39 -62.68 33.71
CA LEU A 420 -9.12 -62.83 34.34
C LEU A 420 -9.40 -62.34 35.72
N SER A 421 -9.07 -63.12 36.74
CA SER A 421 -9.31 -62.69 38.12
C SER A 421 -8.16 -61.83 38.67
N SER A 422 -6.94 -62.21 38.33
CA SER A 422 -5.75 -61.45 38.67
C SER A 422 -4.59 -61.96 37.85
N LEU A 423 -3.49 -61.24 37.91
CA LEU A 423 -2.33 -61.58 37.08
C LEU A 423 -1.11 -61.72 37.97
N ARG A 424 -0.52 -62.90 37.95
CA ARG A 424 0.75 -63.07 38.65
C ARG A 424 1.84 -62.65 37.66
N VAL A 425 2.88 -61.99 38.14
CA VAL A 425 3.88 -61.53 37.20
C VAL A 425 5.23 -61.89 37.69
N ASP A 426 6.11 -62.24 36.76
CA ASP A 426 7.50 -62.52 37.04
C ASP A 426 8.39 -62.03 35.86
N GLY A 427 9.69 -62.27 35.98
CA GLY A 427 10.68 -61.69 35.08
C GLY A 427 11.36 -60.52 35.71
N GLY A 428 12.48 -60.10 35.15
CA GLY A 428 13.14 -58.86 35.57
C GLY A 428 12.33 -57.60 35.45
N LEU A 429 11.46 -57.53 34.45
CA LEU A 429 10.68 -56.29 34.26
C LEU A 429 9.54 -56.11 35.26
N SER A 430 9.11 -57.18 35.91
CA SER A 430 8.12 -57.05 36.96
C SER A 430 8.67 -56.22 38.14
N LYS A 431 9.99 -56.04 38.25
CA LYS A 431 10.51 -55.14 39.26
C LYS A 431 10.33 -53.67 38.90
N ASN A 432 9.73 -53.38 37.74
CA ASN A 432 9.44 -52.01 37.35
C ASN A 432 8.05 -51.64 37.89
N GLY A 433 8.03 -50.95 39.02
CA GLY A 433 6.78 -50.60 39.69
C GLY A 433 5.85 -49.84 38.78
N LEU A 434 6.34 -48.82 38.09
CA LEU A 434 5.50 -48.07 37.10
C LEU A 434 4.84 -48.94 36.06
N LEU A 435 5.59 -49.91 35.54
CA LEU A 435 5.06 -50.73 34.45
C LEU A 435 3.94 -51.62 35.02
N MET A 436 4.16 -52.15 36.22
CA MET A 436 3.08 -52.92 36.87
C MET A 436 1.82 -52.04 37.12
N GLU A 437 2.00 -50.81 37.58
CA GLU A 437 0.84 -49.93 37.82
C GLU A 437 0.04 -49.63 36.61
N ILE A 438 0.73 -49.42 35.49
CA ILE A 438 0.04 -49.18 34.22
C ILE A 438 -0.62 -50.43 33.72
N GLN A 439 0.05 -51.56 33.86
CA GLN A 439 -0.53 -52.78 33.40
C GLN A 439 -1.80 -53.05 34.20
N ALA A 440 -1.74 -52.86 35.51
CA ALA A 440 -2.89 -53.13 36.39
C ALA A 440 -4.05 -52.22 35.93
N SER A 441 -3.77 -50.93 35.81
CA SER A 441 -4.77 -49.93 35.35
C SER A 441 -5.42 -50.30 34.06
N LEU A 442 -4.67 -50.87 33.12
CA LEU A 442 -5.24 -51.27 31.83
C LEU A 442 -6.05 -52.56 31.93
N LEU A 443 -5.70 -53.46 32.85
CA LEU A 443 -6.42 -54.71 32.95
C LEU A 443 -7.59 -54.63 33.91
N GLY A 444 -7.59 -53.63 34.79
CA GLY A 444 -8.58 -53.56 35.87
C GLY A 444 -8.55 -54.69 36.88
N VAL A 445 -7.43 -55.41 36.93
CA VAL A 445 -7.25 -56.48 37.90
C VAL A 445 -6.03 -56.21 38.77
N ASP A 446 -5.95 -56.90 39.90
CA ASP A 446 -4.76 -56.89 40.74
C ASP A 446 -3.61 -57.64 40.04
N ILE A 447 -2.39 -57.18 40.28
CA ILE A 447 -1.22 -57.81 39.78
C ILE A 447 -0.44 -58.21 40.98
N LEU A 448 -0.05 -59.48 41.01
CA LEU A 448 0.61 -60.06 42.15
C LEU A 448 2.10 -60.34 41.87
N VAL A 449 2.98 -59.72 42.65
CA VAL A 449 4.42 -59.85 42.46
C VAL A 449 4.98 -60.65 43.63
N PRO A 450 5.40 -61.90 43.40
CA PRO A 450 5.98 -62.75 44.46
C PRO A 450 7.42 -62.35 44.79
N SER A 451 7.76 -62.39 46.07
CA SER A 451 9.14 -62.04 46.47
C SER A 451 10.03 -63.25 46.24
N MET A 452 9.56 -64.46 46.54
CA MET A 452 10.21 -65.65 45.99
C MET A 452 9.81 -65.75 44.50
N HIS A 453 10.74 -65.33 43.67
CA HIS A 453 10.47 -65.00 42.26
C HIS A 453 10.92 -66.13 41.34
N GLU A 454 11.49 -67.18 41.95
CA GLU A 454 12.09 -68.33 41.27
C GLU A 454 10.99 -69.30 40.87
N THR A 455 9.95 -68.72 40.26
CA THR A 455 8.71 -69.42 39.95
C THR A 455 8.83 -70.52 38.95
N THR A 456 9.66 -70.33 37.94
CA THR A 456 9.91 -71.37 36.92
C THR A 456 10.55 -72.61 37.56
N ALA A 457 11.63 -72.38 38.28
CA ALA A 457 12.33 -73.46 38.92
C ALA A 457 11.36 -74.10 39.98
N LEU A 458 10.65 -73.29 40.75
CA LEU A 458 9.66 -73.84 41.70
C LEU A 458 8.70 -74.79 41.01
N GLY A 459 8.11 -74.34 39.93
CA GLY A 459 7.24 -75.24 39.19
C GLY A 459 7.70 -76.69 39.12
N ALA A 460 8.94 -76.90 38.72
CA ALA A 460 9.39 -78.24 38.42
C ALA A 460 9.56 -79.00 39.73
N ALA A 461 10.03 -78.30 40.75
CA ALA A 461 10.20 -78.78 42.10
C ALA A 461 8.84 -79.25 42.65
N LEU A 462 7.80 -78.44 42.46
CA LEU A 462 6.41 -78.81 42.82
C LEU A 462 5.98 -80.11 42.16
N CYS A 463 6.13 -80.20 40.83
CA CYS A 463 5.78 -81.43 40.13
C CYS A 463 6.49 -82.68 40.66
N ALA A 464 7.73 -82.53 41.11
CA ALA A 464 8.49 -83.70 41.51
C ALA A 464 8.22 -84.00 42.98
N GLY A 465 8.01 -82.95 43.78
CA GLY A 465 7.59 -83.06 45.15
C GLY A 465 6.27 -83.79 45.32
N LEU A 466 5.30 -83.47 44.44
CA LEU A 466 3.99 -84.06 44.51
C LEU A 466 4.07 -85.52 44.18
N ALA A 467 4.76 -85.89 43.10
CA ALA A 467 4.93 -87.30 42.73
C ALA A 467 5.70 -88.13 43.81
N ALA A 468 6.41 -87.48 44.71
CA ALA A 468 7.21 -88.16 45.70
C ALA A 468 6.62 -87.93 47.09
N GLY A 469 5.44 -87.34 47.18
CA GLY A 469 4.81 -87.10 48.47
C GLY A 469 5.68 -86.31 49.44
N VAL A 470 6.40 -85.31 48.92
CA VAL A 470 6.93 -84.21 49.73
C VAL A 470 5.77 -83.26 50.07
N TRP A 471 4.85 -83.10 49.12
CA TRP A 471 3.59 -82.38 49.34
C TRP A 471 2.49 -83.31 48.81
N THR A 472 1.31 -83.24 49.41
CA THR A 472 0.28 -84.26 49.20
C THR A 472 -0.86 -83.81 48.26
N SER A 473 -1.07 -82.50 48.14
CA SER A 473 -2.03 -81.97 47.19
C SER A 473 -1.76 -80.49 46.86
N LEU A 474 -2.48 -80.00 45.85
CA LEU A 474 -2.35 -78.60 45.44
C LEU A 474 -2.74 -77.60 46.53
N GLU A 475 -3.63 -78.03 47.43
CA GLU A 475 -4.09 -77.16 48.50
C GLU A 475 -3.02 -77.07 49.57
N GLU A 476 -2.35 -78.19 49.83
CA GLU A 476 -1.17 -78.18 50.71
C GLU A 476 -0.06 -77.24 50.12
N VAL A 477 0.21 -77.43 48.83
CA VAL A 477 1.15 -76.55 48.13
C VAL A 477 0.86 -75.08 48.36
N LYS A 478 -0.39 -74.63 48.19
CA LYS A 478 -0.70 -73.19 48.25
C LYS A 478 -0.59 -72.64 49.63
N ALA A 479 -1.07 -73.42 50.62
CA ALA A 479 -1.05 -72.96 52.01
C ALA A 479 0.39 -72.77 52.46
N VAL A 480 1.25 -73.75 52.13
CA VAL A 480 2.71 -73.60 52.39
C VAL A 480 3.17 -72.29 51.75
N SER A 481 2.86 -72.14 50.48
CA SER A 481 3.17 -70.90 49.75
C SER A 481 2.63 -69.67 50.45
N ARG A 482 1.33 -69.66 50.74
CA ARG A 482 0.67 -68.47 51.30
C ARG A 482 1.28 -68.11 52.65
N ARG A 483 1.71 -69.13 53.40
CA ARG A 483 2.37 -68.89 54.69
C ARG A 483 3.86 -68.52 54.62
N GLU A 484 4.59 -69.06 53.63
CA GLU A 484 6.06 -68.93 53.59
C GLU A 484 6.60 -67.86 52.63
N ASN A 485 5.91 -67.64 51.52
CA ASN A 485 6.40 -66.74 50.46
C ASN A 485 5.36 -65.64 50.16
N SER A 486 5.66 -64.40 50.52
CA SER A 486 4.69 -63.30 50.37
C SER A 486 4.62 -62.73 48.97
N TRP A 487 3.64 -61.84 48.76
CA TRP A 487 3.41 -61.16 47.48
C TRP A 487 3.43 -59.63 47.66
N LYS A 488 3.73 -58.88 46.62
CA LYS A 488 3.38 -57.45 46.58
C LYS A 488 2.12 -57.42 45.74
N THR A 489 1.13 -56.60 46.09
CA THR A 489 -0.06 -56.51 45.23
C THR A 489 -0.13 -55.13 44.64
N VAL A 490 -0.56 -55.01 43.39
CA VAL A 490 -0.58 -53.71 42.72
C VAL A 490 -1.93 -53.56 42.12
N SER A 491 -2.69 -52.59 42.63
CA SER A 491 -4.10 -52.43 42.24
C SER A 491 -4.21 -51.50 41.07
N PRO A 492 -5.26 -51.65 40.24
CA PRO A 492 -5.50 -50.68 39.18
C PRO A 492 -5.82 -49.32 39.74
N SER A 493 -5.81 -48.28 38.89
CA SER A 493 -6.10 -46.91 39.32
C SER A 493 -6.30 -45.91 38.17
N GLY A 494 -6.70 -46.39 37.00
CA GLY A 494 -7.00 -45.49 35.88
C GLY A 494 -8.37 -44.81 35.96
N SER A 495 -8.68 -44.00 34.97
CA SER A 495 -10.04 -43.60 34.66
C SER A 495 -10.41 -44.31 33.38
N ALA A 496 -11.64 -44.77 33.27
CA ALA A 496 -12.09 -45.42 32.03
C ALA A 496 -11.73 -44.52 30.84
N MET A 497 -11.49 -43.23 31.15
CA MET A 497 -11.14 -42.22 30.17
C MET A 497 -9.65 -42.18 29.83
N GLU A 498 -8.78 -42.15 30.83
CA GLU A 498 -7.35 -42.33 30.56
C GLU A 498 -7.23 -43.55 29.63
N ARG A 499 -7.77 -44.67 30.10
CA ARG A 499 -7.73 -45.96 29.40
C ARG A 499 -8.23 -45.98 27.94
N GLU A 500 -9.38 -45.36 27.67
CA GLU A 500 -9.93 -45.32 26.30
C GLU A 500 -9.09 -44.44 25.39
N ALA A 501 -8.57 -43.35 25.96
CA ALA A 501 -7.76 -42.40 25.21
C ALA A 501 -6.48 -43.11 24.80
N MET A 502 -5.77 -43.65 25.80
CA MET A 502 -4.54 -44.42 25.58
C MET A 502 -4.70 -45.45 24.45
N ILE A 503 -5.79 -46.20 24.48
CA ILE A 503 -5.99 -47.27 23.52
C ILE A 503 -6.23 -46.66 22.18
N ALA A 504 -7.01 -45.56 22.14
CA ALA A 504 -7.37 -44.93 20.85
C ALA A 504 -6.13 -44.40 20.12
N GLU A 505 -5.28 -43.72 20.90
CA GLU A 505 -3.96 -43.27 20.48
C GLU A 505 -3.15 -44.47 20.01
N TRP A 506 -3.16 -45.49 20.85
CA TRP A 506 -2.42 -46.72 20.60
C TRP A 506 -2.87 -47.37 19.29
N ARG A 507 -4.16 -47.50 19.06
CA ARG A 507 -4.64 -48.13 17.83
C ARG A 507 -4.36 -47.27 16.60
N GLU A 508 -4.34 -45.94 16.76
CA GLU A 508 -3.98 -45.10 15.62
C GLU A 508 -2.48 -45.32 15.25
N ALA A 509 -1.63 -45.42 16.26
CA ALA A 509 -0.20 -45.50 15.96
C ALA A 509 0.10 -46.79 15.25
N LEU A 510 -0.62 -47.85 15.62
CA LEU A 510 -0.41 -49.16 14.99
C LEU A 510 -0.61 -49.14 13.50
N LYS A 511 -1.49 -48.26 12.98
CA LYS A 511 -1.70 -48.24 11.53
C LYS A 511 -0.42 -47.77 10.79
N ARG A 512 0.49 -47.12 11.54
CA ARG A 512 1.69 -46.49 10.96
C ARG A 512 2.98 -47.34 11.01
N THR A 513 2.88 -48.57 11.51
CA THR A 513 4.05 -49.34 11.85
C THR A 513 4.55 -50.23 10.72
N LYS A 514 3.75 -50.39 9.69
CA LYS A 514 4.09 -51.35 8.59
C LYS A 514 5.18 -50.76 7.74
N TRP A 515 6.23 -51.55 7.51
CA TRP A 515 7.44 -51.06 6.86
C TRP A 515 8.23 -52.09 6.02
N ALA A 516 8.67 -53.21 6.60
CA ALA A 516 9.52 -54.20 5.88
C ALA A 516 8.81 -54.97 4.72
N LYS A 517 9.55 -55.28 3.64
CA LYS A 517 9.01 -55.79 2.34
C LYS A 517 8.00 -54.83 1.71
N PHE B 5 44.01 3.99 -4.91
CA PHE B 5 45.19 4.57 -4.22
C PHE B 5 45.53 3.94 -2.81
N THR B 6 44.64 4.04 -1.81
CA THR B 6 45.03 3.77 -0.40
C THR B 6 44.50 2.55 0.32
N MET B 7 43.36 2.01 -0.06
CA MET B 7 42.79 0.80 0.71
C MET B 7 41.35 1.11 1.18
N LYS B 8 40.41 0.39 0.63
CA LYS B 8 39.02 0.73 0.87
C LYS B 8 38.30 -0.27 1.82
N TYR B 9 37.31 0.26 2.52
CA TYR B 9 36.56 -0.44 3.52
C TYR B 9 35.09 -0.05 3.42
N VAL B 10 34.24 -1.05 3.67
CA VAL B 10 32.79 -1.00 3.53
C VAL B 10 32.25 -1.65 4.82
N GLY B 11 31.25 -1.02 5.41
CA GLY B 11 30.63 -1.46 6.67
C GLY B 11 29.31 -2.10 6.37
N SER B 12 28.95 -3.10 7.16
CA SER B 12 27.68 -3.75 7.00
C SER B 12 26.96 -3.89 8.35
N ILE B 13 25.76 -3.32 8.42
CA ILE B 13 24.94 -3.45 9.60
C ILE B 13 24.05 -4.65 9.39
N ASP B 14 24.17 -5.66 10.25
CA ASP B 14 23.48 -6.94 10.14
C ASP B 14 22.46 -7.00 11.30
N GLN B 15 21.22 -6.56 11.06
CA GLN B 15 20.26 -6.36 12.13
C GLN B 15 19.39 -7.55 12.17
N GLY B 16 19.72 -8.53 13.02
CA GLY B 16 19.07 -9.83 13.09
C GLY B 16 17.92 -9.91 14.16
N THR B 17 17.27 -11.06 14.24
CA THR B 17 16.15 -11.27 15.16
C THR B 17 16.54 -11.10 16.65
N THR B 18 17.74 -11.56 17.01
CA THR B 18 18.21 -11.54 18.40
C THR B 18 19.42 -10.67 18.64
N SER B 19 20.10 -10.24 17.60
CA SER B 19 21.14 -9.23 17.76
C SER B 19 21.47 -8.44 16.51
N THR B 20 22.17 -7.35 16.72
CA THR B 20 22.70 -6.51 15.67
C THR B 20 24.21 -6.61 15.68
N ARG B 21 24.79 -6.63 14.47
CA ARG B 21 26.24 -6.52 14.29
C ARG B 21 26.67 -5.51 13.28
N PHE B 22 27.87 -4.99 13.48
CA PHE B 22 28.50 -4.20 12.46
C PHE B 22 29.77 -4.93 12.07
N ILE B 23 29.89 -5.24 10.77
CA ILE B 23 31.11 -5.86 10.19
C ILE B 23 31.69 -4.89 9.19
N ILE B 24 32.97 -4.57 9.38
CA ILE B 24 33.73 -3.88 8.40
C ILE B 24 34.49 -4.90 7.56
N PHE B 25 34.26 -4.84 6.25
CA PHE B 25 35.01 -5.61 5.25
C PHE B 25 35.99 -4.70 4.51
N ASP B 26 37.15 -5.23 4.14
CA ASP B 26 38.08 -4.52 3.27
C ASP B 26 37.74 -4.84 1.78
N GLU B 27 38.54 -4.33 0.85
CA GLU B 27 38.23 -4.46 -0.59
C GLU B 27 38.46 -5.88 -1.06
N ARG B 28 39.14 -6.66 -0.24
CA ARG B 28 39.27 -8.06 -0.53
C ARG B 28 38.11 -8.93 -0.06
N GLN B 29 37.03 -8.31 0.40
CA GLN B 29 35.92 -9.00 1.04
C GLN B 29 36.28 -9.78 2.27
N ARG B 30 37.32 -9.36 2.98
CA ARG B 30 37.70 -9.98 4.26
C ARG B 30 37.07 -9.19 5.42
N PRO B 31 36.46 -9.89 6.39
CA PRO B 31 35.92 -9.17 7.53
C PRO B 31 37.05 -8.80 8.42
N VAL B 32 37.23 -7.51 8.71
CA VAL B 32 38.40 -7.11 9.50
C VAL B 32 38.06 -6.62 10.88
N SER B 33 36.82 -6.25 11.11
CA SER B 33 36.37 -5.87 12.46
C SER B 33 34.90 -6.18 12.64
N VAL B 34 34.55 -6.54 13.87
CA VAL B 34 33.15 -6.74 14.25
C VAL B 34 32.81 -6.34 15.69
N HIS B 35 31.60 -5.85 15.88
CA HIS B 35 31.05 -5.83 17.17
C HIS B 35 29.57 -6.24 17.09
N GLN B 36 29.10 -6.80 18.20
CA GLN B 36 27.77 -7.31 18.32
C GLN B 36 27.07 -6.79 19.61
N VAL B 37 25.79 -6.42 19.47
CA VAL B 37 24.97 -5.96 20.57
C VAL B 37 23.56 -6.53 20.45
N PRO B 38 23.16 -7.37 21.42
CA PRO B 38 21.83 -8.00 21.50
C PRO B 38 20.75 -7.02 21.93
N HIS B 39 19.50 -7.35 21.63
CA HIS B 39 18.39 -6.51 22.07
C HIS B 39 17.30 -7.36 22.70
N THR B 40 16.44 -6.71 23.48
CA THR B 40 15.49 -7.44 24.32
C THR B 40 14.38 -8.07 23.53
N GLN B 41 14.11 -9.32 23.81
CA GLN B 41 13.03 -10.06 23.22
C GLN B 41 11.76 -9.91 24.08
N HIS B 42 10.91 -8.92 23.80
CA HIS B 42 9.62 -8.76 24.55
C HIS B 42 8.49 -9.74 24.15
N THR B 43 7.97 -10.48 25.12
CA THR B 43 6.92 -11.47 24.89
C THR B 43 5.74 -11.18 25.85
N PRO B 44 4.80 -10.31 25.44
CA PRO B 44 3.68 -10.04 26.36
C PRO B 44 2.70 -11.21 26.52
N HIS B 45 2.47 -12.00 25.45
CA HIS B 45 1.54 -13.16 25.51
C HIS B 45 2.16 -14.37 24.77
N PRO B 46 1.65 -15.61 25.00
CA PRO B 46 2.22 -16.74 24.22
C PRO B 46 2.11 -16.58 22.69
N GLY B 47 3.16 -16.95 21.96
CA GLY B 47 3.28 -16.67 20.53
C GLY B 47 3.42 -15.21 20.12
N TRP B 48 3.46 -14.29 21.08
CA TRP B 48 3.73 -12.87 20.76
C TRP B 48 5.23 -12.55 20.92
N LEU B 49 5.78 -11.77 19.96
CA LEU B 49 7.17 -11.29 20.00
C LEU B 49 7.30 -9.93 19.36
N GLU B 50 8.08 -9.08 19.98
CA GLU B 50 8.05 -7.66 19.73
C GLU B 50 9.41 -7.11 20.08
N HIS B 51 9.90 -6.08 19.36
CA HIS B 51 11.20 -5.45 19.66
C HIS B 51 11.03 -3.99 19.81
N ASP B 52 11.97 -3.39 20.52
CA ASP B 52 12.01 -1.99 20.88
C ASP B 52 12.81 -1.30 19.80
N PRO B 53 12.13 -0.49 18.99
CA PRO B 53 12.83 -0.02 17.85
C PRO B 53 13.99 0.85 18.20
N MET B 54 13.91 1.55 19.32
CA MET B 54 14.98 2.53 19.67
C MET B 54 16.19 1.81 20.20
N GLU B 55 15.97 0.71 20.90
CA GLU B 55 17.03 -0.16 21.42
C GLU B 55 17.83 -0.78 20.22
N ILE B 56 17.10 -1.21 19.19
CA ILE B 56 17.71 -1.67 17.96
C ILE B 56 18.53 -0.59 17.26
N PHE B 57 17.99 0.63 17.12
CA PHE B 57 18.73 1.73 16.48
C PHE B 57 20.03 2.07 17.22
N ARG B 58 19.99 2.01 18.55
CA ARG B 58 21.11 2.39 19.38
C ARG B 58 22.16 1.32 19.34
N SER B 59 21.71 0.10 19.16
CA SER B 59 22.61 -1.02 19.06
C SER B 59 23.43 -0.94 17.80
N ALA B 60 22.77 -0.62 16.70
CA ALA B 60 23.43 -0.46 15.41
C ALA B 60 24.51 0.56 15.59
N CYS B 61 24.17 1.68 16.20
CA CYS B 61 25.10 2.80 16.40
C CYS B 61 26.29 2.43 17.27
N LYS B 62 25.98 1.78 18.40
CA LYS B 62 27.00 1.22 19.26
C LYS B 62 27.91 0.24 18.49
N CYS B 63 27.32 -0.75 17.81
CA CYS B 63 28.10 -1.70 16.97
C CYS B 63 29.06 -0.98 16.03
N MET B 64 28.56 0.04 15.33
CA MET B 64 29.42 0.83 14.45
C MET B 64 30.62 1.45 15.19
N SER B 65 30.34 2.20 16.25
CA SER B 65 31.38 2.98 16.93
C SER B 65 32.43 2.11 17.54
N VAL B 66 32.02 0.99 18.10
CA VAL B 66 33.00 0.05 18.64
C VAL B 66 33.81 -0.67 17.54
N ALA B 67 33.12 -1.17 16.54
CA ALA B 67 33.82 -1.93 15.51
C ALA B 67 34.85 -0.95 14.83
N ILE B 68 34.44 0.30 14.63
CA ILE B 68 35.32 1.28 14.04
C ILE B 68 36.49 1.59 14.94
N ALA B 69 36.23 1.84 16.25
CA ALA B 69 37.35 2.08 17.17
C ALA B 69 38.30 0.90 17.23
N LYS B 70 37.78 -0.32 17.26
CA LYS B 70 38.68 -1.47 17.24
C LYS B 70 39.48 -1.50 15.92
N LEU B 71 38.86 -1.20 14.80
CA LEU B 71 39.65 -1.30 13.56
C LEU B 71 40.78 -0.28 13.57
N ARG B 72 40.52 0.91 14.03
CA ARG B 72 41.62 1.91 13.98
C ARG B 72 42.78 1.71 14.99
N GLN B 73 42.59 0.91 16.02
CA GLN B 73 43.70 0.46 16.86
C GLN B 73 44.53 -0.61 16.16
N LYS B 74 43.90 -1.49 15.37
CA LYS B 74 44.63 -2.65 14.82
C LYS B 74 45.05 -2.55 13.31
N ASP B 75 44.75 -1.43 12.67
CA ASP B 75 44.91 -1.28 11.22
C ASP B 75 45.30 0.15 10.98
N ALA B 76 46.59 0.37 10.81
CA ALA B 76 47.09 1.71 10.55
C ALA B 76 46.78 2.20 9.14
N SER B 77 46.28 1.35 8.26
CA SER B 77 45.89 1.80 6.91
C SER B 77 44.40 2.13 6.82
N PHE B 78 43.68 1.98 7.93
CA PHE B 78 42.23 2.26 7.92
C PHE B 78 41.98 3.72 8.17
N ARG B 79 41.36 4.39 7.21
CA ARG B 79 41.05 5.80 7.37
C ARG B 79 39.55 6.03 7.59
N LYS B 80 38.73 5.44 6.73
CA LYS B 80 37.31 5.71 6.76
C LYS B 80 36.57 4.56 6.09
N ILE B 81 35.27 4.54 6.26
CA ILE B 81 34.38 3.61 5.60
C ILE B 81 33.83 4.31 4.38
N GLU B 82 33.99 3.67 3.23
CA GLU B 82 33.61 4.24 1.98
C GLU B 82 32.07 4.24 1.84
N ALA B 83 31.39 3.25 2.40
CA ALA B 83 29.93 3.23 2.53
C ALA B 83 29.40 2.14 3.46
N ILE B 84 28.13 2.28 3.81
CA ILE B 84 27.46 1.35 4.73
C ILE B 84 26.34 0.66 3.98
N GLY B 85 26.25 -0.66 4.15
CA GLY B 85 25.09 -1.43 3.70
C GLY B 85 24.30 -1.84 4.93
N ILE B 86 22.99 -2.00 4.78
CA ILE B 86 22.14 -2.53 5.80
C ILE B 86 21.53 -3.86 5.33
N THR B 87 21.57 -4.91 6.18
CA THR B 87 20.77 -6.12 5.99
C THR B 87 20.05 -6.47 7.31
N ASN B 88 18.87 -7.02 7.17
CA ASN B 88 17.88 -7.00 8.24
C ASN B 88 16.91 -8.18 8.27
N GLN B 89 16.51 -8.54 9.48
CA GLN B 89 15.36 -9.39 9.71
C GLN B 89 14.20 -8.75 8.97
N ARG B 90 13.54 -9.54 8.14
CA ARG B 90 12.51 -9.06 7.30
C ARG B 90 11.16 -9.12 8.06
N GLU B 91 10.12 -8.45 7.51
CA GLU B 91 8.74 -8.61 8.00
C GLU B 91 8.45 -7.92 9.33
N THR B 92 9.39 -7.99 10.27
CA THR B 92 9.34 -7.13 11.42
C THR B 92 8.97 -5.67 11.03
N THR B 93 7.94 -5.14 11.69
CA THR B 93 7.37 -3.86 11.25
C THR B 93 7.39 -2.78 12.31
N VAL B 94 7.78 -1.58 11.90
CA VAL B 94 7.83 -0.46 12.82
C VAL B 94 6.85 0.61 12.42
N ALA B 95 6.26 1.15 13.48
CA ALA B 95 5.34 2.26 13.42
C ALA B 95 5.91 3.37 14.31
N TRP B 96 6.11 4.53 13.69
CA TRP B 96 6.68 5.71 14.32
C TRP B 96 6.00 7.00 13.85
N ASP B 97 6.19 8.05 14.63
CA ASP B 97 5.64 9.38 14.34
C ASP B 97 6.66 10.26 13.58
N ARG B 98 6.26 10.81 12.43
CA ARG B 98 7.02 11.76 11.59
C ARG B 98 7.57 13.02 12.27
N VAL B 99 6.91 13.49 13.35
CA VAL B 99 7.34 14.71 14.04
C VAL B 99 8.09 14.36 15.32
N THR B 100 7.63 13.37 16.12
CA THR B 100 8.39 12.95 17.28
C THR B 100 9.63 12.11 16.95
N LYS B 101 9.73 11.61 15.70
CA LYS B 101 10.84 10.76 15.23
C LYS B 101 11.04 9.47 16.07
N GLU B 102 9.99 9.08 16.79
CA GLU B 102 10.00 8.01 17.81
C GLU B 102 8.91 6.95 17.53
N PRO B 103 9.13 5.71 17.95
CA PRO B 103 8.07 4.74 17.72
C PRO B 103 6.80 4.94 18.58
N LEU B 104 5.67 4.44 18.09
CA LEU B 104 4.42 4.54 18.80
C LEU B 104 4.16 3.31 19.64
N CYS B 105 4.86 2.23 19.32
CA CYS B 105 4.71 1.01 20.07
C CYS B 105 5.87 0.21 19.66
N TYR B 106 6.03 -0.94 20.30
CA TYR B 106 6.98 -1.91 19.88
C TYR B 106 6.61 -2.60 18.54
N ALA B 107 7.65 -3.18 17.94
CA ALA B 107 7.58 -3.68 16.56
C ALA B 107 7.31 -5.13 16.57
N PRO B 108 6.12 -5.56 16.18
CA PRO B 108 5.90 -7.01 16.07
C PRO B 108 6.90 -7.63 15.09
N VAL B 109 7.37 -8.83 15.43
CA VAL B 109 8.47 -9.47 14.75
C VAL B 109 7.95 -10.55 13.79
N TRP B 110 8.76 -10.82 12.77
CA TRP B 110 8.34 -11.66 11.71
C TRP B 110 7.55 -12.93 12.19
N ASN B 111 8.06 -13.66 13.19
CA ASN B 111 7.38 -14.91 13.68
C ASN B 111 6.33 -14.70 14.76
N ASP B 112 5.97 -13.46 15.00
CA ASP B 112 4.95 -13.18 15.96
C ASP B 112 3.61 -13.75 15.47
N LEU B 113 2.76 -14.22 16.39
CA LEU B 113 1.49 -14.86 16.00
C LEU B 113 0.22 -14.05 16.30
N ARG B 114 0.34 -12.76 16.60
CA ARG B 114 -0.83 -11.98 17.00
C ARG B 114 -1.77 -11.65 15.85
N THR B 115 -1.26 -11.68 14.62
CA THR B 115 -2.02 -11.31 13.45
C THR B 115 -2.90 -12.48 12.99
N TYR B 116 -2.96 -13.52 13.79
CA TYR B 116 -3.65 -14.73 13.41
C TYR B 116 -5.10 -14.45 13.04
N ASP B 117 -5.86 -13.85 13.95
CA ASP B 117 -7.28 -13.53 13.66
C ASP B 117 -7.43 -12.69 12.41
N ILE B 118 -6.58 -11.68 12.26
CA ILE B 118 -6.64 -10.86 11.07
C ILE B 118 -6.43 -11.72 9.82
N THR B 119 -5.50 -12.64 9.91
CA THR B 119 -5.17 -13.52 8.80
C THR B 119 -6.36 -14.36 8.28
N LYS B 120 -7.13 -14.93 9.23
CA LYS B 120 -8.31 -15.70 8.93
C LYS B 120 -9.40 -14.82 8.33
N LYS B 121 -9.54 -13.60 8.83
CA LYS B 121 -10.55 -12.69 8.31
C LYS B 121 -10.25 -12.31 6.87
N VAL B 122 -8.97 -12.11 6.59
CA VAL B 122 -8.53 -11.71 5.24
C VAL B 122 -8.75 -12.85 4.23
N THR B 123 -8.43 -14.06 4.62
CA THR B 123 -8.57 -15.23 3.76
C THR B 123 -10.08 -15.45 3.45
N ALA B 124 -10.86 -15.64 4.52
CA ALA B 124 -12.32 -15.81 4.43
C ALA B 124 -12.97 -14.71 3.61
N GLU B 125 -12.75 -13.45 4.02
CA GLU B 125 -13.52 -12.32 3.50
C GLU B 125 -12.97 -11.58 2.31
N LEU B 126 -11.66 -11.54 2.10
CA LEU B 126 -11.13 -10.92 0.85
C LEU B 126 -10.70 -11.95 -0.18
N GLY B 127 -10.48 -13.21 0.23
CA GLY B 127 -10.01 -14.26 -0.69
C GLY B 127 -10.96 -15.44 -0.85
N GLY B 128 -12.20 -15.29 -0.37
CA GLY B 128 -13.26 -16.32 -0.47
C GLY B 128 -12.84 -17.69 0.06
N GLY B 129 -12.15 -17.72 1.19
CA GLY B 129 -11.56 -18.96 1.66
C GLY B 129 -10.17 -19.27 1.07
N ASP B 130 -9.76 -18.60 -0.03
CA ASP B 130 -8.44 -18.83 -0.66
C ASP B 130 -7.30 -17.94 -0.08
N SER B 131 -6.36 -18.53 0.67
CA SER B 131 -5.20 -17.78 1.20
C SER B 131 -4.22 -17.36 0.10
N MET B 132 -4.34 -17.99 -1.06
CA MET B 132 -3.48 -17.72 -2.23
C MET B 132 -4.06 -16.67 -3.18
N PHE B 133 -5.13 -16.00 -2.78
CA PHE B 133 -5.87 -15.15 -3.72
C PHE B 133 -5.08 -14.02 -4.34
N ALA B 134 -4.13 -13.50 -3.58
CA ALA B 134 -3.34 -12.34 -4.01
C ALA B 134 -1.92 -12.75 -4.42
N SER B 135 -1.68 -14.03 -4.49
CA SER B 135 -0.34 -14.56 -4.67
C SER B 135 0.28 -14.30 -6.04
N LYS B 136 -0.55 -14.03 -7.04
CA LYS B 136 -0.02 -13.75 -8.38
C LYS B 136 0.35 -12.27 -8.47
N ILE B 137 0.09 -11.53 -7.40
CA ILE B 137 0.54 -10.16 -7.29
C ILE B 137 1.75 -10.00 -6.34
N THR B 138 1.56 -10.34 -5.07
CA THR B 138 2.60 -10.25 -4.03
C THR B 138 3.68 -11.33 -4.09
N GLY B 139 3.33 -12.51 -4.60
CA GLY B 139 4.20 -13.70 -4.54
C GLY B 139 3.98 -14.56 -3.33
N LEU B 140 3.04 -14.13 -2.46
CA LEU B 140 2.89 -14.63 -1.09
C LEU B 140 1.51 -15.17 -0.74
N PRO B 141 1.44 -16.16 0.11
CA PRO B 141 0.17 -16.56 0.73
C PRO B 141 -0.19 -15.64 1.89
N VAL B 142 -1.48 -15.45 2.16
CA VAL B 142 -1.86 -14.79 3.39
C VAL B 142 -1.27 -15.54 4.56
N SER B 143 -0.52 -14.85 5.39
CA SER B 143 0.13 -15.47 6.54
C SER B 143 0.44 -14.44 7.61
N THR B 144 0.64 -14.89 8.84
CA THR B 144 0.98 -14.02 9.96
C THR B 144 2.31 -13.25 9.81
N TYR B 145 3.20 -13.75 8.96
CA TYR B 145 4.52 -13.15 8.87
C TYR B 145 4.49 -11.75 8.29
N PHE B 146 3.66 -11.51 7.27
CA PHE B 146 3.89 -10.35 6.39
C PHE B 146 3.41 -9.01 6.92
N ALA B 147 4.15 -7.96 6.53
CA ALA B 147 4.09 -6.65 7.18
C ALA B 147 2.69 -6.01 7.18
N ALA B 148 1.93 -6.19 6.11
CA ALA B 148 0.58 -5.55 6.04
C ALA B 148 -0.27 -6.00 7.22
N PHE B 149 -0.29 -7.30 7.50
CA PHE B 149 -1.06 -7.86 8.61
C PHE B 149 -0.62 -7.32 9.97
N LYS B 150 0.65 -6.98 10.13
CA LYS B 150 1.11 -6.41 11.41
C LYS B 150 0.72 -4.94 11.44
N MET B 151 0.82 -4.26 10.30
CA MET B 151 0.40 -2.91 10.25
C MET B 151 -1.10 -2.80 10.63
N ARG B 152 -1.94 -3.59 9.97
CA ARG B 152 -3.37 -3.60 10.23
C ARG B 152 -3.59 -3.84 11.70
N TRP B 153 -2.79 -4.71 12.31
CA TRP B 153 -3.01 -5.03 13.71
C TRP B 153 -2.72 -3.87 14.63
N MET B 154 -1.81 -3.00 14.22
CA MET B 154 -1.38 -1.87 15.04
C MET B 154 -2.46 -0.78 15.02
N LEU B 155 -3.04 -0.57 13.84
CA LEU B 155 -4.20 0.35 13.66
C LEU B 155 -5.43 -0.07 14.52
N GLU B 156 -5.67 -1.37 14.59
CA GLU B 156 -6.80 -1.90 15.28
C GLU B 156 -6.58 -2.08 16.79
N ASN B 157 -5.32 -2.19 17.22
CA ASN B 157 -5.06 -2.43 18.62
C ASN B 157 -4.21 -1.39 19.34
N VAL B 158 -3.64 -0.41 18.65
CA VAL B 158 -2.74 0.50 19.34
C VAL B 158 -3.30 1.87 19.10
N PRO B 159 -3.91 2.46 20.15
CA PRO B 159 -4.54 3.80 20.04
C PRO B 159 -3.60 4.86 19.46
N ALA B 160 -2.38 4.96 20.01
CA ALA B 160 -1.35 5.88 19.46
C ALA B 160 -1.17 5.81 17.90
N VAL B 161 -1.11 4.58 17.36
CA VAL B 161 -0.95 4.42 15.91
C VAL B 161 -2.20 4.87 15.20
N ALA B 162 -3.34 4.37 15.69
CA ALA B 162 -4.62 4.86 15.16
C ALA B 162 -4.64 6.40 15.18
N ASP B 163 -4.31 7.02 16.34
CA ASP B 163 -4.27 8.50 16.41
C ASP B 163 -3.33 9.05 15.34
N ALA B 164 -2.06 8.69 15.45
CA ALA B 164 -1.02 9.10 14.49
C ALA B 164 -1.51 9.01 13.04
N CYS B 165 -2.19 7.92 12.69
CA CYS B 165 -2.71 7.74 11.31
C CYS B 165 -3.67 8.88 10.94
N ARG B 166 -4.55 9.25 11.87
CA ARG B 166 -5.55 10.27 11.54
C ARG B 166 -4.95 11.65 11.24
N ARG B 167 -3.99 12.05 12.06
CA ARG B 167 -3.30 13.34 11.90
C ARG B 167 -2.33 13.38 10.67
N GLY B 168 -2.14 12.24 9.98
CA GLY B 168 -1.21 12.16 8.85
C GLY B 168 0.27 12.24 9.26
N THR B 169 0.59 11.73 10.44
CA THR B 169 2.00 11.66 10.89
C THR B 169 2.55 10.21 11.10
N LEU B 170 1.80 9.21 10.62
CA LEU B 170 2.15 7.79 10.82
C LEU B 170 3.08 7.35 9.73
N CYS B 171 4.22 6.79 10.13
CA CYS B 171 5.15 6.05 9.23
C CYS B 171 5.14 4.57 9.55
N PHE B 172 4.92 3.75 8.54
CA PHE B 172 5.23 2.34 8.66
C PHE B 172 6.53 2.02 7.91
N GLY B 173 7.16 0.92 8.29
CA GLY B 173 8.47 0.58 7.73
C GLY B 173 9.05 -0.69 8.31
N THR B 174 9.70 -1.46 7.46
CA THR B 174 10.35 -2.70 7.87
C THR B 174 11.70 -2.20 8.40
N ILE B 175 12.55 -3.07 8.91
CA ILE B 175 13.65 -2.63 9.73
C ILE B 175 14.66 -1.83 8.90
N ASP B 176 14.78 -2.19 7.63
CA ASP B 176 15.62 -1.42 6.73
C ASP B 176 15.28 0.07 6.75
N THR B 177 13.99 0.35 6.64
CA THR B 177 13.44 1.68 6.55
C THR B 177 13.62 2.43 7.86
N TRP B 178 13.34 1.75 8.94
CA TRP B 178 13.51 2.32 10.21
C TRP B 178 14.99 2.72 10.44
N LEU B 179 15.90 1.82 10.11
CA LEU B 179 17.28 2.13 10.28
C LEU B 179 17.74 3.27 9.34
N MET B 180 17.30 3.34 8.11
CA MET B 180 17.80 4.41 7.23
C MET B 180 17.17 5.75 7.63
N TYR B 181 15.98 5.68 8.18
CA TYR B 181 15.33 6.85 8.73
C TYR B 181 16.18 7.45 9.87
N LYS B 182 16.39 6.71 10.95
CA LYS B 182 17.08 7.25 12.14
C LYS B 182 18.56 7.59 11.89
N LEU B 183 19.19 6.81 11.01
CA LEU B 183 20.62 6.89 10.75
C LEU B 183 20.87 8.14 9.92
N SER B 184 19.86 8.49 9.11
CA SER B 184 19.76 9.75 8.37
C SER B 184 19.43 10.99 9.18
N GLY B 185 19.22 10.83 10.49
CA GLY B 185 18.64 11.90 11.30
C GLY B 185 17.22 12.24 10.90
N GLY B 186 16.48 11.28 10.35
CA GLY B 186 15.07 11.47 9.97
C GLY B 186 14.80 11.98 8.57
N LYS B 187 15.82 11.98 7.70
CA LYS B 187 15.74 12.56 6.36
C LYS B 187 15.31 11.62 5.18
N ALA B 188 15.50 10.31 5.32
CA ALA B 188 15.22 9.36 4.23
C ALA B 188 14.06 8.47 4.68
N PHE B 189 13.06 8.29 3.81
CA PHE B 189 11.92 7.41 4.09
C PHE B 189 11.83 6.42 2.94
N VAL B 190 12.65 5.35 3.04
CA VAL B 190 12.88 4.44 1.89
C VAL B 190 12.98 2.97 2.32
N THR B 191 12.76 2.07 1.36
CA THR B 191 12.86 0.64 1.54
C THR B 191 13.43 0.09 0.27
N ASP B 192 14.18 -1.00 0.37
CA ASP B 192 14.69 -1.63 -0.83
C ASP B 192 13.61 -2.59 -1.35
N VAL B 193 13.75 -3.08 -2.59
CA VAL B 193 12.72 -3.90 -3.22
C VAL B 193 12.53 -5.26 -2.52
N THR B 194 13.60 -5.78 -1.95
CA THR B 194 13.57 -7.07 -1.33
C THR B 194 12.70 -7.02 -0.13
N ASN B 195 12.90 -6.01 0.71
CA ASN B 195 12.08 -5.92 1.94
C ASN B 195 10.65 -5.55 1.61
N ALA B 196 10.48 -4.66 0.66
CA ALA B 196 9.12 -4.30 0.22
C ALA B 196 8.36 -5.52 -0.33
N SER B 197 9.08 -6.49 -0.89
CA SER B 197 8.41 -7.70 -1.38
C SER B 197 7.86 -8.57 -0.26
N ARG B 198 8.09 -8.20 1.00
CA ARG B 198 7.61 -9.01 2.11
C ARG B 198 6.50 -8.34 2.90
N THR B 199 5.95 -7.27 2.35
CA THR B 199 4.96 -6.49 3.07
C THR B 199 3.54 -6.93 2.76
N PHE B 200 3.39 -7.76 1.74
CA PHE B 200 2.09 -8.10 1.12
C PHE B 200 1.44 -6.86 0.47
N LEU B 201 2.20 -5.79 0.27
CA LEU B 201 1.68 -4.56 -0.35
C LEU B 201 2.30 -4.25 -1.67
N MET B 202 3.34 -4.99 -2.08
CA MET B 202 4.02 -4.72 -3.36
C MET B 202 3.61 -5.65 -4.49
N ASP B 203 3.49 -5.07 -5.69
CA ASP B 203 3.27 -5.81 -6.90
C ASP B 203 4.58 -6.28 -7.46
N LEU B 204 4.81 -7.59 -7.44
CA LEU B 204 6.07 -8.15 -7.89
C LEU B 204 6.41 -7.80 -9.29
N ARG B 205 5.39 -7.66 -10.13
CA ARG B 205 5.58 -7.40 -11.57
C ARG B 205 6.03 -5.97 -11.93
N THR B 206 5.58 -5.00 -11.14
CA THR B 206 6.00 -3.60 -11.28
C THR B 206 7.05 -3.15 -10.22
N ARG B 207 7.18 -3.93 -9.15
CA ARG B 207 7.99 -3.53 -8.00
C ARG B 207 7.58 -2.16 -7.45
N LYS B 208 6.27 -1.90 -7.46
CA LYS B 208 5.69 -0.71 -6.88
C LYS B 208 4.58 -1.16 -6.02
N TRP B 209 4.19 -0.33 -5.04
CA TRP B 209 3.04 -0.56 -4.19
C TRP B 209 1.76 -0.73 -5.02
N SER B 210 0.93 -1.70 -4.66
CA SER B 210 -0.29 -2.01 -5.34
C SER B 210 -1.42 -1.20 -4.70
N PRO B 211 -1.99 -0.30 -5.49
CA PRO B 211 -3.15 0.49 -5.08
C PRO B 211 -4.33 -0.34 -4.58
N GLU B 212 -4.65 -1.42 -5.29
CA GLU B 212 -5.80 -2.27 -4.94
C GLU B 212 -5.61 -2.99 -3.59
N LEU B 213 -4.41 -3.53 -3.38
CA LEU B 213 -4.08 -4.19 -2.13
C LEU B 213 -4.10 -3.18 -0.96
N CYS B 214 -3.52 -2.01 -1.15
CA CYS B 214 -3.55 -1.01 -0.08
C CYS B 214 -4.99 -0.61 0.26
N GLU B 215 -5.84 -0.46 -0.76
CA GLU B 215 -7.28 -0.20 -0.54
C GLU B 215 -7.91 -1.34 0.24
N LYS B 216 -7.86 -2.53 -0.33
CA LYS B 216 -8.49 -3.68 0.30
C LYS B 216 -8.03 -3.99 1.72
N LEU B 217 -6.74 -3.79 2.03
CA LEU B 217 -6.26 -4.10 3.39
C LEU B 217 -6.36 -2.85 4.24
N LYS B 218 -6.75 -1.74 3.60
CA LYS B 218 -6.96 -0.48 4.27
C LYS B 218 -5.68 -0.06 5.02
N ILE B 219 -4.64 0.13 4.21
CA ILE B 219 -3.37 0.71 4.67
C ILE B 219 -3.13 1.93 3.82
N PRO B 220 -3.11 3.11 4.44
CA PRO B 220 -3.06 4.31 3.61
C PRO B 220 -1.72 4.34 2.94
N MET B 221 -1.69 4.58 1.64
CA MET B 221 -0.43 4.59 0.95
C MET B 221 0.48 5.72 1.44
N GLU B 222 -0.04 6.61 2.29
CA GLU B 222 0.70 7.77 2.82
C GLU B 222 1.72 7.30 3.86
N THR B 223 1.41 6.19 4.51
CA THR B 223 2.26 5.68 5.56
C THR B 223 3.52 4.97 5.04
N LEU B 224 3.68 4.81 3.73
CA LEU B 224 4.68 3.89 3.17
C LEU B 224 5.85 4.62 2.51
N PRO B 225 7.06 4.09 2.68
CA PRO B 225 8.21 4.73 2.13
C PRO B 225 8.31 4.44 0.66
N GLU B 226 9.27 5.10 0.04
CA GLU B 226 9.52 4.94 -1.32
C GLU B 226 10.36 3.67 -1.54
N ILE B 227 9.97 2.90 -2.55
CA ILE B 227 10.66 1.72 -2.93
C ILE B 227 11.86 2.03 -3.81
N ARG B 228 13.00 1.47 -3.46
CA ARG B 228 14.19 1.61 -4.28
C ARG B 228 14.89 0.29 -4.52
N SER B 229 16.00 0.31 -5.23
CA SER B 229 16.81 -0.89 -5.38
C SER B 229 17.60 -1.24 -4.07
N ASN B 230 18.45 -2.25 -4.16
CA ASN B 230 19.33 -2.67 -3.09
C ASN B 230 20.67 -1.98 -3.05
N SER B 231 21.01 -1.25 -4.14
CA SER B 231 22.36 -0.65 -4.35
C SER B 231 22.26 0.69 -5.11
N GLU B 232 22.43 1.79 -4.37
CA GLU B 232 22.39 3.17 -4.85
C GLU B 232 22.58 4.06 -3.63
N LEU B 233 22.62 5.36 -3.84
CA LEU B 233 22.62 6.32 -2.74
C LEU B 233 21.27 6.45 -2.04
N PHE B 234 21.22 6.11 -0.76
CA PHE B 234 20.01 6.22 0.04
C PHE B 234 19.95 7.46 0.93
N GLY B 235 21.10 7.87 1.45
CA GLY B 235 21.18 8.87 2.49
C GLY B 235 22.59 8.83 3.05
N TYR B 236 22.89 9.68 4.03
CA TYR B 236 24.21 9.75 4.64
C TYR B 236 23.98 9.56 6.11
N VAL B 237 24.99 9.07 6.83
CA VAL B 237 24.85 9.02 8.27
C VAL B 237 24.94 10.44 8.85
N GLU B 238 23.88 10.93 9.48
CA GLU B 238 23.83 12.30 10.00
C GLU B 238 23.38 12.29 11.46
N THR B 239 23.71 11.23 12.19
CA THR B 239 23.37 11.15 13.60
C THR B 239 24.67 10.95 14.38
N ASP B 240 24.71 11.35 15.63
CA ASP B 240 25.89 11.08 16.45
C ASP B 240 25.54 10.26 17.69
N GLU B 241 24.37 9.63 17.66
CA GLU B 241 24.02 8.68 18.67
C GLU B 241 25.17 7.68 18.87
N CYS B 242 25.34 7.25 20.13
CA CYS B 242 26.51 6.52 20.65
C CYS B 242 27.84 6.81 19.93
N GLY B 243 28.01 8.07 19.54
CA GLY B 243 29.27 8.58 19.01
C GLY B 243 29.68 8.12 17.64
N VAL B 244 28.68 7.76 16.84
CA VAL B 244 28.91 7.11 15.59
C VAL B 244 29.45 8.10 14.52
N ALA B 245 28.99 9.34 14.56
CA ALA B 245 29.48 10.32 13.59
C ALA B 245 30.96 10.61 13.88
N ALA B 246 31.27 10.70 15.16
CA ALA B 246 32.65 10.91 15.56
C ALA B 246 33.54 9.69 15.25
N ALA B 247 33.00 8.48 15.33
CA ALA B 247 33.77 7.28 14.94
C ALA B 247 34.03 7.27 13.42
N LEU B 248 33.02 7.58 12.63
CA LEU B 248 33.15 7.54 11.20
C LEU B 248 34.03 8.67 10.72
N ASN B 249 33.89 9.84 11.35
CA ASN B 249 34.83 10.95 11.22
C ASN B 249 34.66 11.75 9.93
N GLU B 250 34.38 11.08 8.82
CA GLU B 250 34.16 11.73 7.54
C GLU B 250 32.74 11.44 7.13
N ARG B 251 32.27 12.15 6.13
CA ARG B 251 30.92 12.00 5.64
C ARG B 251 30.75 10.60 5.06
N THR B 252 29.75 9.84 5.54
CA THR B 252 29.60 8.46 5.12
C THR B 252 28.23 8.13 4.51
N PRO B 253 28.22 7.77 3.23
CA PRO B 253 26.96 7.40 2.60
C PRO B 253 26.46 5.99 3.01
N ILE B 254 25.14 5.82 2.97
CA ILE B 254 24.45 4.55 3.12
C ILE B 254 24.02 4.18 1.74
N MET B 255 24.52 3.06 1.23
CA MET B 255 24.40 2.76 -0.18
C MET B 255 24.00 1.31 -0.49
N GLY B 256 23.62 0.54 0.54
CA GLY B 256 23.18 -0.85 0.39
C GLY B 256 22.00 -1.09 1.33
N SER B 257 20.93 -1.69 0.82
CA SER B 257 19.86 -2.16 1.68
C SER B 257 19.24 -3.43 1.12
N ILE B 258 19.14 -4.49 1.95
CA ILE B 258 18.73 -5.81 1.43
C ILE B 258 18.28 -6.73 2.57
N GLY B 259 17.09 -7.30 2.45
CA GLY B 259 16.64 -8.31 3.35
C GLY B 259 17.59 -9.47 3.55
N ASP B 260 17.63 -9.99 4.78
CA ASP B 260 18.70 -10.94 5.16
C ASP B 260 18.82 -12.18 4.25
N GLN B 261 17.73 -12.82 3.88
CA GLN B 261 17.88 -14.04 3.08
C GLN B 261 18.42 -13.67 1.66
N GLN B 262 17.88 -12.61 1.09
CA GLN B 262 18.35 -12.04 -0.15
C GLN B 262 19.81 -11.65 -0.09
N SER B 263 20.22 -11.12 1.05
CA SER B 263 21.56 -10.67 1.23
C SER B 263 22.45 -11.89 1.22
N ALA B 264 22.00 -12.98 1.83
CA ALA B 264 22.81 -14.16 1.84
C ALA B 264 22.93 -14.64 0.42
N LEU B 265 21.84 -14.60 -0.34
CA LEU B 265 21.89 -14.97 -1.74
C LEU B 265 22.92 -14.16 -2.55
N PHE B 266 22.97 -12.86 -2.30
CA PHE B 266 23.84 -11.96 -3.01
C PHE B 266 25.28 -12.17 -2.53
N GLY B 267 25.40 -12.40 -1.23
CA GLY B 267 26.71 -12.60 -0.62
C GLY B 267 27.34 -13.92 -1.04
N ASN B 268 26.49 -14.86 -1.43
CA ASN B 268 26.94 -16.13 -1.95
C ASN B 268 27.09 -16.12 -3.49
N MET B 269 27.07 -14.92 -4.08
CA MET B 269 27.37 -14.75 -5.49
C MET B 269 26.33 -15.42 -6.38
N CYS B 270 25.06 -15.47 -6.00
CA CYS B 270 24.12 -16.24 -6.81
C CYS B 270 23.51 -15.31 -7.86
N PHE B 271 24.37 -14.82 -8.77
CA PHE B 271 23.97 -13.74 -9.65
C PHE B 271 23.18 -14.21 -10.86
N GLU B 272 23.37 -15.48 -11.28
CA GLU B 272 22.73 -16.08 -12.47
C GLU B 272 21.57 -16.98 -12.12
N LYS B 273 20.62 -17.06 -13.04
CA LYS B 273 19.45 -17.91 -12.87
C LYS B 273 19.90 -19.35 -12.74
N GLY B 274 19.30 -20.08 -11.80
CA GLY B 274 19.70 -21.44 -11.54
C GLY B 274 20.70 -21.57 -10.42
N GLU B 275 21.31 -20.48 -9.99
CA GLU B 275 22.11 -20.44 -8.78
C GLU B 275 21.30 -20.20 -7.48
N ALA B 276 21.52 -21.09 -6.51
CA ALA B 276 20.78 -21.10 -5.25
C ALA B 276 21.71 -21.06 -4.05
N LYS B 277 21.23 -20.46 -2.95
CA LYS B 277 21.82 -20.67 -1.63
C LYS B 277 20.85 -21.35 -0.65
N ASN B 278 21.39 -22.13 0.30
CA ASN B 278 20.68 -22.59 1.46
C ASN B 278 21.42 -22.25 2.70
N THR B 279 20.74 -21.66 3.65
CA THR B 279 21.32 -21.38 4.99
C THR B 279 20.85 -22.53 5.95
N TYR B 280 21.81 -23.25 6.50
CA TYR B 280 21.57 -24.38 7.41
C TYR B 280 21.70 -23.87 8.81
N GLY B 281 20.62 -23.27 9.34
CA GLY B 281 20.60 -22.66 10.68
C GLY B 281 19.74 -23.52 11.66
N THR B 282 18.92 -22.86 12.43
CA THR B 282 17.92 -23.52 13.28
C THR B 282 16.91 -24.24 12.39
N GLY B 283 16.47 -23.50 11.38
CA GLY B 283 15.95 -24.08 10.16
C GLY B 283 16.82 -23.79 8.93
N CYS B 284 16.17 -23.89 7.79
CA CYS B 284 16.79 -23.77 6.48
C CYS B 284 15.92 -22.81 5.67
N PHE B 285 16.59 -21.94 4.97
CA PHE B 285 15.99 -21.04 4.02
C PHE B 285 16.79 -21.22 2.77
N LEU B 286 16.12 -21.64 1.72
CA LEU B 286 16.73 -21.89 0.44
C LEU B 286 16.14 -20.87 -0.48
N LEU B 287 16.98 -20.09 -1.13
CA LEU B 287 16.57 -19.17 -2.21
C LEU B 287 17.27 -19.47 -3.53
N MET B 288 16.49 -19.51 -4.60
CA MET B 288 17.08 -19.78 -5.93
C MET B 288 16.83 -18.56 -6.80
N ASN B 289 17.87 -18.06 -7.45
CA ASN B 289 17.74 -17.02 -8.49
C ASN B 289 17.02 -17.63 -9.68
N VAL B 290 15.78 -17.25 -9.94
CA VAL B 290 15.13 -17.79 -11.11
C VAL B 290 15.25 -16.89 -12.41
N GLY B 291 15.96 -15.76 -12.37
CA GLY B 291 16.10 -14.85 -13.53
C GLY B 291 15.26 -13.57 -13.44
N GLU B 292 15.18 -12.84 -14.57
CA GLU B 292 14.57 -11.52 -14.67
C GLU B 292 13.07 -11.41 -14.75
N GLU B 293 12.42 -12.54 -14.69
CA GLU B 293 10.99 -12.62 -14.79
C GLU B 293 10.56 -13.43 -13.58
N ALA B 294 9.48 -12.96 -12.94
CA ALA B 294 8.98 -13.60 -11.72
C ALA B 294 8.43 -14.96 -12.08
N ARG B 295 8.53 -15.86 -11.12
CA ARG B 295 7.94 -17.17 -11.24
C ARG B 295 7.05 -17.38 -10.03
N PHE B 296 5.94 -18.07 -10.25
CA PHE B 296 4.93 -18.31 -9.24
C PHE B 296 4.90 -19.79 -9.02
N SER B 297 4.57 -20.22 -7.79
CA SER B 297 4.79 -21.59 -7.37
C SER B 297 3.48 -22.31 -7.52
N LYS B 298 3.49 -23.56 -7.95
CA LYS B 298 2.32 -24.44 -7.86
C LYS B 298 2.42 -25.24 -6.57
N HIS B 299 3.54 -25.10 -5.84
CA HIS B 299 3.76 -25.92 -4.66
C HIS B 299 3.82 -25.18 -3.36
N GLY B 300 3.34 -23.95 -3.33
CA GLY B 300 3.29 -23.21 -2.08
C GLY B 300 4.62 -22.52 -1.72
N LEU B 301 5.60 -22.55 -2.61
CA LEU B 301 6.83 -21.80 -2.32
C LEU B 301 6.54 -20.31 -2.50
N LEU B 302 7.35 -19.43 -1.90
CA LEU B 302 7.14 -17.99 -2.05
C LEU B 302 7.83 -17.49 -3.30
N SER B 303 7.25 -16.50 -3.98
CA SER B 303 7.97 -15.81 -5.06
C SER B 303 8.39 -14.47 -4.52
N THR B 304 9.63 -14.09 -4.74
CA THR B 304 10.10 -12.88 -4.15
C THR B 304 11.15 -12.25 -5.06
N VAL B 305 11.59 -11.04 -4.70
CA VAL B 305 12.73 -10.45 -5.37
C VAL B 305 14.05 -10.95 -4.75
N GLY B 306 15.00 -11.29 -5.59
CA GLY B 306 16.33 -11.73 -5.13
C GLY B 306 17.20 -10.54 -4.86
N PHE B 307 17.38 -9.72 -5.91
CA PHE B 307 18.08 -8.46 -5.76
C PHE B 307 17.89 -7.53 -6.97
N GLN B 308 18.33 -6.29 -6.81
CA GLN B 308 18.38 -5.31 -7.89
C GLN B 308 19.48 -4.27 -7.55
N VAL B 309 20.48 -4.20 -8.42
CA VAL B 309 21.64 -3.33 -8.33
C VAL B 309 21.44 -2.03 -9.20
N GLY B 310 21.41 -0.84 -8.60
CA GLY B 310 21.12 0.42 -9.33
C GLY B 310 19.64 0.72 -9.36
N ARG B 311 19.28 2.00 -9.23
CA ARG B 311 17.90 2.40 -9.39
C ARG B 311 17.40 1.95 -10.76
N ASP B 312 16.23 1.32 -10.79
CA ASP B 312 15.69 0.80 -12.03
C ASP B 312 16.67 -0.09 -12.83
N GLY B 313 17.58 -0.79 -12.12
CA GLY B 313 18.54 -1.73 -12.74
C GLY B 313 17.93 -3.09 -13.02
N PRO B 314 18.73 -4.03 -13.57
CA PRO B 314 18.23 -5.37 -13.77
C PRO B 314 17.70 -5.93 -12.43
N CYS B 315 16.47 -6.43 -12.43
CA CYS B 315 15.86 -7.01 -11.25
C CYS B 315 15.81 -8.53 -11.34
N TYR B 316 16.39 -9.24 -10.36
CA TYR B 316 16.41 -10.70 -10.42
C TYR B 316 15.48 -11.24 -9.37
N TYR B 317 14.60 -12.13 -9.81
CA TYR B 317 13.60 -12.70 -8.96
C TYR B 317 14.05 -14.03 -8.39
N ALA B 318 13.33 -14.49 -7.36
CA ALA B 318 13.73 -15.71 -6.70
C ALA B 318 12.53 -16.42 -6.16
N LEU B 319 12.73 -17.73 -5.95
CA LEU B 319 11.81 -18.58 -5.25
C LEU B 319 12.43 -18.91 -3.92
N GLU B 320 11.62 -19.02 -2.90
CA GLU B 320 12.10 -19.22 -1.54
C GLU B 320 11.35 -20.40 -0.90
N GLY B 321 12.07 -21.31 -0.28
CA GLY B 321 11.47 -22.31 0.53
C GLY B 321 12.22 -22.45 1.86
N ALA B 322 11.65 -23.24 2.76
CA ALA B 322 12.11 -23.32 4.16
C ALA B 322 11.82 -24.67 4.79
N ILE B 323 12.64 -25.08 5.74
CA ILE B 323 12.23 -26.19 6.66
C ILE B 323 12.40 -25.64 8.09
N ALA B 324 11.56 -26.11 8.99
CA ALA B 324 11.46 -25.50 10.32
C ALA B 324 12.52 -26.03 11.21
N CYS B 325 12.81 -27.32 11.12
CA CYS B 325 13.69 -27.97 12.08
C CYS B 325 14.95 -28.58 11.46
N ALA B 326 16.04 -27.83 11.47
CA ALA B 326 17.30 -28.31 10.95
C ALA B 326 18.32 -28.46 12.09
N GLY B 327 19.05 -27.39 12.34
CA GLY B 327 19.84 -27.20 13.56
C GLY B 327 19.05 -27.55 14.81
N ALA B 328 17.74 -27.28 14.80
CA ALA B 328 16.90 -27.55 15.94
C ALA B 328 16.71 -29.06 16.17
N THR B 329 16.72 -29.83 15.09
CA THR B 329 16.67 -31.25 15.22
C THR B 329 17.97 -31.78 15.85
N VAL B 330 19.09 -31.17 15.51
CA VAL B 330 20.37 -31.60 16.04
C VAL B 330 20.46 -31.34 17.54
N GLU B 331 20.01 -30.16 17.91
CA GLU B 331 19.99 -29.76 19.31
C GLU B 331 19.01 -30.68 20.09
N TRP B 332 17.83 -30.90 19.55
CA TRP B 332 16.89 -31.81 20.16
C TRP B 332 17.56 -33.16 20.43
N MET B 333 18.29 -33.70 19.46
CA MET B 333 18.82 -35.06 19.62
C MET B 333 19.79 -35.11 20.80
N ARG B 334 20.46 -33.98 21.02
CA ARG B 334 21.48 -33.86 22.01
C ARG B 334 20.83 -33.58 23.35
N ARG B 335 20.11 -32.49 23.44
CA ARG B 335 19.62 -32.11 24.73
C ARG B 335 18.37 -32.83 25.21
N ASN B 336 17.49 -33.26 24.32
CA ASN B 336 16.25 -33.85 24.77
C ASN B 336 16.32 -35.37 24.83
N MET B 337 17.15 -35.91 23.95
CA MET B 337 17.29 -37.34 23.77
C MET B 337 18.64 -37.88 24.19
N ASN B 338 19.62 -37.03 24.44
CA ASN B 338 20.91 -37.49 24.93
C ASN B 338 21.68 -38.36 23.95
N LEU B 339 21.45 -38.15 22.65
CA LEU B 339 22.11 -39.01 21.66
C LEU B 339 23.58 -38.71 21.46
N PHE B 340 24.04 -37.53 21.88
CA PHE B 340 25.47 -37.22 21.85
C PHE B 340 25.73 -36.08 22.80
N SER B 341 26.99 -35.85 23.19
CA SER B 341 27.34 -34.66 23.99
C SER B 341 28.13 -33.58 23.18
N HIS B 342 29.37 -33.81 22.81
CA HIS B 342 30.13 -32.77 22.06
C HIS B 342 29.54 -32.63 20.64
N ILE B 343 29.49 -31.39 20.20
CA ILE B 343 28.90 -31.04 18.94
C ILE B 343 29.46 -31.90 17.78
N THR B 344 30.76 -32.22 17.83
CA THR B 344 31.45 -32.95 16.79
C THR B 344 30.99 -34.38 16.72
N GLU B 345 30.44 -34.89 17.82
CA GLU B 345 29.97 -36.28 17.89
C GLU B 345 28.80 -36.57 16.94
N CYS B 346 28.03 -35.56 16.65
CA CYS B 346 26.89 -35.74 15.77
C CYS B 346 27.37 -36.32 14.43
N GLU B 347 28.28 -35.58 13.76
CA GLU B 347 28.92 -36.04 12.48
C GLU B 347 29.66 -37.35 12.63
N LYS B 348 30.47 -37.48 13.65
CA LYS B 348 31.26 -38.69 13.80
C LYS B 348 30.42 -39.94 14.03
N LEU B 349 29.28 -39.82 14.73
CA LEU B 349 28.37 -40.98 14.94
C LEU B 349 27.66 -41.33 13.67
N ALA B 350 27.20 -40.30 12.94
CA ALA B 350 26.52 -40.52 11.67
C ALA B 350 27.43 -41.15 10.59
N ARG B 351 28.70 -40.79 10.59
CA ARG B 351 29.65 -41.44 9.67
C ARG B 351 30.03 -42.86 10.08
N SER B 352 29.76 -43.25 11.33
CA SER B 352 30.19 -44.55 11.85
C SER B 352 29.34 -45.70 11.34
N VAL B 353 28.26 -45.39 10.64
CA VAL B 353 27.50 -46.43 9.97
C VAL B 353 27.44 -46.09 8.49
N PRO B 354 27.40 -47.10 7.62
CA PRO B 354 27.42 -46.85 6.19
C PRO B 354 26.11 -46.31 5.63
N GLY B 355 24.99 -46.57 6.30
CA GLY B 355 23.70 -46.01 5.92
C GLY B 355 22.72 -46.11 7.08
N THR B 356 21.46 -45.83 6.81
CA THR B 356 20.42 -45.88 7.82
C THR B 356 19.72 -47.21 7.93
N GLN B 357 20.07 -48.11 7.00
CA GLN B 357 19.70 -49.50 7.03
C GLN B 357 18.18 -49.63 7.13
N GLY B 358 17.47 -48.78 6.42
CA GLY B 358 16.03 -48.89 6.34
C GLY B 358 15.20 -47.96 7.20
N ILE B 359 15.79 -47.23 8.15
CA ILE B 359 14.97 -46.28 8.92
C ILE B 359 14.83 -44.90 8.27
N VAL B 360 13.78 -44.21 8.66
CA VAL B 360 13.55 -42.87 8.25
C VAL B 360 13.07 -42.10 9.47
N PHE B 361 13.71 -40.98 9.67
CA PHE B 361 13.40 -40.08 10.73
C PHE B 361 12.95 -38.76 10.09
N VAL B 362 11.65 -38.46 10.17
CA VAL B 362 11.09 -37.21 9.67
C VAL B 362 10.94 -36.25 10.85
N PRO B 363 11.84 -35.26 10.95
CA PRO B 363 11.88 -34.45 12.16
C PRO B 363 10.96 -33.29 11.97
N ALA B 364 9.68 -33.61 11.79
CA ALA B 364 8.67 -32.63 11.49
C ALA B 364 8.03 -32.20 12.81
N PHE B 365 8.87 -31.84 13.78
CA PHE B 365 8.42 -31.52 15.14
C PHE B 365 7.38 -30.38 15.15
N SER B 366 7.47 -29.45 14.21
CA SER B 366 6.48 -28.37 14.15
C SER B 366 5.79 -28.39 12.80
N GLY B 367 5.60 -29.60 12.28
CA GLY B 367 4.93 -29.83 11.05
C GLY B 367 5.81 -29.64 9.83
N LEU B 368 5.19 -29.83 8.68
CA LEU B 368 5.90 -29.76 7.40
C LEU B 368 5.58 -28.46 6.62
N LEU B 369 6.61 -27.90 5.99
CA LEU B 369 6.52 -26.61 5.28
C LEU B 369 6.64 -26.82 3.81
N ALA B 370 7.43 -25.98 3.12
CA ALA B 370 8.16 -26.43 1.90
C ALA B 370 7.04 -26.76 0.93
N PRO B 371 7.19 -27.82 0.07
CA PRO B 371 6.13 -28.16 -0.88
C PRO B 371 5.13 -29.21 -0.45
N TYR B 372 5.07 -29.52 0.82
CA TYR B 372 4.00 -30.35 1.33
C TYR B 372 3.58 -29.79 2.68
N TRP B 373 3.14 -28.54 2.71
CA TRP B 373 2.67 -27.89 3.92
C TRP B 373 1.60 -28.76 4.60
N ASP B 374 1.90 -29.21 5.81
CA ASP B 374 1.00 -30.02 6.61
C ASP B 374 1.30 -29.75 8.09
N PRO B 375 0.46 -28.94 8.73
CA PRO B 375 0.73 -28.61 10.12
C PRO B 375 0.36 -29.72 11.11
N SER B 376 -0.34 -30.74 10.65
CA SER B 376 -0.61 -31.90 11.51
C SER B 376 0.59 -32.89 11.60
N ALA B 377 1.52 -32.81 10.65
CA ALA B 377 2.74 -33.69 10.66
C ALA B 377 3.54 -33.49 11.93
N ARG B 378 3.98 -34.62 12.50
CA ARG B 378 4.81 -34.59 13.65
C ARG B 378 6.11 -35.35 13.48
N GLY B 379 7.03 -35.19 14.41
CA GLY B 379 8.25 -35.97 14.42
C GLY B 379 8.00 -37.44 14.48
N THR B 380 8.55 -38.17 13.50
CA THR B 380 8.31 -39.58 13.43
C THR B 380 9.48 -40.41 12.94
N ILE B 381 9.60 -41.58 13.53
CA ILE B 381 10.57 -42.58 13.17
C ILE B 381 9.89 -43.92 12.86
N VAL B 382 10.24 -44.44 11.68
CA VAL B 382 9.80 -45.72 11.21
C VAL B 382 10.97 -46.59 10.84
N GLY B 383 10.74 -47.90 10.86
CA GLY B 383 11.66 -48.91 10.34
C GLY B 383 12.65 -49.47 11.29
N MET B 384 12.53 -49.17 12.58
CA MET B 384 13.59 -49.55 13.51
C MET B 384 13.62 -51.05 13.83
N THR B 385 14.85 -51.57 13.96
CA THR B 385 15.06 -52.93 14.48
C THR B 385 15.96 -52.82 15.68
N LEU B 386 16.19 -53.97 16.33
CA LEU B 386 17.10 -54.07 17.46
C LEU B 386 18.56 -53.86 17.02
N LYS B 387 18.82 -53.78 15.71
CA LYS B 387 20.14 -53.33 15.19
C LYS B 387 20.23 -51.84 15.02
N THR B 388 19.11 -51.12 14.99
CA THR B 388 19.16 -49.67 14.96
C THR B 388 19.82 -49.08 16.21
N THR B 389 20.72 -48.12 16.02
CA THR B 389 21.36 -47.44 17.12
C THR B 389 21.21 -45.92 16.90
N ARG B 390 21.67 -45.17 17.89
CA ARG B 390 21.69 -43.73 17.79
C ARG B 390 22.41 -43.22 16.58
N ALA B 391 23.39 -43.99 16.10
CA ALA B 391 24.20 -43.64 14.93
C ALA B 391 23.29 -43.56 13.71
N HIS B 392 22.45 -44.58 13.55
CA HIS B 392 21.47 -44.64 12.45
C HIS B 392 20.47 -43.50 12.58
N VAL B 393 20.06 -43.18 13.80
CA VAL B 393 19.07 -42.14 14.02
C VAL B 393 19.63 -40.77 13.71
N ILE B 394 20.86 -40.53 14.14
CA ILE B 394 21.50 -39.27 13.83
C ILE B 394 21.70 -39.11 12.33
N ARG B 395 22.18 -40.16 11.67
CA ARG B 395 22.40 -40.09 10.25
C ARG B 395 21.06 -39.87 9.52
N ALA B 396 20.03 -40.53 10.03
CA ALA B 396 18.70 -40.41 9.38
C ALA B 396 18.12 -38.98 9.42
N ALA B 397 18.40 -38.28 10.52
CA ALA B 397 17.94 -36.90 10.73
C ALA B 397 18.63 -36.01 9.73
N LEU B 398 19.92 -36.27 9.53
CA LEU B 398 20.69 -35.46 8.60
C LEU B 398 20.21 -35.68 7.18
N GLN B 399 19.93 -36.93 6.88
CA GLN B 399 19.37 -37.32 5.59
C GLN B 399 18.05 -36.67 5.38
N ALA B 400 17.21 -36.60 6.42
CA ALA B 400 15.88 -35.96 6.29
C ALA B 400 15.98 -34.48 5.95
N ILE B 401 16.98 -33.81 6.51
CA ILE B 401 17.14 -32.39 6.27
C ILE B 401 17.46 -32.27 4.78
N ALA B 402 18.36 -33.10 4.30
CA ALA B 402 18.79 -33.06 2.89
C ALA B 402 17.66 -33.47 1.96
N LEU B 403 16.85 -34.44 2.39
CA LEU B 403 15.74 -34.90 1.56
C LEU B 403 14.68 -33.86 1.42
N GLN B 404 14.39 -33.17 2.49
CA GLN B 404 13.39 -32.09 2.41
C GLN B 404 13.91 -30.97 1.46
N LEU B 405 15.18 -30.62 1.57
CA LEU B 405 15.82 -29.67 0.64
C LEU B 405 15.73 -30.11 -0.83
N ASN B 406 15.97 -31.41 -1.07
CA ASN B 406 15.82 -32.01 -2.39
C ASN B 406 14.42 -31.80 -2.99
N ASP B 407 13.40 -32.11 -2.18
CA ASP B 407 11.99 -31.76 -2.51
C ASP B 407 11.78 -30.26 -2.81
N VAL B 408 12.36 -29.39 -1.99
CA VAL B 408 12.19 -27.96 -2.22
C VAL B 408 12.82 -27.56 -3.57
N VAL B 409 14.03 -28.04 -3.81
CA VAL B 409 14.68 -27.73 -5.09
C VAL B 409 13.84 -28.33 -6.25
N GLY B 410 13.40 -29.59 -6.13
CA GLY B 410 12.58 -30.21 -7.20
C GLY B 410 11.41 -29.33 -7.57
N SER B 411 10.70 -28.79 -6.56
CA SER B 411 9.61 -27.89 -6.78
C SER B 411 10.00 -26.59 -7.48
N MET B 412 11.10 -25.98 -7.06
CA MET B 412 11.57 -24.77 -7.68
C MET B 412 11.92 -24.98 -9.17
N LYS B 413 12.65 -26.05 -9.44
CA LYS B 413 12.97 -26.51 -10.78
C LYS B 413 11.73 -26.60 -11.66
N ARG B 414 10.64 -27.17 -11.16
CA ARG B 414 9.42 -27.26 -11.98
C ARG B 414 8.78 -25.86 -12.13
N ASP B 415 8.60 -25.12 -11.04
CA ASP B 415 8.01 -23.80 -11.11
C ASP B 415 8.83 -22.82 -12.03
N ALA B 416 10.15 -22.93 -12.03
CA ALA B 416 10.99 -21.98 -12.77
C ALA B 416 11.38 -22.43 -14.18
N GLY B 417 11.07 -23.67 -14.57
CA GLY B 417 11.55 -24.25 -15.82
C GLY B 417 13.08 -24.08 -15.95
N LEU B 418 13.80 -24.32 -14.86
CA LEU B 418 15.27 -24.39 -14.93
C LEU B 418 15.92 -25.43 -14.04
N ASN B 419 17.19 -25.67 -14.33
CA ASN B 419 18.01 -26.50 -13.47
C ASN B 419 18.68 -25.72 -12.35
N LEU B 420 19.08 -26.46 -11.33
CA LEU B 420 19.97 -25.99 -10.28
C LEU B 420 21.38 -26.19 -10.73
N SER B 421 22.16 -25.13 -10.82
CA SER B 421 23.51 -25.26 -11.35
C SER B 421 24.51 -25.48 -10.22
N SER B 422 24.33 -24.79 -9.10
CA SER B 422 25.04 -25.21 -7.91
C SER B 422 24.36 -24.67 -6.68
N LEU B 423 24.81 -25.13 -5.53
CA LEU B 423 24.23 -24.72 -4.27
C LEU B 423 25.36 -24.20 -3.41
N ARG B 424 25.23 -22.93 -3.01
CA ARG B 424 26.14 -22.38 -2.02
C ARG B 424 25.49 -22.56 -0.67
N VAL B 425 26.30 -22.78 0.37
CA VAL B 425 25.77 -23.15 1.71
C VAL B 425 26.43 -22.39 2.78
N ASP B 426 25.64 -21.96 3.75
CA ASP B 426 26.12 -21.25 4.94
C ASP B 426 25.28 -21.69 6.15
N GLY B 427 25.51 -21.07 7.28
CA GLY B 427 24.95 -21.48 8.56
C GLY B 427 25.85 -22.47 9.26
N GLY B 428 25.69 -22.61 10.58
CA GLY B 428 26.52 -23.54 11.38
C GLY B 428 26.45 -25.00 10.99
N LEU B 429 25.28 -25.48 10.60
CA LEU B 429 25.19 -26.86 10.16
C LEU B 429 25.89 -27.13 8.83
N SER B 430 26.29 -26.08 8.10
CA SER B 430 27.15 -26.29 6.92
C SER B 430 28.55 -26.82 7.29
N LYS B 431 28.94 -26.74 8.56
CA LYS B 431 30.20 -27.30 9.03
C LYS B 431 30.08 -28.81 9.20
N ASN B 432 28.89 -29.36 9.07
CA ASN B 432 28.77 -30.81 9.08
C ASN B 432 29.05 -31.37 7.66
N GLY B 433 30.28 -31.86 7.47
CA GLY B 433 30.75 -32.28 6.17
C GLY B 433 29.92 -33.37 5.58
N LEU B 434 29.47 -34.32 6.41
CA LEU B 434 28.64 -35.44 5.96
C LEU B 434 27.27 -34.96 5.45
N LEU B 435 26.63 -34.04 6.18
CA LEU B 435 25.38 -33.45 5.63
C LEU B 435 25.60 -32.81 4.24
N MET B 436 26.73 -32.13 4.07
CA MET B 436 27.04 -31.50 2.79
C MET B 436 27.26 -32.58 1.69
N GLU B 437 27.91 -33.69 2.05
CA GLU B 437 28.07 -34.82 1.10
C GLU B 437 26.74 -35.43 0.69
N ILE B 438 25.91 -35.75 1.67
CA ILE B 438 24.61 -36.29 1.38
C ILE B 438 23.82 -35.35 0.47
N GLN B 439 23.90 -34.05 0.74
CA GLN B 439 23.14 -33.09 -0.01
C GLN B 439 23.60 -32.97 -1.47
N ALA B 440 24.91 -33.00 -1.68
CA ALA B 440 25.46 -33.04 -3.05
C ALA B 440 25.03 -34.28 -3.86
N SER B 441 25.13 -35.45 -3.23
CA SER B 441 24.72 -36.75 -3.79
C SER B 441 23.27 -36.76 -4.19
N LEU B 442 22.42 -36.17 -3.35
CA LEU B 442 20.99 -36.09 -3.66
C LEU B 442 20.69 -35.09 -4.78
N LEU B 443 21.33 -33.93 -4.77
CA LEU B 443 20.95 -32.92 -5.72
C LEU B 443 21.72 -33.15 -7.05
N GLY B 444 22.78 -33.92 -7.01
CA GLY B 444 23.57 -34.18 -8.20
C GLY B 444 24.35 -32.96 -8.69
N VAL B 445 24.55 -31.94 -7.82
CA VAL B 445 25.35 -30.76 -8.22
C VAL B 445 26.41 -30.54 -7.17
N ASP B 446 27.40 -29.72 -7.47
CA ASP B 446 28.41 -29.40 -6.50
C ASP B 446 27.85 -28.48 -5.42
N ILE B 447 28.28 -28.71 -4.18
CA ILE B 447 28.02 -27.80 -3.07
C ILE B 447 29.25 -26.98 -2.77
N LEU B 448 29.05 -25.66 -2.62
CA LEU B 448 30.14 -24.69 -2.36
C LEU B 448 30.02 -24.11 -1.00
N VAL B 449 31.09 -24.25 -0.26
CA VAL B 449 31.11 -23.86 1.11
C VAL B 449 32.15 -22.77 1.23
N PRO B 450 31.71 -21.50 1.42
CA PRO B 450 32.65 -20.38 1.62
C PRO B 450 33.29 -20.47 2.97
N SER B 451 34.61 -20.34 2.98
CA SER B 451 35.37 -20.29 4.19
C SER B 451 35.17 -18.95 4.85
N MET B 452 34.90 -17.89 4.10
CA MET B 452 34.42 -16.63 4.70
C MET B 452 32.89 -16.69 4.80
N HIS B 453 32.38 -17.13 5.96
CA HIS B 453 30.93 -17.55 6.06
C HIS B 453 29.94 -16.41 6.47
N GLU B 454 30.43 -15.19 6.63
CA GLU B 454 29.64 -14.03 6.99
C GLU B 454 28.89 -13.51 5.75
N THR B 455 28.05 -14.39 5.20
CA THR B 455 27.47 -14.20 3.87
C THR B 455 26.42 -13.14 3.86
N THR B 456 25.64 -13.10 4.93
CA THR B 456 24.58 -12.13 5.08
C THR B 456 25.15 -10.75 5.16
N ALA B 457 26.11 -10.58 6.03
CA ALA B 457 26.70 -9.27 6.18
C ALA B 457 27.38 -8.89 4.86
N LEU B 458 28.02 -9.88 4.20
CA LEU B 458 28.72 -9.62 2.97
C LEU B 458 27.76 -9.11 1.90
N GLY B 459 26.56 -9.63 1.86
CA GLY B 459 25.62 -9.26 0.81
C GLY B 459 25.43 -7.77 0.80
N ALA B 460 25.19 -7.22 1.99
CA ALA B 460 24.94 -5.81 2.18
C ALA B 460 26.17 -4.99 1.88
N ALA B 461 27.31 -5.46 2.34
CA ALA B 461 28.52 -4.72 2.04
C ALA B 461 28.82 -4.74 0.52
N LEU B 462 28.46 -5.80 -0.21
CA LEU B 462 28.66 -5.83 -1.66
C LEU B 462 27.77 -4.81 -2.34
N CYS B 463 26.50 -4.77 -1.92
CA CYS B 463 25.60 -3.80 -2.48
C CYS B 463 26.17 -2.37 -2.28
N ALA B 464 26.67 -2.10 -1.10
CA ALA B 464 27.09 -0.78 -0.77
C ALA B 464 28.33 -0.43 -1.57
N GLY B 465 29.25 -1.37 -1.64
CA GLY B 465 30.58 -1.17 -2.18
C GLY B 465 30.46 -1.03 -3.70
N LEU B 466 29.43 -1.66 -4.26
CA LEU B 466 29.13 -1.56 -5.66
C LEU B 466 28.65 -0.17 -5.98
N ALA B 467 27.72 0.33 -5.21
CA ALA B 467 27.21 1.63 -5.50
C ALA B 467 28.32 2.65 -5.28
N ALA B 468 29.25 2.36 -4.37
CA ALA B 468 30.31 3.32 -4.06
C ALA B 468 31.56 3.17 -4.92
N GLY B 469 31.58 2.21 -5.86
CA GLY B 469 32.72 1.98 -6.72
C GLY B 469 33.91 1.24 -6.10
N VAL B 470 33.72 0.58 -4.95
CA VAL B 470 34.79 -0.25 -4.39
C VAL B 470 35.06 -1.48 -5.23
N TRP B 471 33.97 -2.04 -5.75
CA TRP B 471 34.00 -3.09 -6.77
C TRP B 471 33.16 -2.50 -7.89
N THR B 472 33.55 -2.72 -9.14
CA THR B 472 32.94 -2.02 -10.29
C THR B 472 31.98 -2.92 -11.10
N SER B 473 32.04 -4.24 -10.94
CA SER B 473 31.03 -5.10 -11.54
C SER B 473 30.81 -6.36 -10.68
N LEU B 474 29.74 -7.08 -10.98
CA LEU B 474 29.47 -8.33 -10.38
C LEU B 474 30.54 -9.34 -10.69
N GLU B 475 31.12 -9.26 -11.88
CA GLU B 475 32.20 -10.19 -12.24
C GLU B 475 33.43 -9.96 -11.40
N GLU B 476 33.76 -8.69 -11.17
CA GLU B 476 34.89 -8.36 -10.31
C GLU B 476 34.67 -8.88 -8.84
N VAL B 477 33.45 -8.71 -8.34
CA VAL B 477 33.06 -9.22 -7.04
C VAL B 477 33.38 -10.70 -6.94
N LYS B 478 33.01 -11.44 -7.98
CA LYS B 478 33.25 -12.87 -7.97
C LYS B 478 34.70 -13.19 -8.03
N ALA B 479 35.41 -12.48 -8.90
CA ALA B 479 36.84 -12.74 -9.09
C ALA B 479 37.59 -12.39 -7.81
N VAL B 480 37.24 -11.26 -7.19
CA VAL B 480 37.84 -10.98 -5.85
C VAL B 480 37.54 -12.11 -4.87
N SER B 481 36.31 -12.58 -4.83
CA SER B 481 35.98 -13.68 -3.86
C SER B 481 36.81 -14.88 -4.18
N ARG B 482 36.91 -15.16 -5.47
CA ARG B 482 37.59 -16.40 -5.89
C ARG B 482 39.08 -16.26 -5.56
N ARG B 483 39.65 -15.07 -5.71
CA ARG B 483 41.08 -14.87 -5.43
C ARG B 483 41.41 -14.84 -3.92
N GLU B 484 40.54 -14.25 -3.09
CA GLU B 484 40.94 -13.95 -1.72
C GLU B 484 40.43 -14.86 -0.64
N ASN B 485 39.25 -15.43 -0.83
CA ASN B 485 38.59 -16.26 0.19
C ASN B 485 38.41 -17.67 -0.34
N SER B 486 38.86 -18.66 0.41
CA SER B 486 38.83 -20.04 0.01
C SER B 486 37.38 -20.51 -0.03
N TRP B 487 37.04 -21.31 -1.03
CA TRP B 487 35.80 -22.06 -1.04
C TRP B 487 36.15 -23.54 -1.14
N LYS B 488 35.39 -24.37 -0.45
CA LYS B 488 35.51 -25.82 -0.50
C LYS B 488 34.47 -26.27 -1.51
N THR B 489 34.82 -27.21 -2.35
CA THR B 489 33.77 -27.79 -3.17
C THR B 489 33.47 -29.24 -2.74
N VAL B 490 32.18 -29.54 -2.68
CA VAL B 490 31.73 -30.83 -2.23
C VAL B 490 30.88 -31.35 -3.34
N SER B 491 31.33 -32.46 -3.90
CA SER B 491 30.86 -32.98 -5.18
C SER B 491 29.96 -34.14 -4.88
N PRO B 492 29.01 -34.43 -5.77
CA PRO B 492 28.21 -35.63 -5.50
C PRO B 492 29.07 -36.89 -5.37
N SER B 493 28.61 -37.85 -4.59
CA SER B 493 29.43 -39.01 -4.29
C SER B 493 28.71 -40.22 -3.75
N GLY B 494 27.49 -40.48 -4.14
CA GLY B 494 26.94 -41.80 -3.82
C GLY B 494 26.60 -42.47 -5.14
N SER B 495 25.58 -43.30 -5.12
CA SER B 495 25.11 -43.93 -6.31
C SER B 495 23.73 -43.46 -6.59
N ALA B 496 23.42 -43.35 -7.88
CA ALA B 496 22.05 -43.11 -8.31
C ALA B 496 21.10 -44.15 -7.72
N MET B 497 21.59 -45.37 -7.56
CA MET B 497 20.73 -46.43 -7.05
C MET B 497 20.39 -46.12 -5.59
N GLU B 498 21.41 -45.82 -4.78
CA GLU B 498 21.18 -45.45 -3.40
C GLU B 498 20.25 -44.24 -3.27
N ARG B 499 20.43 -43.25 -4.12
CA ARG B 499 19.64 -42.03 -4.09
C ARG B 499 18.17 -42.31 -4.35
N GLU B 500 17.91 -43.19 -5.30
CA GLU B 500 16.55 -43.51 -5.71
C GLU B 500 15.85 -44.19 -4.55
N ALA B 501 16.59 -45.09 -3.90
CA ALA B 501 16.08 -45.85 -2.79
C ALA B 501 15.83 -44.98 -1.56
N MET B 502 16.77 -44.09 -1.24
CA MET B 502 16.59 -43.23 -0.09
C MET B 502 15.37 -42.31 -0.30
N ILE B 503 15.17 -41.86 -1.54
CA ILE B 503 13.96 -41.10 -1.91
C ILE B 503 12.64 -41.91 -1.85
N ALA B 504 12.63 -43.14 -2.31
CA ALA B 504 11.46 -43.98 -2.18
C ALA B 504 11.11 -44.24 -0.73
N GLU B 505 12.11 -44.51 0.11
CA GLU B 505 11.88 -44.65 1.58
C GLU B 505 11.29 -43.40 2.19
N TRP B 506 11.87 -42.27 1.82
CA TRP B 506 11.45 -40.99 2.32
C TRP B 506 9.95 -40.71 2.01
N ARG B 507 9.56 -40.92 0.77
CA ARG B 507 8.20 -40.62 0.29
C ARG B 507 7.18 -41.50 0.97
N GLU B 508 7.52 -42.76 1.21
CA GLU B 508 6.67 -43.63 2.03
C GLU B 508 6.54 -43.11 3.42
N ALA B 509 7.66 -42.78 4.02
CA ALA B 509 7.70 -42.41 5.42
C ALA B 509 6.84 -41.17 5.67
N LEU B 510 6.79 -40.28 4.68
CA LEU B 510 5.95 -39.06 4.77
C LEU B 510 4.47 -39.36 5.00
N LYS B 511 3.95 -40.43 4.42
CA LYS B 511 2.55 -40.88 4.69
C LYS B 511 2.23 -41.25 6.14
N ARG B 512 3.24 -41.51 6.98
CA ARG B 512 3.01 -41.95 8.36
C ARG B 512 3.10 -40.84 9.39
N THR B 513 3.31 -39.61 8.92
CA THR B 513 3.62 -38.47 9.81
C THR B 513 2.47 -37.64 10.32
N LYS B 514 1.29 -37.77 9.70
CA LYS B 514 0.11 -37.03 10.16
C LYS B 514 -0.30 -37.53 11.51
N TRP B 515 -0.43 -36.64 12.48
CA TRP B 515 -0.77 -37.05 13.86
C TRP B 515 -1.71 -36.10 14.61
N ALA B 516 -1.26 -34.88 14.83
CA ALA B 516 -1.94 -33.84 15.61
C ALA B 516 -3.37 -33.54 15.15
N LYS B 517 -4.33 -33.63 16.09
CA LYS B 517 -5.77 -33.47 15.85
C LYS B 517 -6.28 -34.50 14.84
N PHE C 5 -55.20 70.20 17.11
CA PHE C 5 -56.40 69.37 16.82
C PHE C 5 -57.02 69.58 15.42
N THR C 6 -56.28 69.24 14.37
CA THR C 6 -56.78 69.41 12.99
C THR C 6 -56.04 68.49 11.97
N MET C 7 -54.71 68.59 11.95
CA MET C 7 -53.74 67.68 11.26
C MET C 7 -52.74 68.47 10.44
N LYS C 8 -51.58 68.78 11.03
CA LYS C 8 -50.61 69.67 10.41
C LYS C 8 -49.85 68.95 9.28
N TYR C 9 -49.29 69.75 8.38
CA TYR C 9 -48.49 69.27 7.25
C TYR C 9 -47.22 70.07 7.13
N VAL C 10 -46.14 69.40 6.74
CA VAL C 10 -44.84 70.07 6.53
C VAL C 10 -44.32 69.68 5.15
N GLY C 11 -43.80 70.67 4.43
CA GLY C 11 -43.32 70.50 3.06
C GLY C 11 -41.82 70.47 3.02
N SER C 12 -41.28 69.55 2.21
CA SER C 12 -39.85 69.40 1.96
C SER C 12 -39.53 69.53 0.44
N ILE C 13 -38.73 70.52 0.10
CA ILE C 13 -38.20 70.65 -1.24
C ILE C 13 -36.90 69.85 -1.26
N ASP C 14 -36.85 68.80 -2.07
CA ASP C 14 -35.69 67.92 -2.13
C ASP C 14 -35.06 68.12 -3.54
N GLN C 15 -33.99 68.92 -3.57
CA GLN C 15 -33.43 69.43 -4.78
C GLN C 15 -32.15 68.67 -5.00
N GLY C 16 -32.22 67.65 -5.83
CA GLY C 16 -31.09 66.80 -6.09
C GLY C 16 -30.33 67.12 -7.37
N THR C 17 -29.38 66.25 -7.69
CA THR C 17 -28.49 66.46 -8.79
C THR C 17 -29.20 66.42 -10.17
N THR C 18 -30.17 65.50 -10.35
CA THR C 18 -30.82 65.33 -11.68
C THR C 18 -32.30 65.61 -11.64
N SER C 19 -32.88 65.76 -10.43
CA SER C 19 -34.27 66.18 -10.30
C SER C 19 -34.60 66.89 -8.99
N THR C 20 -35.78 67.48 -8.99
CA THR C 20 -36.34 68.12 -7.83
C THR C 20 -37.68 67.46 -7.49
N ARG C 21 -37.91 67.39 -6.18
CA ARG C 21 -39.16 66.89 -5.65
C ARG C 21 -39.64 67.82 -4.55
N PHE C 22 -40.96 67.85 -4.40
CA PHE C 22 -41.62 68.44 -3.23
C PHE C 22 -42.45 67.34 -2.62
N ILE C 23 -42.19 67.08 -1.35
CA ILE C 23 -42.88 66.05 -0.60
C ILE C 23 -43.52 66.70 0.60
N ILE C 24 -44.82 66.56 0.68
CA ILE C 24 -45.60 66.98 1.84
C ILE C 24 -45.68 65.80 2.81
N PHE C 25 -45.22 66.04 4.02
CA PHE C 25 -45.38 65.05 5.13
C PHE C 25 -46.50 65.47 6.11
N ASP C 26 -47.18 64.50 6.70
CA ASP C 26 -48.04 64.82 7.88
C ASP C 26 -47.24 64.74 9.18
N GLU C 27 -47.90 65.04 10.29
CA GLU C 27 -47.22 65.09 11.61
C GLU C 27 -46.79 63.72 12.09
N ARG C 28 -47.44 62.68 11.58
CA ARG C 28 -47.01 61.29 11.73
C ARG C 28 -45.79 60.94 10.85
N GLN C 29 -45.19 61.94 10.20
CA GLN C 29 -44.06 61.71 9.28
C GLN C 29 -44.41 60.77 8.09
N ARG C 30 -45.66 60.73 7.63
CA ARG C 30 -45.94 59.97 6.40
C ARG C 30 -45.90 60.95 5.23
N PRO C 31 -45.31 60.53 4.10
CA PRO C 31 -45.37 61.35 2.93
C PRO C 31 -46.72 61.18 2.33
N VAL C 32 -47.45 62.28 2.16
CA VAL C 32 -48.85 62.18 1.76
C VAL C 32 -49.06 62.73 0.33
N SER C 33 -48.09 63.53 -0.13
CA SER C 33 -48.02 64.01 -1.51
C SER C 33 -46.59 64.29 -1.96
N VAL C 34 -46.37 63.97 -3.24
CA VAL C 34 -45.10 64.13 -3.88
C VAL C 34 -45.33 64.57 -5.32
N HIS C 35 -44.50 65.50 -5.79
CA HIS C 35 -44.32 65.62 -7.21
C HIS C 35 -42.85 65.81 -7.52
N GLN C 36 -42.45 65.36 -8.74
CA GLN C 36 -41.07 65.32 -9.21
C GLN C 36 -40.91 66.01 -10.60
N VAL C 37 -39.84 66.78 -10.78
CA VAL C 37 -39.56 67.39 -12.12
C VAL C 37 -38.05 67.38 -12.37
N PRO C 38 -37.59 66.78 -13.49
CA PRO C 38 -36.14 66.62 -13.83
C PRO C 38 -35.58 67.96 -14.31
N HIS C 39 -34.28 68.21 -14.13
CA HIS C 39 -33.65 69.37 -14.78
C HIS C 39 -32.46 68.88 -15.66
N THR C 40 -32.00 69.77 -16.53
CA THR C 40 -31.06 69.43 -17.60
C THR C 40 -29.66 69.30 -17.12
N GLN C 41 -28.98 68.25 -17.53
CA GLN C 41 -27.58 68.05 -17.15
C GLN C 41 -26.61 68.54 -18.25
N HIS C 42 -26.22 69.82 -18.20
CA HIS C 42 -25.39 70.41 -19.24
C HIS C 42 -23.96 69.99 -19.06
N THR C 43 -23.43 69.32 -20.09
CA THR C 43 -22.02 68.90 -20.16
C THR C 43 -21.32 69.61 -21.35
N PRO C 44 -20.95 70.89 -21.18
CA PRO C 44 -20.41 71.66 -22.32
C PRO C 44 -19.00 71.17 -22.78
N HIS C 45 -18.20 70.64 -21.86
CA HIS C 45 -16.90 69.97 -22.14
C HIS C 45 -16.79 68.68 -21.33
N PRO C 46 -15.96 67.70 -21.76
CA PRO C 46 -15.85 66.48 -20.96
C PRO C 46 -15.46 66.78 -19.52
N GLY C 47 -16.13 66.14 -18.56
CA GLY C 47 -15.94 66.37 -17.15
C GLY C 47 -16.58 67.66 -16.59
N TRP C 48 -17.29 68.42 -17.39
CA TRP C 48 -17.94 69.60 -16.84
C TRP C 48 -19.40 69.26 -16.66
N LEU C 49 -20.02 69.80 -15.63
CA LEU C 49 -21.46 69.63 -15.40
C LEU C 49 -21.99 70.89 -14.77
N GLU C 50 -23.09 71.40 -15.32
CA GLU C 50 -23.62 72.70 -15.02
C GLU C 50 -25.13 72.54 -14.97
N HIS C 51 -25.78 73.23 -14.03
CA HIS C 51 -27.22 73.38 -14.06
C HIS C 51 -27.67 74.83 -14.32
N ASP C 52 -28.87 74.93 -14.83
CA ASP C 52 -29.56 76.16 -15.04
C ASP C 52 -30.36 76.52 -13.75
N PRO C 53 -29.97 77.59 -13.05
CA PRO C 53 -30.57 77.89 -11.75
C PRO C 53 -32.03 78.26 -11.80
N MET C 54 -32.42 78.92 -12.87
CA MET C 54 -33.83 79.24 -13.06
C MET C 54 -34.66 78.00 -13.30
N GLU C 55 -34.10 77.05 -14.04
CA GLU C 55 -34.82 75.79 -14.27
C GLU C 55 -35.00 75.00 -12.93
N ILE C 56 -34.05 75.14 -12.03
CA ILE C 56 -34.17 74.43 -10.76
C ILE C 56 -35.24 75.05 -9.88
N PHE C 57 -35.26 76.39 -9.89
CA PHE C 57 -36.23 77.16 -9.09
C PHE C 57 -37.64 76.91 -9.59
N ARG C 58 -37.79 76.99 -10.91
CA ARG C 58 -39.04 76.62 -11.52
C ARG C 58 -39.48 75.22 -11.23
N SER C 59 -38.55 74.24 -11.24
CA SER C 59 -38.91 72.84 -10.95
C SER C 59 -39.52 72.73 -9.54
N ALA C 60 -38.84 73.31 -8.60
CA ALA C 60 -39.32 73.39 -7.22
C ALA C 60 -40.73 73.97 -7.14
N CYS C 61 -40.94 75.12 -7.78
CA CYS C 61 -42.23 75.81 -7.74
C CYS C 61 -43.32 74.95 -8.30
N LYS C 62 -43.03 74.29 -9.41
CA LYS C 62 -44.01 73.40 -10.03
C LYS C 62 -44.29 72.21 -9.14
N CYS C 63 -43.26 71.73 -8.48
CA CYS C 63 -43.36 70.58 -7.58
C CYS C 63 -44.29 70.91 -6.41
N MET C 64 -44.15 72.12 -5.91
CA MET C 64 -44.93 72.56 -4.75
C MET C 64 -46.38 72.74 -5.18
N SER C 65 -46.58 73.36 -6.34
CA SER C 65 -47.92 73.69 -6.75
C SER C 65 -48.71 72.46 -7.18
N VAL C 66 -48.05 71.45 -7.73
CA VAL C 66 -48.76 70.21 -8.08
C VAL C 66 -49.00 69.28 -6.86
N ALA C 67 -48.02 69.16 -5.99
CA ALA C 67 -48.17 68.24 -4.89
C ALA C 67 -49.26 68.77 -3.93
N ILE C 68 -49.30 70.09 -3.72
CA ILE C 68 -50.38 70.72 -2.94
C ILE C 68 -51.72 70.47 -3.61
N ALA C 69 -51.78 70.74 -4.92
CA ALA C 69 -53.02 70.44 -5.64
C ALA C 69 -53.48 68.98 -5.40
N LYS C 70 -52.58 68.01 -5.35
CA LYS C 70 -52.99 66.61 -5.20
C LYS C 70 -53.43 66.22 -3.77
N LEU C 71 -52.80 66.87 -2.79
CA LEU C 71 -53.15 66.73 -1.38
C LEU C 71 -54.59 67.24 -1.18
N ARG C 72 -54.83 68.46 -1.66
CA ARG C 72 -56.09 69.18 -1.57
C ARG C 72 -57.25 68.32 -2.01
N GLN C 73 -57.01 67.47 -2.97
CA GLN C 73 -58.04 66.59 -3.45
C GLN C 73 -58.19 65.29 -2.64
N LYS C 74 -57.12 64.82 -2.00
CA LYS C 74 -57.32 63.70 -1.07
C LYS C 74 -57.73 64.11 0.39
N ASP C 75 -57.54 65.39 0.72
CA ASP C 75 -57.86 66.00 2.00
C ASP C 75 -58.34 67.43 1.73
N ALA C 76 -59.65 67.58 1.51
CA ALA C 76 -60.19 68.86 1.10
C ALA C 76 -60.38 69.89 2.23
N SER C 77 -60.05 69.51 3.48
CA SER C 77 -59.86 70.51 4.58
C SER C 77 -58.49 71.18 4.58
N PHE C 78 -57.48 70.40 4.22
CA PHE C 78 -56.14 70.95 4.14
C PHE C 78 -56.23 72.32 3.50
N ARG C 79 -55.81 73.32 4.27
CA ARG C 79 -55.88 74.70 3.84
C ARG C 79 -54.50 75.39 3.89
N LYS C 80 -53.51 74.76 4.47
CA LYS C 80 -52.14 75.30 4.53
C LYS C 80 -51.12 74.30 5.06
N ILE C 81 -49.87 74.66 4.84
CA ILE C 81 -48.70 73.92 5.23
C ILE C 81 -48.07 74.72 6.30
N GLU C 82 -47.76 74.07 7.40
CA GLU C 82 -47.17 74.77 8.56
C GLU C 82 -45.81 75.38 8.25
N ALA C 83 -44.97 74.65 7.56
CA ALA C 83 -43.69 75.23 7.16
C ALA C 83 -43.04 74.47 6.02
N ILE C 84 -42.03 75.09 5.45
CA ILE C 84 -41.27 74.50 4.39
C ILE C 84 -39.83 74.31 4.80
N GLY C 85 -39.33 73.11 4.58
CA GLY C 85 -37.88 72.84 4.59
C GLY C 85 -37.28 72.60 3.21
N ILE C 86 -35.99 72.88 3.12
CA ILE C 86 -35.24 72.70 1.91
C ILE C 86 -34.11 71.74 2.17
N THR C 87 -33.92 70.77 1.28
CA THR C 87 -32.73 69.98 1.25
C THR C 87 -32.18 69.84 -0.19
N ASN C 88 -30.87 69.93 -0.32
CA ASN C 88 -30.28 70.21 -1.60
C ASN C 88 -28.98 69.51 -1.87
N GLN C 89 -28.72 69.22 -3.16
CA GLN C 89 -27.37 68.81 -3.62
C GLN C 89 -26.43 69.88 -3.10
N ARG C 90 -25.36 69.47 -2.46
CA ARG C 90 -24.37 70.42 -1.86
C ARG C 90 -23.28 70.84 -2.85
N GLU C 91 -22.43 71.76 -2.38
CA GLU C 91 -21.33 72.37 -3.16
C GLU C 91 -21.67 73.09 -4.45
N THR C 92 -22.65 72.59 -5.17
CA THR C 92 -23.08 73.20 -6.41
C THR C 92 -23.37 74.66 -6.09
N THR C 93 -22.96 75.56 -6.97
CA THR C 93 -22.79 76.99 -6.64
C THR C 93 -23.36 77.91 -7.70
N VAL C 94 -24.29 78.76 -7.26
CA VAL C 94 -24.94 79.75 -8.13
C VAL C 94 -24.38 81.21 -7.95
N ALA C 95 -24.17 81.87 -9.08
CA ALA C 95 -23.87 83.29 -9.18
C ALA C 95 -25.10 84.08 -9.66
N TRP C 96 -25.54 85.07 -8.89
CA TRP C 96 -26.67 85.91 -9.30
C TRP C 96 -26.57 87.40 -8.93
N ASP C 97 -27.41 88.16 -9.63
CA ASP C 97 -27.42 89.62 -9.52
C ASP C 97 -28.39 90.07 -8.44
N ARG C 98 -27.89 90.87 -7.51
CA ARG C 98 -28.68 91.54 -6.47
C ARG C 98 -29.84 92.40 -7.04
N VAL C 99 -29.71 92.95 -8.26
CA VAL C 99 -30.81 93.78 -8.80
C VAL C 99 -31.61 93.16 -9.94
N THR C 100 -31.01 92.53 -10.95
CA THR C 100 -31.86 91.77 -11.89
C THR C 100 -32.58 90.64 -11.12
N LYS C 101 -31.90 90.08 -10.13
CA LYS C 101 -32.37 88.91 -9.38
C LYS C 101 -32.19 87.63 -10.24
N GLU C 102 -31.53 87.75 -11.38
CA GLU C 102 -31.33 86.64 -12.33
C GLU C 102 -29.93 86.03 -12.08
N PRO C 103 -29.70 84.77 -12.52
CA PRO C 103 -28.33 84.27 -12.52
C PRO C 103 -27.48 84.90 -13.56
N LEU C 104 -26.20 85.08 -13.24
CA LEU C 104 -25.20 85.57 -14.18
C LEU C 104 -24.68 84.52 -15.18
N CYS C 105 -24.79 83.23 -14.82
CA CYS C 105 -24.34 82.12 -15.69
C CYS C 105 -24.93 80.81 -15.12
N TYR C 106 -24.61 79.69 -15.75
CA TYR C 106 -25.00 78.38 -15.25
C TYR C 106 -24.18 77.99 -14.03
N ALA C 107 -24.71 77.07 -13.24
CA ALA C 107 -24.18 76.71 -11.92
C ALA C 107 -23.30 75.49 -11.99
N PRO C 108 -21.97 75.65 -11.85
CA PRO C 108 -21.14 74.46 -11.83
C PRO C 108 -21.56 73.56 -10.68
N VAL C 109 -21.71 72.30 -11.00
CA VAL C 109 -22.23 71.29 -10.10
C VAL C 109 -21.14 70.65 -9.25
N TRP C 110 -21.50 70.08 -8.11
CA TRP C 110 -20.49 69.49 -7.20
C TRP C 110 -19.40 68.67 -7.86
N ASN C 111 -19.76 67.76 -8.79
CA ASN C 111 -18.76 66.89 -9.41
C ASN C 111 -18.15 67.46 -10.64
N ASP C 112 -18.40 68.72 -10.92
CA ASP C 112 -17.75 69.39 -12.04
C ASP C 112 -16.21 69.54 -11.87
N LEU C 113 -15.50 69.48 -13.00
CA LEU C 113 -14.03 69.39 -12.98
C LEU C 113 -13.36 70.60 -13.63
N ARG C 114 -14.10 71.68 -13.84
CA ARG C 114 -13.50 72.86 -14.50
C ARG C 114 -12.54 73.59 -13.55
N THR C 115 -12.70 73.34 -12.26
CA THR C 115 -11.95 73.97 -11.23
C THR C 115 -10.63 73.25 -10.99
N TYR C 116 -10.25 72.31 -11.86
CA TYR C 116 -9.00 71.55 -11.69
C TYR C 116 -7.76 72.45 -11.48
N ASP C 117 -7.48 73.28 -12.45
CA ASP C 117 -6.37 74.24 -12.39
C ASP C 117 -6.37 75.14 -11.18
N ILE C 118 -7.45 75.88 -11.01
CA ILE C 118 -7.57 76.73 -9.83
C ILE C 118 -7.24 75.94 -8.59
N THR C 119 -7.62 74.67 -8.57
CA THR C 119 -7.36 73.86 -7.40
C THR C 119 -5.87 73.57 -7.19
N LYS C 120 -5.12 73.34 -8.27
CA LYS C 120 -3.68 73.07 -8.18
C LYS C 120 -2.95 74.33 -7.72
N LYS C 121 -3.23 75.45 -8.41
CA LYS C 121 -2.80 76.77 -7.99
C LYS C 121 -3.04 77.04 -6.47
N VAL C 122 -4.21 76.71 -5.93
CA VAL C 122 -4.51 76.95 -4.49
C VAL C 122 -3.65 76.08 -3.56
N THR C 123 -3.58 74.79 -3.86
CA THR C 123 -2.74 73.90 -3.06
C THR C 123 -1.28 74.44 -3.09
N ALA C 124 -0.81 74.81 -4.29
CA ALA C 124 0.56 75.26 -4.52
C ALA C 124 0.86 76.58 -3.81
N GLU C 125 0.36 77.67 -4.38
CA GLU C 125 0.64 79.03 -3.91
C GLU C 125 0.14 79.33 -2.51
N LEU C 126 -0.87 78.59 -2.02
CA LEU C 126 -1.46 78.89 -0.69
C LEU C 126 -1.25 77.79 0.35
N GLY C 127 -0.87 76.59 -0.06
CA GLY C 127 -0.77 75.50 0.91
C GLY C 127 0.62 74.92 1.09
N GLY C 128 1.64 75.55 0.50
CA GLY C 128 3.00 74.98 0.51
C GLY C 128 3.01 73.57 -0.09
N GLY C 129 2.20 73.40 -1.15
CA GLY C 129 1.90 72.11 -1.74
C GLY C 129 1.06 71.15 -0.91
N ASP C 130 0.55 71.58 0.26
CA ASP C 130 -0.34 70.78 1.14
C ASP C 130 -1.86 71.10 1.05
N SER C 131 -2.62 70.14 0.55
CA SER C 131 -4.02 70.39 0.32
C SER C 131 -4.80 70.24 1.62
N MET C 132 -4.16 69.71 2.67
CA MET C 132 -4.78 69.69 4.00
C MET C 132 -4.58 71.01 4.72
N PHE C 133 -3.98 71.99 4.07
CA PHE C 133 -3.52 73.15 4.81
C PHE C 133 -4.65 73.83 5.57
N ALA C 134 -5.85 73.83 5.02
CA ALA C 134 -6.98 74.52 5.64
C ALA C 134 -7.94 73.53 6.28
N SER C 135 -7.50 72.29 6.43
CA SER C 135 -8.40 71.26 6.97
C SER C 135 -8.76 71.42 8.47
N LYS C 136 -7.85 71.96 9.27
CA LYS C 136 -8.15 72.28 10.67
C LYS C 136 -9.10 73.49 10.76
N ILE C 137 -9.07 74.38 9.76
CA ILE C 137 -10.16 75.37 9.58
C ILE C 137 -11.49 74.76 8.96
N THR C 138 -11.44 74.30 7.71
CA THR C 138 -12.67 73.93 6.95
C THR C 138 -13.22 72.54 7.25
N GLY C 139 -12.32 71.60 7.54
CA GLY C 139 -12.67 70.19 7.79
C GLY C 139 -12.46 69.41 6.51
N LEU C 140 -11.96 70.10 5.50
CA LEU C 140 -11.90 69.60 4.11
C LEU C 140 -10.55 69.82 3.48
N PRO C 141 -10.14 68.93 2.56
CA PRO C 141 -8.96 69.17 1.73
C PRO C 141 -9.32 70.04 0.55
N VAL C 142 -8.30 70.51 -0.13
CA VAL C 142 -8.54 71.26 -1.34
C VAL C 142 -9.03 70.25 -2.34
N SER C 143 -10.08 70.60 -3.07
CA SER C 143 -10.64 69.71 -4.08
C SER C 143 -11.59 70.45 -4.99
N THR C 144 -11.84 69.85 -6.15
CA THR C 144 -12.71 70.40 -7.16
C THR C 144 -14.15 70.51 -6.65
N TYR C 145 -14.51 69.70 -5.67
CA TYR C 145 -15.85 69.62 -5.19
C TYR C 145 -16.36 70.92 -4.56
N PHE C 146 -15.49 71.67 -3.87
CA PHE C 146 -16.01 72.65 -2.94
C PHE C 146 -16.30 74.04 -3.51
N ALA C 147 -17.27 74.72 -2.89
CA ALA C 147 -17.92 75.85 -3.56
C ALA C 147 -16.95 76.98 -3.83
N ALA C 148 -16.10 77.28 -2.83
CA ALA C 148 -15.14 78.41 -2.99
C ALA C 148 -14.37 78.40 -4.34
N PHE C 149 -13.97 77.23 -4.82
CA PHE C 149 -13.20 77.14 -6.11
C PHE C 149 -14.07 77.39 -7.34
N LYS C 150 -15.36 77.06 -7.21
CA LYS C 150 -16.32 77.38 -8.28
C LYS C 150 -16.55 78.91 -8.36
N MET C 151 -16.74 79.50 -7.18
CA MET C 151 -16.85 80.98 -7.04
C MET C 151 -15.68 81.64 -7.73
N ARG C 152 -14.48 81.23 -7.34
CA ARG C 152 -13.27 81.75 -7.91
C ARG C 152 -13.27 81.56 -9.43
N TRP C 153 -13.61 80.36 -9.91
CA TRP C 153 -13.62 80.09 -11.36
C TRP C 153 -14.60 80.95 -12.12
N MET C 154 -15.70 81.29 -11.46
CA MET C 154 -16.67 82.15 -12.10
C MET C 154 -16.17 83.61 -12.13
N LEU C 155 -15.53 84.06 -11.05
CA LEU C 155 -14.92 85.41 -11.07
C LEU C 155 -13.85 85.53 -12.16
N GLU C 156 -13.10 84.47 -12.38
CA GLU C 156 -12.00 84.51 -13.35
C GLU C 156 -12.43 84.23 -14.80
N ASN C 157 -13.64 83.71 -15.06
CA ASN C 157 -14.00 83.35 -16.45
C ASN C 157 -15.31 83.86 -16.98
N VAL C 158 -16.18 84.39 -16.14
CA VAL C 158 -17.48 84.90 -16.62
C VAL C 158 -17.54 86.45 -16.58
N PRO C 159 -17.55 87.12 -17.76
CA PRO C 159 -17.58 88.58 -17.75
C PRO C 159 -18.66 89.15 -16.80
N ALA C 160 -19.92 88.77 -17.03
CA ALA C 160 -21.03 89.17 -16.17
C ALA C 160 -20.74 89.04 -14.67
N VAL C 161 -19.97 88.01 -14.28
CA VAL C 161 -19.74 87.74 -12.86
C VAL C 161 -18.70 88.65 -12.23
N ALA C 162 -17.54 88.79 -12.89
CA ALA C 162 -16.52 89.80 -12.49
C ALA C 162 -17.11 91.21 -12.50
N ASP C 163 -18.00 91.48 -13.46
CA ASP C 163 -18.66 92.77 -13.56
C ASP C 163 -19.49 93.07 -12.33
N ALA C 164 -20.47 92.21 -12.06
CA ALA C 164 -21.34 92.36 -10.91
C ALA C 164 -20.56 92.46 -9.59
N CYS C 165 -19.42 91.77 -9.55
CA CYS C 165 -18.49 91.88 -8.42
C CYS C 165 -17.97 93.30 -8.25
N ARG C 166 -17.54 93.90 -9.35
CA ARG C 166 -17.01 95.25 -9.34
C ARG C 166 -18.11 96.29 -9.01
N ARG C 167 -19.33 96.05 -9.47
CA ARG C 167 -20.46 96.88 -9.12
C ARG C 167 -21.09 96.57 -7.74
N GLY C 168 -20.50 95.63 -6.97
CA GLY C 168 -21.05 95.23 -5.65
C GLY C 168 -22.51 94.75 -5.64
N THR C 169 -22.95 94.16 -6.76
CA THR C 169 -24.30 93.57 -6.91
C THR C 169 -24.29 92.03 -7.00
N LEU C 170 -23.16 91.40 -6.65
CA LEU C 170 -23.00 89.95 -6.85
C LEU C 170 -23.33 89.13 -5.62
N CYS C 171 -24.28 88.21 -5.76
CA CYS C 171 -24.46 87.16 -4.78
C CYS C 171 -23.91 85.82 -5.29
N PHE C 172 -23.29 85.07 -4.38
CA PHE C 172 -22.98 83.67 -4.61
C PHE C 172 -23.81 82.90 -3.61
N GLY C 173 -24.15 81.67 -3.95
CA GLY C 173 -24.81 80.83 -2.96
C GLY C 173 -24.83 79.39 -3.39
N THR C 174 -24.87 78.52 -2.41
CA THR C 174 -25.17 77.17 -2.70
C THR C 174 -26.70 77.06 -2.94
N ILE C 175 -27.18 75.88 -3.26
CA ILE C 175 -28.54 75.74 -3.79
C ILE C 175 -29.59 76.07 -2.73
N ASP C 176 -29.30 75.77 -1.47
CA ASP C 176 -30.21 76.18 -0.38
C ASP C 176 -30.49 77.71 -0.38
N THR C 177 -29.43 78.48 -0.57
CA THR C 177 -29.43 79.94 -0.58
C THR C 177 -30.14 80.52 -1.80
N TRP C 178 -29.73 80.06 -2.99
CA TRP C 178 -30.50 80.29 -4.21
C TRP C 178 -31.98 80.01 -4.00
N LEU C 179 -32.34 78.82 -3.54
CA LEU C 179 -33.75 78.51 -3.41
C LEU C 179 -34.42 79.54 -2.49
N MET C 180 -33.79 79.83 -1.35
CA MET C 180 -34.42 80.71 -0.34
C MET C 180 -34.49 82.16 -0.85
N TYR C 181 -33.49 82.58 -1.57
CA TYR C 181 -33.54 83.87 -2.20
C TYR C 181 -34.74 84.07 -3.14
N LYS C 182 -34.83 83.25 -4.19
CA LYS C 182 -35.90 83.35 -5.19
C LYS C 182 -37.27 83.04 -4.62
N LEU C 183 -37.34 82.12 -3.67
CA LEU C 183 -38.63 81.77 -3.07
C LEU C 183 -39.20 83.00 -2.30
N SER C 184 -38.26 83.75 -1.70
CA SER C 184 -38.52 84.97 -0.89
C SER C 184 -38.88 86.20 -1.71
N GLY C 185 -38.61 86.14 -3.01
CA GLY C 185 -38.76 87.28 -3.92
C GLY C 185 -37.53 88.15 -3.95
N GLY C 186 -36.42 87.62 -3.45
CA GLY C 186 -35.21 88.38 -3.26
C GLY C 186 -34.98 88.86 -1.84
N LYS C 187 -35.85 88.50 -0.89
CA LYS C 187 -35.80 89.07 0.49
C LYS C 187 -34.90 88.36 1.51
N ALA C 188 -34.77 87.03 1.42
CA ALA C 188 -33.80 86.33 2.26
C ALA C 188 -32.56 85.98 1.47
N PHE C 189 -31.43 85.98 2.17
CA PHE C 189 -30.12 85.72 1.61
C PHE C 189 -29.31 85.02 2.70
N VAL C 190 -29.59 83.74 2.89
CA VAL C 190 -29.11 82.96 4.01
C VAL C 190 -28.69 81.54 3.60
N THR C 191 -27.89 80.91 4.44
CA THR C 191 -27.51 79.51 4.28
C THR C 191 -27.46 78.86 5.67
N ASP C 192 -27.72 77.55 5.72
CA ASP C 192 -27.57 76.79 6.98
C ASP C 192 -26.13 76.29 7.11
N VAL C 193 -25.81 75.74 8.29
CA VAL C 193 -24.39 75.47 8.62
C VAL C 193 -23.82 74.26 7.87
N THR C 194 -24.67 73.28 7.62
CA THR C 194 -24.29 72.10 6.83
C THR C 194 -23.87 72.55 5.45
N ASN C 195 -24.67 73.38 4.76
CA ASN C 195 -24.28 73.79 3.39
C ASN C 195 -23.09 74.67 3.43
N ALA C 196 -23.00 75.54 4.46
CA ALA C 196 -21.90 76.49 4.52
C ALA C 196 -20.58 75.79 4.86
N SER C 197 -20.62 74.75 5.67
CA SER C 197 -19.42 73.85 5.85
C SER C 197 -18.83 73.19 4.61
N ARG C 198 -19.46 73.37 3.45
CA ARG C 198 -18.98 72.74 2.20
C ARG C 198 -18.43 73.79 1.25
N THR C 199 -18.41 75.05 1.68
CA THR C 199 -17.99 76.17 0.79
C THR C 199 -16.47 76.24 0.66
N PHE C 200 -15.80 75.67 1.66
CA PHE C 200 -14.39 75.90 1.97
C PHE C 200 -14.15 77.29 2.63
N LEU C 201 -15.24 78.00 2.96
CA LEU C 201 -15.11 79.36 3.53
C LEU C 201 -15.55 79.51 5.00
N MET C 202 -16.01 78.42 5.59
CA MET C 202 -16.50 78.44 6.95
C MET C 202 -15.57 77.68 7.88
N ASP C 203 -15.32 78.29 9.04
CA ASP C 203 -14.61 77.68 10.15
C ASP C 203 -15.49 76.61 10.78
N LEU C 204 -15.06 75.36 10.70
CA LEU C 204 -15.87 74.22 11.16
C LEU C 204 -16.33 74.30 12.64
N ARG C 205 -15.49 74.83 13.53
CA ARG C 205 -15.83 74.88 14.98
C ARG C 205 -16.63 76.13 15.36
N THR C 206 -16.27 77.28 14.80
CA THR C 206 -17.00 78.51 15.12
C THR C 206 -18.30 78.65 14.27
N ARG C 207 -18.37 77.89 13.17
CA ARG C 207 -19.53 77.90 12.27
C ARG C 207 -19.77 79.33 11.85
N LYS C 208 -18.67 79.99 11.51
CA LYS C 208 -18.74 81.31 10.93
C LYS C 208 -17.71 81.46 9.83
N TRP C 209 -17.91 82.43 8.94
CA TRP C 209 -16.99 82.70 7.83
C TRP C 209 -15.66 83.04 8.40
N SER C 210 -14.62 82.71 7.63
CA SER C 210 -13.24 82.90 7.99
C SER C 210 -12.68 83.97 7.08
N PRO C 211 -12.45 85.19 7.63
CA PRO C 211 -11.86 86.25 6.81
C PRO C 211 -10.52 85.85 6.24
N GLU C 212 -9.74 85.05 6.97
CA GLU C 212 -8.48 84.50 6.46
C GLU C 212 -8.73 83.88 5.07
N LEU C 213 -9.63 82.89 5.04
CA LEU C 213 -9.83 82.12 3.80
C LEU C 213 -10.44 82.94 2.66
N CYS C 214 -11.50 83.74 2.92
CA CYS C 214 -12.10 84.56 1.85
C CYS C 214 -11.10 85.52 1.28
N GLU C 215 -10.18 85.96 2.14
CA GLU C 215 -9.09 86.83 1.71
C GLU C 215 -8.09 86.09 0.79
N LYS C 216 -7.46 85.05 1.33
CA LYS C 216 -6.44 84.31 0.57
C LYS C 216 -6.98 83.80 -0.78
N LEU C 217 -8.23 83.32 -0.79
CA LEU C 217 -8.83 82.78 -2.03
C LEU C 217 -9.45 83.85 -2.93
N LYS C 218 -9.48 85.10 -2.46
CA LYS C 218 -9.83 86.26 -3.31
C LYS C 218 -11.34 86.25 -3.64
N ILE C 219 -12.13 86.12 -2.58
CA ILE C 219 -13.55 86.07 -2.68
C ILE C 219 -14.09 87.05 -1.65
N PRO C 220 -14.69 88.17 -2.12
CA PRO C 220 -15.14 89.23 -1.20
C PRO C 220 -16.35 88.86 -0.36
N MET C 221 -16.27 89.03 0.94
CA MET C 221 -17.31 88.54 1.86
C MET C 221 -18.71 89.16 1.69
N GLU C 222 -18.80 90.19 0.83
CA GLU C 222 -20.05 90.91 0.56
C GLU C 222 -21.00 90.01 -0.18
N THR C 223 -20.43 89.16 -1.04
CA THR C 223 -21.14 88.12 -1.81
C THR C 223 -21.75 86.99 -0.98
N LEU C 224 -21.27 86.78 0.24
CA LEU C 224 -21.68 85.60 1.03
C LEU C 224 -22.93 85.82 1.90
N PRO C 225 -23.76 84.78 2.06
CA PRO C 225 -24.95 85.02 2.84
C PRO C 225 -24.73 84.83 4.33
N GLU C 226 -25.78 85.02 5.09
CA GLU C 226 -25.72 84.86 6.52
C GLU C 226 -25.89 83.39 6.96
N ILE C 227 -24.99 82.92 7.81
CA ILE C 227 -25.10 81.61 8.35
C ILE C 227 -26.18 81.50 9.44
N ARG C 228 -26.97 80.43 9.37
CA ARG C 228 -27.93 80.14 10.42
C ARG C 228 -27.88 78.68 10.78
N SER C 229 -28.65 78.31 11.79
CA SER C 229 -28.88 76.90 12.06
C SER C 229 -29.66 76.20 10.89
N ASN C 230 -29.95 74.94 11.06
CA ASN C 230 -30.77 74.22 10.10
C ASN C 230 -32.25 74.40 10.38
N SER C 231 -32.56 74.91 11.59
CA SER C 231 -33.95 74.86 12.10
C SER C 231 -34.37 76.13 12.82
N GLU C 232 -35.07 76.99 12.08
CA GLU C 232 -35.41 78.37 12.44
C GLU C 232 -35.99 79.13 11.23
N LEU C 233 -36.40 80.37 11.45
CA LEU C 233 -37.05 81.15 10.40
C LEU C 233 -36.02 81.76 9.49
N PHE C 234 -36.08 81.39 8.21
CA PHE C 234 -35.19 81.90 7.15
C PHE C 234 -35.84 83.00 6.32
N GLY C 235 -37.14 82.89 6.10
CA GLY C 235 -37.83 83.79 5.18
C GLY C 235 -39.25 83.31 5.00
N TYR C 236 -40.03 84.01 4.18
CA TYR C 236 -41.31 83.49 3.72
C TYR C 236 -41.29 83.32 2.21
N VAL C 237 -42.17 82.45 1.71
CA VAL C 237 -42.39 82.34 0.28
C VAL C 237 -43.25 83.49 -0.19
N GLU C 238 -42.70 84.35 -1.04
CA GLU C 238 -43.42 85.52 -1.52
C GLU C 238 -43.44 85.61 -3.04
N THR C 239 -43.26 84.50 -3.72
CA THR C 239 -43.13 84.45 -5.19
C THR C 239 -44.37 83.77 -5.70
N ASP C 240 -44.77 84.14 -6.93
CA ASP C 240 -45.91 83.48 -7.59
C ASP C 240 -45.53 82.64 -8.82
N GLU C 241 -44.23 82.52 -9.11
CA GLU C 241 -43.75 81.52 -10.09
C GLU C 241 -44.56 80.21 -9.99
N CYS C 242 -45.16 79.83 -11.13
CA CYS C 242 -45.99 78.65 -11.25
C CYS C 242 -47.07 78.58 -10.20
N GLY C 243 -47.62 79.73 -9.82
CA GLY C 243 -48.77 79.78 -8.91
C GLY C 243 -48.52 79.26 -7.50
N VAL C 244 -47.29 79.40 -7.02
CA VAL C 244 -46.93 78.72 -5.79
C VAL C 244 -47.45 79.46 -4.53
N ALA C 245 -47.24 80.78 -4.43
CA ALA C 245 -47.80 81.52 -3.29
C ALA C 245 -49.33 81.39 -3.22
N ALA C 246 -50.00 81.43 -4.38
CA ALA C 246 -51.43 81.14 -4.44
C ALA C 246 -51.74 79.72 -3.97
N ALA C 247 -50.93 78.75 -4.42
CA ALA C 247 -51.16 77.35 -4.06
C ALA C 247 -50.91 77.14 -2.58
N LEU C 248 -49.87 77.78 -2.06
CA LEU C 248 -49.62 77.73 -0.63
C LEU C 248 -50.81 78.27 0.17
N ASN C 249 -51.39 79.37 -0.31
CA ASN C 249 -52.69 79.87 0.13
C ASN C 249 -52.62 80.76 1.37
N GLU C 250 -51.70 80.50 2.29
CA GLU C 250 -51.40 81.39 3.40
C GLU C 250 -49.91 81.63 3.36
N ARG C 251 -49.48 82.81 3.79
CA ARG C 251 -48.08 83.08 3.93
C ARG C 251 -47.46 81.85 4.59
N THR C 252 -46.39 81.36 3.99
CA THR C 252 -45.74 80.17 4.49
C THR C 252 -44.28 80.48 4.76
N PRO C 253 -43.84 80.15 5.95
CA PRO C 253 -42.45 80.34 6.31
C PRO C 253 -41.58 79.17 5.87
N ILE C 254 -40.35 79.49 5.51
CA ILE C 254 -39.34 78.52 5.27
C ILE C 254 -38.62 78.40 6.57
N MET C 255 -38.72 77.26 7.21
CA MET C 255 -38.10 77.06 8.51
C MET C 255 -37.11 75.88 8.57
N GLY C 256 -36.71 75.34 7.40
CA GLY C 256 -35.76 74.23 7.34
C GLY C 256 -34.78 74.34 6.18
N SER C 257 -33.49 74.21 6.49
CA SER C 257 -32.49 74.17 5.46
C SER C 257 -31.35 73.26 5.89
N ILE C 258 -31.02 72.32 5.01
CA ILE C 258 -30.11 71.24 5.32
C ILE C 258 -29.62 70.49 4.05
N GLY C 259 -28.29 70.44 3.93
CA GLY C 259 -27.55 69.71 2.92
C GLY C 259 -28.00 68.27 2.85
N ASP C 260 -28.10 67.73 1.61
CA ASP C 260 -28.83 66.49 1.39
C ASP C 260 -28.27 65.36 2.21
N GLN C 261 -26.96 65.26 2.31
CA GLN C 261 -26.42 64.07 2.98
C GLN C 261 -26.61 64.17 4.49
N GLN C 262 -26.44 65.36 5.02
CA GLN C 262 -26.77 65.58 6.44
C GLN C 262 -28.28 65.47 6.65
N SER C 263 -29.07 65.91 5.67
CA SER C 263 -30.50 65.71 5.79
C SER C 263 -30.84 64.23 5.89
N ALA C 264 -30.11 63.37 5.19
CA ALA C 264 -30.33 61.93 5.35
C ALA C 264 -29.88 61.45 6.76
N LEU C 265 -28.76 61.94 7.26
CA LEU C 265 -28.35 61.58 8.59
C LEU C 265 -29.46 61.95 9.62
N PHE C 266 -29.93 63.19 9.57
CA PHE C 266 -30.98 63.68 10.47
C PHE C 266 -32.26 62.89 10.29
N GLY C 267 -32.61 62.61 9.04
CA GLY C 267 -33.86 61.92 8.73
C GLY C 267 -33.84 60.45 9.02
N ASN C 268 -32.64 59.92 9.23
CA ASN C 268 -32.46 58.54 9.78
C ASN C 268 -32.32 58.52 11.33
N MET C 269 -32.60 59.62 12.01
CA MET C 269 -32.56 59.65 13.48
C MET C 269 -31.15 59.34 14.02
N CYS C 270 -30.09 59.82 13.38
CA CYS C 270 -28.74 59.59 13.90
C CYS C 270 -28.41 60.74 14.79
N PHE C 271 -29.11 60.83 15.91
CA PHE C 271 -28.95 62.01 16.77
C PHE C 271 -27.76 61.86 17.73
N GLU C 272 -27.29 60.62 17.98
CA GLU C 272 -26.20 60.37 18.95
C GLU C 272 -24.88 60.06 18.28
N LYS C 273 -23.80 60.57 18.85
CA LYS C 273 -22.43 60.23 18.41
C LYS C 273 -22.35 58.72 18.23
N GLY C 274 -21.75 58.30 17.12
CA GLY C 274 -21.62 56.89 16.80
C GLY C 274 -22.76 56.28 15.99
N GLU C 275 -23.86 57.00 15.83
CA GLU C 275 -24.90 56.59 14.87
C GLU C 275 -24.54 57.18 13.50
N ALA C 276 -24.86 56.44 12.47
CA ALA C 276 -24.32 56.73 11.14
C ALA C 276 -25.23 56.23 10.07
N LYS C 277 -25.04 56.74 8.86
CA LYS C 277 -25.87 56.28 7.76
C LYS C 277 -25.01 56.20 6.54
N ASN C 278 -25.38 55.28 5.66
CA ASN C 278 -24.83 55.24 4.32
C ASN C 278 -25.97 55.28 3.34
N THR C 279 -25.84 56.17 2.35
CA THR C 279 -26.75 56.22 1.21
C THR C 279 -26.06 55.55 0.02
N TYR C 280 -26.70 54.50 -0.50
CA TYR C 280 -26.16 53.74 -1.63
C TYR C 280 -26.89 54.24 -2.88
N GLY C 281 -26.47 55.37 -3.43
CA GLY C 281 -27.00 55.84 -4.72
C GLY C 281 -26.11 55.40 -5.90
N THR C 282 -25.91 56.34 -6.83
CA THR C 282 -24.91 56.23 -7.89
C THR C 282 -23.50 55.95 -7.35
N GLY C 283 -23.14 56.73 -6.34
CA GLY C 283 -22.07 56.44 -5.40
C GLY C 283 -22.63 56.27 -3.98
N CYS C 284 -21.74 56.26 -3.01
CA CYS C 284 -22.10 56.08 -1.61
C CYS C 284 -21.68 57.32 -0.85
N PHE C 285 -22.46 57.75 0.14
CA PHE C 285 -22.00 58.78 1.08
C PHE C 285 -22.29 58.26 2.47
N LEU C 286 -21.23 58.11 3.28
CA LEU C 286 -21.38 57.58 4.64
C LEU C 286 -21.11 58.71 5.62
N LEU C 287 -22.05 58.96 6.52
CA LEU C 287 -21.83 60.02 7.53
C LEU C 287 -22.09 59.45 8.88
N MET C 288 -21.19 59.80 9.80
CA MET C 288 -21.27 59.38 11.21
C MET C 288 -21.37 60.58 12.16
N ASN C 289 -22.40 60.56 13.01
CA ASN C 289 -22.50 61.58 14.05
C ASN C 289 -21.33 61.30 14.98
N VAL C 290 -20.37 62.24 15.06
CA VAL C 290 -19.21 62.12 15.97
C VAL C 290 -19.45 62.85 17.31
N GLY C 291 -20.40 63.77 17.28
CA GLY C 291 -21.06 64.26 18.46
C GLY C 291 -20.77 65.72 18.64
N GLU C 292 -20.82 66.09 19.92
CA GLU C 292 -20.71 67.44 20.45
C GLU C 292 -19.53 68.25 19.88
N GLU C 293 -18.43 67.58 19.55
CA GLU C 293 -17.23 68.29 19.10
C GLU C 293 -16.54 67.67 17.88
N ALA C 294 -16.03 68.56 17.03
CA ALA C 294 -15.50 68.20 15.74
C ALA C 294 -14.33 67.19 15.86
N ARG C 295 -14.30 66.20 14.96
CA ARG C 295 -13.22 65.25 14.87
C ARG C 295 -12.57 65.41 13.50
N PHE C 296 -11.24 65.41 13.47
CA PHE C 296 -10.47 65.51 12.24
C PHE C 296 -9.82 64.20 11.90
N SER C 297 -9.39 64.05 10.65
CA SER C 297 -9.10 62.74 10.07
C SER C 297 -7.65 62.55 9.64
N LYS C 298 -7.12 61.36 9.92
CA LYS C 298 -5.80 60.95 9.48
C LYS C 298 -5.87 60.37 8.05
N HIS C 299 -7.08 60.16 7.54
CA HIS C 299 -7.24 59.31 6.34
C HIS C 299 -7.82 60.02 5.13
N GLY C 300 -7.93 61.34 5.19
CA GLY C 300 -8.51 62.14 4.09
C GLY C 300 -10.04 62.22 4.06
N LEU C 301 -10.71 61.69 5.10
CA LEU C 301 -12.16 61.76 5.26
C LEU C 301 -12.57 63.16 5.63
N LEU C 302 -13.78 63.58 5.25
CA LEU C 302 -14.16 64.99 5.48
C LEU C 302 -14.77 65.20 6.86
N SER C 303 -14.44 66.32 7.49
CA SER C 303 -15.07 66.68 8.77
C SER C 303 -16.09 67.77 8.46
N THR C 304 -17.32 67.61 8.93
CA THR C 304 -18.39 68.52 8.53
C THR C 304 -19.44 68.65 9.65
N VAL C 305 -20.37 69.57 9.45
CA VAL C 305 -21.47 69.74 10.38
C VAL C 305 -22.47 68.63 10.08
N GLY C 306 -22.96 68.00 11.15
CA GLY C 306 -23.97 66.99 11.06
C GLY C 306 -25.37 67.62 11.08
N PHE C 307 -25.61 68.50 12.05
CA PHE C 307 -26.84 69.31 12.13
C PHE C 307 -26.85 70.23 13.41
N GLN C 308 -27.71 71.25 13.40
CA GLN C 308 -27.86 72.22 14.49
C GLN C 308 -29.29 72.75 14.46
N VAL C 309 -30.10 72.28 15.42
CA VAL C 309 -31.50 72.67 15.59
C VAL C 309 -31.63 73.96 16.44
N GLY C 310 -31.81 75.12 15.80
CA GLY C 310 -32.05 76.41 16.48
C GLY C 310 -30.85 77.34 16.49
N ARG C 311 -31.12 78.65 16.52
CA ARG C 311 -30.06 79.62 16.78
C ARG C 311 -29.40 79.23 18.10
N ASP C 312 -28.08 79.26 18.08
CA ASP C 312 -27.25 78.33 18.85
C ASP C 312 -27.96 77.43 19.92
N GLY C 313 -28.80 76.53 19.42
CA GLY C 313 -28.93 75.18 19.98
C GLY C 313 -27.64 74.37 19.74
N PRO C 314 -27.59 73.14 20.23
CA PRO C 314 -26.34 72.38 20.16
C PRO C 314 -25.97 71.90 18.70
N CYS C 315 -24.72 72.16 18.32
CA CYS C 315 -24.20 71.74 17.04
C CYS C 315 -23.47 70.40 17.13
N TYR C 316 -24.03 69.40 16.44
CA TYR C 316 -23.45 68.06 16.35
C TYR C 316 -22.67 67.94 15.05
N TYR C 317 -21.46 67.40 15.15
CA TYR C 317 -20.56 67.24 14.00
C TYR C 317 -20.60 65.85 13.40
N ALA C 318 -19.94 65.72 12.27
CA ALA C 318 -19.84 64.45 11.62
C ALA C 318 -18.55 64.29 10.86
N LEU C 319 -18.18 63.01 10.71
CA LEU C 319 -17.21 62.56 9.71
C LEU C 319 -17.93 62.01 8.46
N GLU C 320 -17.37 62.26 7.28
CA GLU C 320 -17.98 61.83 6.00
C GLU C 320 -16.98 61.13 5.06
N GLY C 321 -17.44 60.05 4.45
CA GLY C 321 -16.72 59.38 3.38
C GLY C 321 -17.65 58.98 2.25
N ALA C 322 -17.06 58.68 1.10
CA ALA C 322 -17.78 58.35 -0.12
C ALA C 322 -17.10 57.27 -0.98
N ILE C 323 -17.87 56.70 -1.88
CA ILE C 323 -17.22 56.01 -2.99
C ILE C 323 -17.90 56.43 -4.29
N ALA C 324 -17.08 56.57 -5.32
CA ALA C 324 -17.51 57.13 -6.60
C ALA C 324 -18.52 56.21 -7.30
N CYS C 325 -18.24 54.92 -7.35
CA CYS C 325 -19.03 54.01 -8.19
C CYS C 325 -19.70 52.88 -7.42
N ALA C 326 -20.97 53.08 -7.05
CA ALA C 326 -21.71 52.04 -6.37
C ALA C 326 -22.83 51.64 -7.21
N GLY C 327 -23.95 52.37 -7.16
CA GLY C 327 -25.05 52.09 -8.11
C GLY C 327 -24.56 52.22 -9.57
N ALA C 328 -23.56 53.07 -9.83
CA ALA C 328 -23.05 53.22 -11.20
C ALA C 328 -22.38 51.91 -11.69
N THR C 329 -21.64 51.25 -10.79
CA THR C 329 -21.04 49.97 -11.11
C THR C 329 -22.09 48.96 -11.50
N VAL C 330 -23.20 48.94 -10.76
CA VAL C 330 -24.31 48.02 -11.08
C VAL C 330 -24.92 48.31 -12.46
N GLU C 331 -25.16 49.58 -12.72
CA GLU C 331 -25.77 49.97 -13.98
C GLU C 331 -24.72 49.71 -15.10
N TRP C 332 -23.43 49.93 -14.85
CA TRP C 332 -22.37 49.65 -15.82
C TRP C 332 -22.38 48.18 -16.24
N MET C 333 -22.47 47.28 -15.28
CA MET C 333 -22.44 45.89 -15.57
C MET C 333 -23.56 45.57 -16.54
N ARG C 334 -24.65 46.27 -16.42
CA ARG C 334 -25.78 45.97 -17.26
C ARG C 334 -25.66 46.68 -18.57
N ARG C 335 -25.57 47.98 -18.53
CA ARG C 335 -25.70 48.75 -19.74
C ARG C 335 -24.43 48.79 -20.56
N ASN C 336 -23.27 48.71 -19.92
CA ASN C 336 -22.02 48.68 -20.67
C ASN C 336 -21.56 47.31 -21.04
N MET C 337 -21.87 46.34 -20.17
CA MET C 337 -21.37 45.02 -20.34
C MET C 337 -22.42 43.96 -20.59
N ASN C 338 -23.73 44.23 -20.58
CA ASN C 338 -24.71 43.17 -20.86
C ASN C 338 -24.65 41.95 -19.93
N LEU C 339 -24.21 42.12 -18.69
CA LEU C 339 -24.15 40.97 -17.75
C LEU C 339 -25.51 40.53 -17.18
N PHE C 340 -26.49 41.40 -17.18
CA PHE C 340 -27.86 41.06 -16.81
C PHE C 340 -28.75 42.06 -17.51
N SER C 341 -30.07 41.86 -17.52
CA SER C 341 -31.04 42.91 -17.99
C SER C 341 -31.95 43.47 -16.90
N HIS C 342 -32.77 42.64 -16.28
CA HIS C 342 -33.70 43.21 -15.28
C HIS C 342 -32.91 43.45 -13.99
N ILE C 343 -33.11 44.60 -13.37
CA ILE C 343 -32.38 44.99 -12.18
C ILE C 343 -32.39 43.96 -11.03
N THR C 344 -33.40 43.11 -10.96
CA THR C 344 -33.44 42.03 -9.96
C THR C 344 -32.47 40.90 -10.25
N GLU C 345 -32.04 40.76 -11.50
CA GLU C 345 -31.12 39.70 -11.88
C GLU C 345 -29.74 39.90 -11.24
N CYS C 346 -29.45 41.14 -10.88
CA CYS C 346 -28.19 41.45 -10.27
C CYS C 346 -27.99 40.64 -9.01
N GLU C 347 -28.95 40.75 -8.09
CA GLU C 347 -28.93 40.01 -6.83
C GLU C 347 -29.05 38.50 -7.09
N LYS C 348 -30.00 38.07 -7.90
CA LYS C 348 -30.16 36.63 -8.16
C LYS C 348 -28.86 36.04 -8.65
N LEU C 349 -28.27 36.62 -9.71
CA LEU C 349 -26.98 36.12 -10.20
C LEU C 349 -25.93 36.04 -9.10
N ALA C 350 -25.83 37.06 -8.27
CA ALA C 350 -24.77 37.08 -7.25
C ALA C 350 -25.00 36.02 -6.14
N ARG C 351 -26.25 35.73 -5.82
CA ARG C 351 -26.54 34.68 -4.81
C ARG C 351 -26.48 33.29 -5.43
N SER C 352 -26.57 33.17 -6.76
CA SER C 352 -26.48 31.84 -7.40
C SER C 352 -25.09 31.24 -7.31
N VAL C 353 -24.08 31.97 -6.86
CA VAL C 353 -22.78 31.35 -6.61
C VAL C 353 -22.43 31.47 -5.14
N PRO C 354 -21.65 30.50 -4.61
CA PRO C 354 -21.29 30.45 -3.20
C PRO C 354 -20.33 31.58 -2.80
N GLY C 355 -19.50 31.99 -3.74
CA GLY C 355 -18.59 33.09 -3.47
C GLY C 355 -18.08 33.61 -4.80
N THR C 356 -16.97 34.33 -4.73
CA THR C 356 -16.32 34.84 -5.90
C THR C 356 -15.20 33.93 -6.37
N GLN C 357 -14.95 32.89 -5.59
CA GLN C 357 -14.11 31.77 -5.96
C GLN C 357 -12.79 32.19 -6.53
N GLY C 358 -12.12 33.13 -5.87
CA GLY C 358 -10.78 33.49 -6.24
C GLY C 358 -10.65 34.87 -6.87
N ILE C 359 -11.73 35.41 -7.44
CA ILE C 359 -11.56 36.70 -8.16
C ILE C 359 -11.87 37.94 -7.31
N VAL C 360 -11.22 39.04 -7.63
CA VAL C 360 -11.64 40.31 -7.09
C VAL C 360 -11.84 41.33 -8.21
N PHE C 361 -12.88 42.12 -8.01
CA PHE C 361 -13.25 43.20 -8.88
C PHE C 361 -13.20 44.50 -8.09
N VAL C 362 -12.19 45.32 -8.34
CA VAL C 362 -12.12 46.66 -7.81
C VAL C 362 -12.71 47.68 -8.78
N PRO C 363 -13.95 48.13 -8.54
CA PRO C 363 -14.64 48.99 -9.53
C PRO C 363 -14.33 50.47 -9.42
N ALA C 364 -13.04 50.77 -9.41
CA ALA C 364 -12.52 52.14 -9.32
C ALA C 364 -12.45 52.83 -10.66
N PHE C 365 -13.58 52.88 -11.34
CA PHE C 365 -13.63 53.39 -12.70
C PHE C 365 -13.21 54.84 -12.81
N SER C 366 -13.52 55.60 -11.77
CA SER C 366 -13.17 57.02 -11.65
C SER C 366 -12.21 57.17 -10.48
N GLY C 367 -11.48 56.11 -10.18
CA GLY C 367 -10.42 56.20 -9.16
C GLY C 367 -10.89 55.93 -7.78
N LEU C 368 -9.97 56.03 -6.84
CA LEU C 368 -10.25 55.59 -5.45
C LEU C 368 -10.28 56.85 -4.61
N LEU C 369 -11.22 56.86 -3.67
CA LEU C 369 -11.42 57.98 -2.77
C LEU C 369 -10.87 57.63 -1.41
N ALA C 370 -10.91 58.60 -0.50
CA ALA C 370 -11.11 58.34 0.90
C ALA C 370 -9.91 57.72 1.51
N PRO C 371 -10.05 56.60 2.26
CA PRO C 371 -8.80 56.30 2.96
C PRO C 371 -7.63 55.92 2.06
N TYR C 372 -7.83 55.83 0.74
CA TYR C 372 -6.72 55.61 -0.17
C TYR C 372 -6.58 56.62 -1.26
N TRP C 373 -7.40 57.65 -1.30
CA TRP C 373 -7.44 58.55 -2.45
C TRP C 373 -6.33 58.29 -3.46
N ASP C 374 -6.73 57.83 -4.63
CA ASP C 374 -5.80 57.61 -5.70
C ASP C 374 -6.55 57.65 -7.00
N PRO C 375 -6.40 58.76 -7.74
CA PRO C 375 -7.07 59.02 -8.98
C PRO C 375 -6.50 58.23 -10.18
N SER C 376 -5.37 57.56 -9.94
CA SER C 376 -4.80 56.70 -10.97
C SER C 376 -5.40 55.29 -10.95
N ALA C 377 -6.12 54.91 -9.88
CA ALA C 377 -6.75 53.61 -9.85
C ALA C 377 -7.82 53.54 -10.95
N ARG C 378 -7.93 52.38 -11.61
CA ARG C 378 -8.94 52.19 -12.64
C ARG C 378 -9.68 50.92 -12.36
N GLY C 379 -10.75 50.67 -13.13
CA GLY C 379 -11.53 49.46 -12.88
C GLY C 379 -10.67 48.24 -13.17
N THR C 380 -10.63 47.28 -12.24
CA THR C 380 -9.81 46.11 -12.41
C THR C 380 -10.36 44.77 -11.89
N ILE C 381 -10.05 43.70 -12.63
CA ILE C 381 -10.49 42.38 -12.24
C ILE C 381 -9.27 41.49 -12.25
N VAL C 382 -9.08 40.71 -11.17
CA VAL C 382 -7.88 39.87 -11.07
C VAL C 382 -8.33 38.48 -10.73
N GLY C 383 -7.53 37.48 -11.12
CA GLY C 383 -7.75 36.11 -10.65
C GLY C 383 -8.76 35.26 -11.39
N MET C 384 -9.16 35.63 -12.61
CA MET C 384 -10.18 34.86 -13.32
C MET C 384 -9.59 33.57 -13.93
N THR C 385 -10.48 32.60 -14.14
CA THR C 385 -10.18 31.35 -14.72
C THR C 385 -11.34 31.13 -15.68
N LEU C 386 -11.31 29.99 -16.34
CA LEU C 386 -12.32 29.61 -17.27
C LEU C 386 -13.60 29.20 -16.59
N LYS C 387 -13.52 29.00 -15.28
CA LYS C 387 -14.71 28.74 -14.45
C LYS C 387 -15.43 30.03 -14.07
N THR C 388 -14.74 31.18 -14.04
CA THR C 388 -15.40 32.43 -13.69
C THR C 388 -16.52 32.77 -14.69
N THR C 389 -17.67 33.15 -14.15
CA THR C 389 -18.84 33.56 -14.91
C THR C 389 -19.21 34.96 -14.45
N ARG C 390 -20.11 35.60 -15.20
CA ARG C 390 -20.70 36.88 -14.78
C ARG C 390 -21.30 36.86 -13.38
N ALA C 391 -21.77 35.70 -12.93
CA ALA C 391 -22.33 35.59 -11.57
C ALA C 391 -21.24 35.91 -10.55
N HIS C 392 -20.03 35.35 -10.73
CA HIS C 392 -18.93 35.70 -9.86
C HIS C 392 -18.56 37.17 -9.95
N VAL C 393 -18.63 37.76 -11.15
CA VAL C 393 -18.16 39.17 -11.32
C VAL C 393 -19.12 40.12 -10.65
N ILE C 394 -20.43 39.86 -10.78
CA ILE C 394 -21.47 40.64 -10.15
C ILE C 394 -21.31 40.59 -8.61
N ARG C 395 -21.22 39.40 -8.04
CA ARG C 395 -21.02 39.25 -6.62
C ARG C 395 -19.79 40.00 -6.16
N ALA C 396 -18.73 39.96 -6.98
CA ALA C 396 -17.48 40.59 -6.62
C ALA C 396 -17.62 42.08 -6.59
N ALA C 397 -18.39 42.60 -7.52
CA ALA C 397 -18.71 44.00 -7.53
C ALA C 397 -19.40 44.39 -6.21
N LEU C 398 -20.39 43.61 -5.77
CA LEU C 398 -21.09 43.91 -4.50
C LEU C 398 -20.15 43.80 -3.30
N GLN C 399 -19.43 42.69 -3.23
CA GLN C 399 -18.39 42.57 -2.21
C GLN C 399 -17.50 43.78 -2.19
N ALA C 400 -17.04 44.21 -3.35
CA ALA C 400 -16.11 45.36 -3.42
C ALA C 400 -16.69 46.71 -2.92
N ILE C 401 -17.97 46.94 -3.12
CA ILE C 401 -18.61 48.15 -2.59
C ILE C 401 -18.57 48.05 -1.04
N ALA C 402 -18.97 46.92 -0.49
CA ALA C 402 -19.05 46.72 0.94
C ALA C 402 -17.69 46.82 1.58
N LEU C 403 -16.68 46.29 0.90
CA LEU C 403 -15.30 46.32 1.37
C LEU C 403 -14.73 47.70 1.38
N GLN C 404 -15.17 48.54 0.43
CA GLN C 404 -14.76 49.93 0.46
C GLN C 404 -15.41 50.63 1.64
N LEU C 405 -16.69 50.38 1.88
CA LEU C 405 -17.36 50.92 3.05
C LEU C 405 -16.70 50.41 4.37
N ASN C 406 -16.20 49.17 4.39
CA ASN C 406 -15.46 48.66 5.54
C ASN C 406 -14.18 49.43 5.82
N ASP C 407 -13.44 49.75 4.76
CA ASP C 407 -12.23 50.56 4.90
C ASP C 407 -12.62 51.97 5.33
N VAL C 408 -13.74 52.49 4.82
CA VAL C 408 -14.16 53.83 5.17
C VAL C 408 -14.54 53.87 6.66
N VAL C 409 -15.42 52.97 7.07
CA VAL C 409 -15.87 52.88 8.45
C VAL C 409 -14.71 52.65 9.47
N GLY C 410 -13.82 51.71 9.16
CA GLY C 410 -12.59 51.50 9.93
C GLY C 410 -11.86 52.81 10.18
N SER C 411 -11.55 53.53 9.11
CA SER C 411 -10.96 54.86 9.16
C SER C 411 -11.71 55.81 10.10
N MET C 412 -13.04 55.87 9.96
CA MET C 412 -13.86 56.77 10.81
C MET C 412 -13.80 56.40 12.30
N LYS C 413 -13.79 55.11 12.60
CA LYS C 413 -13.67 54.67 13.97
C LYS C 413 -12.38 55.22 14.62
N ARG C 414 -11.27 55.19 13.89
CA ARG C 414 -9.99 55.67 14.44
C ARG C 414 -10.05 57.15 14.66
N ASP C 415 -10.48 57.87 13.64
CA ASP C 415 -10.57 59.30 13.71
C ASP C 415 -11.50 59.75 14.84
N ALA C 416 -12.63 59.09 14.98
CA ALA C 416 -13.66 59.56 15.90
C ALA C 416 -13.43 59.13 17.37
N GLY C 417 -12.55 58.14 17.57
CA GLY C 417 -12.43 57.44 18.84
C GLY C 417 -13.64 56.61 19.23
N LEU C 418 -14.66 56.54 18.36
CA LEU C 418 -15.93 55.92 18.73
C LEU C 418 -16.15 54.65 17.99
N ASN C 419 -17.04 53.82 18.52
CA ASN C 419 -17.57 52.69 17.79
C ASN C 419 -18.72 53.14 16.93
N LEU C 420 -19.07 52.28 15.99
CA LEU C 420 -20.25 52.45 15.21
C LEU C 420 -21.20 51.50 15.88
N SER C 421 -22.42 51.94 16.21
CA SER C 421 -23.37 51.09 16.93
C SER C 421 -24.27 50.30 15.99
N SER C 422 -24.73 50.98 14.93
CA SER C 422 -25.50 50.36 13.87
C SER C 422 -25.46 51.30 12.68
N LEU C 423 -25.85 50.77 11.53
CA LEU C 423 -25.74 51.52 10.30
C LEU C 423 -27.10 51.63 9.68
N ARG C 424 -27.58 52.87 9.54
CA ARG C 424 -28.77 53.06 8.71
C ARG C 424 -28.39 53.16 7.23
N VAL C 425 -29.26 52.64 6.39
CA VAL C 425 -28.95 52.63 4.98
C VAL C 425 -30.18 53.01 4.17
N ASP C 426 -29.94 53.82 3.15
CA ASP C 426 -30.92 54.25 2.21
C ASP C 426 -30.23 54.33 0.83
N GLY C 427 -30.98 54.72 -0.19
CA GLY C 427 -30.51 54.62 -1.57
C GLY C 427 -31.20 53.49 -2.28
N GLY C 428 -31.16 53.49 -3.59
CA GLY C 428 -31.68 52.36 -4.37
C GLY C 428 -30.93 51.08 -4.12
N LEU C 429 -29.63 51.15 -3.90
CA LEU C 429 -28.90 49.91 -3.66
C LEU C 429 -29.20 49.20 -2.33
N SER C 430 -29.70 49.89 -1.33
CA SER C 430 -30.04 49.20 -0.09
C SER C 430 -31.20 48.21 -0.27
N LYS C 431 -31.86 48.18 -1.42
CA LYS C 431 -32.86 47.15 -1.68
C LYS C 431 -32.20 45.87 -2.15
N ASN C 432 -30.87 45.85 -2.18
CA ASN C 432 -30.12 44.63 -2.51
C ASN C 432 -29.80 43.89 -1.21
N GLY C 433 -30.62 42.89 -0.92
CA GLY C 433 -30.54 42.11 0.32
C GLY C 433 -29.17 41.49 0.50
N LEU C 434 -28.60 40.93 -0.56
CA LEU C 434 -27.23 40.35 -0.47
C LEU C 434 -26.15 41.36 -0.14
N LEU C 435 -26.29 42.58 -0.65
CA LEU C 435 -25.27 43.60 -0.40
C LEU C 435 -25.36 44.07 1.06
N MET C 436 -26.57 44.29 1.55
CA MET C 436 -26.75 44.55 2.99
C MET C 436 -26.19 43.41 3.88
N GLU C 437 -26.48 42.17 3.55
CA GLU C 437 -25.97 41.03 4.36
C GLU C 437 -24.49 40.97 4.44
N ILE C 438 -23.83 41.26 3.32
CA ILE C 438 -22.36 41.29 3.29
C ILE C 438 -21.83 42.49 4.05
N GLN C 439 -22.49 43.63 3.91
CA GLN C 439 -21.99 44.82 4.55
C GLN C 439 -22.10 44.57 6.04
N ALA C 440 -23.22 44.00 6.47
CA ALA C 440 -23.43 43.71 7.92
C ALA C 440 -22.27 42.84 8.45
N SER C 441 -21.91 41.82 7.67
CA SER C 441 -20.89 40.85 8.07
C SER C 441 -19.54 41.47 8.17
N LEU C 442 -19.25 42.43 7.30
CA LEU C 442 -17.95 43.08 7.34
C LEU C 442 -17.84 44.06 8.51
N LEU C 443 -18.96 44.69 8.88
CA LEU C 443 -18.96 45.70 9.91
C LEU C 443 -19.24 45.07 11.26
N GLY C 444 -19.84 43.89 11.25
CA GLY C 444 -20.28 43.24 12.48
C GLY C 444 -21.21 44.10 13.33
N VAL C 445 -22.04 44.91 12.67
CA VAL C 445 -23.11 45.64 13.30
C VAL C 445 -24.43 45.31 12.58
N ASP C 446 -25.54 45.67 13.18
CA ASP C 446 -26.83 45.63 12.50
C ASP C 446 -26.96 46.78 11.49
N ILE C 447 -27.61 46.46 10.38
CA ILE C 447 -27.90 47.41 9.38
C ILE C 447 -29.41 47.55 9.36
N LEU C 448 -29.86 48.79 9.45
CA LEU C 448 -31.28 49.09 9.55
C LEU C 448 -31.80 49.75 8.27
N VAL C 449 -32.81 49.13 7.67
CA VAL C 449 -33.36 49.51 6.40
C VAL C 449 -34.76 50.03 6.62
N PRO C 450 -34.98 51.34 6.45
CA PRO C 450 -36.30 51.92 6.69
C PRO C 450 -37.34 51.60 5.60
N SER C 451 -38.58 51.41 6.03
CA SER C 451 -39.69 51.23 5.11
C SER C 451 -40.07 52.56 4.51
N MET C 452 -40.16 53.61 5.33
CA MET C 452 -40.29 54.94 4.77
C MET C 452 -38.85 55.38 4.44
N HIS C 453 -38.54 55.33 3.15
CA HIS C 453 -37.16 55.40 2.66
C HIS C 453 -36.79 56.82 2.23
N GLU C 454 -37.76 57.73 2.30
CA GLU C 454 -37.65 59.11 1.84
C GLU C 454 -36.96 59.97 2.88
N THR C 455 -35.80 59.48 3.33
CA THR C 455 -35.12 60.03 4.52
C THR C 455 -34.52 61.39 4.32
N THR C 456 -34.10 61.66 3.10
CA THR C 456 -33.55 62.96 2.76
C THR C 456 -34.62 64.02 2.87
N ALA C 457 -35.74 63.77 2.20
CA ALA C 457 -36.83 64.72 2.18
C ALA C 457 -37.34 64.89 3.68
N LEU C 458 -37.49 63.79 4.39
CA LEU C 458 -37.87 63.86 5.82
C LEU C 458 -37.00 64.77 6.63
N GLY C 459 -35.70 64.55 6.55
CA GLY C 459 -34.76 65.43 7.22
C GLY C 459 -35.18 66.88 7.29
N ALA C 460 -35.46 67.44 6.13
CA ALA C 460 -35.70 68.85 6.04
C ALA C 460 -37.05 69.17 6.64
N ALA C 461 -38.00 68.27 6.46
CA ALA C 461 -39.34 68.38 7.02
C ALA C 461 -39.24 68.40 8.57
N LEU C 462 -38.44 67.52 9.14
CA LEU C 462 -38.14 67.54 10.60
C LEU C 462 -37.52 68.89 11.03
N CYS C 463 -36.49 69.38 10.33
CA CYS C 463 -35.95 70.68 10.71
C CYS C 463 -37.01 71.77 10.69
N ALA C 464 -37.92 71.70 9.72
CA ALA C 464 -38.86 72.79 9.54
C ALA C 464 -39.96 72.66 10.58
N GLY C 465 -40.42 71.44 10.80
CA GLY C 465 -41.45 71.13 11.76
C GLY C 465 -41.08 71.40 13.20
N LEU C 466 -39.82 71.13 13.55
CA LEU C 466 -39.31 71.38 14.88
C LEU C 466 -39.30 72.86 15.14
N ALA C 467 -38.87 73.66 14.16
CA ALA C 467 -38.86 75.12 14.33
C ALA C 467 -40.28 75.75 14.33
N ALA C 468 -41.30 74.98 13.97
CA ALA C 468 -42.65 75.50 13.92
C ALA C 468 -43.52 74.78 14.93
N GLY C 469 -42.93 73.90 15.73
CA GLY C 469 -43.67 73.25 16.79
C GLY C 469 -44.79 72.39 16.27
N VAL C 470 -44.52 71.72 15.15
CA VAL C 470 -45.27 70.55 14.74
C VAL C 470 -44.83 69.35 15.58
N TRP C 471 -43.51 69.27 15.86
CA TRP C 471 -42.94 68.29 16.82
C TRP C 471 -42.15 69.13 17.80
N THR C 472 -42.02 68.64 19.04
CA THR C 472 -41.59 69.47 20.17
C THR C 472 -40.14 69.24 20.60
N SER C 473 -39.63 68.04 20.37
CA SER C 473 -38.21 67.76 20.57
C SER C 473 -37.77 66.56 19.73
N LEU C 474 -36.46 66.32 19.72
CA LEU C 474 -35.87 65.17 19.01
C LEU C 474 -36.39 63.86 19.54
N GLU C 475 -36.82 63.87 20.80
CA GLU C 475 -37.34 62.68 21.44
C GLU C 475 -38.73 62.33 20.93
N GLU C 476 -39.58 63.35 20.81
CA GLU C 476 -40.91 63.14 20.21
C GLU C 476 -40.79 62.67 18.73
N VAL C 477 -39.86 63.28 18.00
CA VAL C 477 -39.59 62.87 16.61
C VAL C 477 -39.41 61.37 16.50
N LYS C 478 -38.61 60.78 17.40
CA LYS C 478 -38.23 59.36 17.23
C LYS C 478 -39.33 58.42 17.58
N ALA C 479 -40.11 58.76 18.62
CA ALA C 479 -41.19 57.89 19.07
C ALA C 479 -42.26 57.88 17.99
N VAL C 480 -42.46 59.04 17.35
CA VAL C 480 -43.38 59.09 16.17
C VAL C 480 -42.78 58.17 15.11
N SER C 481 -41.51 58.36 14.84
CA SER C 481 -40.80 57.46 13.93
C SER C 481 -41.01 55.98 14.28
N ARG C 482 -40.63 55.56 15.48
CA ARG C 482 -40.67 54.13 15.85
C ARG C 482 -42.11 53.59 15.86
N ARG C 483 -43.08 54.44 16.22
CA ARG C 483 -44.51 54.07 16.10
C ARG C 483 -44.99 53.93 14.64
N GLU C 484 -44.77 54.98 13.85
CA GLU C 484 -45.35 55.08 12.49
C GLU C 484 -44.57 54.40 11.38
N ASN C 485 -43.24 54.46 11.43
CA ASN C 485 -42.41 54.06 10.27
C ASN C 485 -41.50 52.86 10.55
N SER C 486 -41.96 51.70 10.10
CA SER C 486 -41.25 50.40 10.18
C SER C 486 -39.77 50.38 9.72
N TRP C 487 -39.04 49.34 10.12
CA TRP C 487 -37.62 49.10 9.74
C TRP C 487 -37.38 47.62 9.43
N LYS C 488 -36.50 47.29 8.50
CA LYS C 488 -36.04 45.91 8.35
C LYS C 488 -34.67 45.88 8.99
N THR C 489 -34.33 44.81 9.70
CA THR C 489 -33.00 44.77 10.33
C THR C 489 -32.17 43.64 9.72
N VAL C 490 -30.87 43.88 9.53
CA VAL C 490 -30.00 42.86 8.88
C VAL C 490 -28.79 42.64 9.72
N SER C 491 -28.65 41.42 10.25
CA SER C 491 -27.58 41.17 11.25
C SER C 491 -26.38 40.64 10.53
N PRO C 492 -25.20 40.81 11.11
CA PRO C 492 -24.00 40.18 10.58
C PRO C 492 -24.11 38.69 10.64
N SER C 493 -23.18 37.99 9.99
CA SER C 493 -23.15 36.52 9.98
C SER C 493 -21.90 35.91 9.37
N GLY C 494 -20.74 36.58 9.49
CA GLY C 494 -19.47 36.00 9.02
C GLY C 494 -18.63 35.36 10.11
N SER C 495 -17.68 34.53 9.73
CA SER C 495 -16.61 34.12 10.63
C SER C 495 -15.45 35.10 10.49
N ALA C 496 -14.79 35.44 11.59
CA ALA C 496 -13.66 36.38 11.55
C ALA C 496 -12.61 36.01 10.49
N MET C 497 -12.52 34.71 10.17
CA MET C 497 -11.55 34.23 9.19
C MET C 497 -12.14 34.28 7.76
N GLU C 498 -13.47 34.17 7.61
CA GLU C 498 -14.13 34.48 6.32
C GLU C 498 -13.75 35.94 6.00
N ARG C 499 -14.06 36.82 6.95
CA ARG C 499 -13.79 38.26 6.87
C ARG C 499 -12.32 38.65 6.64
N GLU C 500 -11.39 38.01 7.33
CA GLU C 500 -9.95 38.29 7.17
C GLU C 500 -9.44 37.86 5.77
N ALA C 501 -10.08 36.85 5.19
CA ALA C 501 -9.64 36.30 3.91
C ALA C 501 -10.07 37.25 2.80
N MET C 502 -11.35 37.65 2.87
CA MET C 502 -11.88 38.71 1.98
C MET C 502 -10.98 39.95 2.00
N ILE C 503 -10.57 40.39 3.19
CA ILE C 503 -9.82 41.61 3.27
C ILE C 503 -8.47 41.40 2.66
N ALA C 504 -7.88 40.21 2.89
CA ALA C 504 -6.49 39.99 2.44
C ALA C 504 -6.40 39.94 0.91
N GLU C 505 -7.34 39.23 0.30
CA GLU C 505 -7.57 39.20 -1.16
C GLU C 505 -7.82 40.60 -1.67
N TRP C 506 -8.77 41.26 -1.03
CA TRP C 506 -9.08 42.67 -1.27
C TRP C 506 -7.83 43.56 -1.26
N ARG C 507 -7.02 43.51 -0.22
CA ARG C 507 -5.86 44.42 -0.15
C ARG C 507 -4.81 44.05 -1.19
N GLU C 508 -4.70 42.76 -1.53
CA GLU C 508 -3.77 42.40 -2.58
C GLU C 508 -4.21 42.98 -3.96
N ALA C 509 -5.51 42.91 -4.24
CA ALA C 509 -6.01 43.29 -5.56
C ALA C 509 -5.79 44.76 -5.73
N LEU C 510 -5.92 45.51 -4.62
CA LEU C 510 -5.72 46.95 -4.67
C LEU C 510 -4.36 47.36 -5.16
N LYS C 511 -3.33 46.54 -4.90
CA LYS C 511 -1.97 46.92 -5.34
C LYS C 511 -1.88 46.93 -6.88
N ARG C 512 -2.81 46.22 -7.53
CA ARG C 512 -2.83 46.00 -8.98
C ARG C 512 -3.65 47.05 -9.77
N THR C 513 -4.29 47.99 -9.08
CA THR C 513 -5.25 48.89 -9.71
C THR C 513 -4.71 50.16 -10.36
N LYS C 514 -3.46 50.53 -10.09
CA LYS C 514 -2.91 51.82 -10.58
C LYS C 514 -2.65 51.76 -12.06
N TRP C 515 -3.05 52.81 -12.76
CA TRP C 515 -3.03 52.73 -14.22
C TRP C 515 -2.99 54.09 -14.96
N ALA C 516 -3.94 55.00 -14.70
CA ALA C 516 -4.05 56.25 -15.51
C ALA C 516 -2.85 57.16 -15.31
N LYS C 517 -2.42 57.81 -16.40
CA LYS C 517 -1.06 58.37 -16.55
C LYS C 517 -0.06 57.21 -16.55
N PHE D 5 -3.23 12.60 -67.33
CA PHE D 5 -3.84 11.40 -67.92
C PHE D 5 -4.54 10.68 -66.78
N THR D 6 -5.84 10.57 -66.91
CA THR D 6 -6.68 10.03 -65.84
C THR D 6 -6.97 11.05 -64.74
N MET D 7 -5.98 11.42 -63.90
CA MET D 7 -6.27 12.23 -62.65
C MET D 7 -5.77 11.52 -61.40
N LYS D 8 -4.99 12.20 -60.57
CA LYS D 8 -4.42 11.59 -59.38
C LYS D 8 -4.98 12.13 -58.05
N TYR D 9 -4.91 11.29 -57.04
CA TYR D 9 -5.52 11.51 -55.76
C TYR D 9 -4.66 10.90 -54.69
N VAL D 10 -4.67 11.57 -53.54
CA VAL D 10 -3.82 11.27 -52.40
C VAL D 10 -4.74 11.40 -51.18
N GLY D 11 -4.64 10.48 -50.23
CA GLY D 11 -5.50 10.48 -49.05
C GLY D 11 -4.68 10.88 -47.86
N SER D 12 -5.34 11.48 -46.89
CA SER D 12 -4.68 11.92 -45.70
C SER D 12 -5.49 11.52 -44.47
N ILE D 13 -4.85 10.73 -43.60
CA ILE D 13 -5.48 10.34 -42.35
C ILE D 13 -5.06 11.35 -41.32
N ASP D 14 -6.04 12.05 -40.77
CA ASP D 14 -5.80 13.13 -39.81
C ASP D 14 -6.35 12.68 -38.43
N GLN D 15 -5.46 12.16 -37.59
CA GLN D 15 -5.88 11.46 -36.36
C GLN D 15 -5.69 12.43 -35.25
N GLY D 16 -6.77 13.15 -34.90
CA GLY D 16 -6.71 14.23 -33.96
C GLY D 16 -7.04 13.77 -32.48
N THR D 17 -7.07 14.70 -31.54
CA THR D 17 -7.31 14.38 -30.11
C THR D 17 -8.74 13.85 -29.86
N THR D 18 -9.71 14.45 -30.54
CA THR D 18 -11.14 14.11 -30.34
C THR D 18 -11.75 13.39 -31.53
N SER D 19 -11.10 13.42 -32.69
CA SER D 19 -11.54 12.65 -33.84
C SER D 19 -10.49 12.35 -34.90
N THR D 20 -10.78 11.33 -35.67
CA THR D 20 -10.07 10.97 -36.85
C THR D 20 -10.85 11.36 -38.10
N ARG D 21 -10.13 11.91 -39.07
CA ARG D 21 -10.65 12.13 -40.40
C ARG D 21 -9.83 11.52 -41.52
N PHE D 22 -10.52 11.14 -42.60
CA PHE D 22 -9.83 10.87 -43.84
C PHE D 22 -10.24 11.91 -44.91
N ILE D 23 -9.25 12.64 -45.43
CA ILE D 23 -9.49 13.57 -46.57
C ILE D 23 -8.77 13.08 -47.82
N ILE D 24 -9.54 12.92 -48.89
CA ILE D 24 -8.95 12.67 -50.19
C ILE D 24 -8.77 13.98 -50.91
N PHE D 25 -7.53 14.27 -51.25
CA PHE D 25 -7.18 15.46 -52.05
C PHE D 25 -6.92 15.04 -53.51
N ASP D 26 -7.29 15.88 -54.48
CA ASP D 26 -6.84 15.64 -55.88
C ASP D 26 -5.47 16.34 -56.16
N GLU D 27 -5.02 16.31 -57.41
CA GLU D 27 -3.65 16.80 -57.73
C GLU D 27 -3.61 18.32 -57.70
N ARG D 28 -4.77 18.93 -57.69
CA ARG D 28 -4.86 20.35 -57.51
C ARG D 28 -4.86 20.81 -56.04
N GLN D 29 -4.64 19.89 -55.11
CA GLN D 29 -4.69 20.16 -53.68
C GLN D 29 -6.06 20.58 -53.21
N ARG D 30 -7.10 20.13 -53.90
CA ARG D 30 -8.48 20.35 -53.46
C ARG D 30 -8.97 19.15 -52.69
N PRO D 31 -9.63 19.38 -51.54
CA PRO D 31 -10.20 18.26 -50.82
C PRO D 31 -11.48 17.90 -51.50
N VAL D 32 -11.63 16.63 -51.88
CA VAL D 32 -12.80 16.22 -52.66
C VAL D 32 -13.70 15.24 -51.95
N SER D 33 -13.22 14.59 -50.90
CA SER D 33 -14.08 13.75 -50.05
C SER D 33 -13.52 13.74 -48.66
N VAL D 34 -14.43 13.68 -47.69
CA VAL D 34 -14.12 13.61 -46.26
C VAL D 34 -15.07 12.69 -45.48
N HIS D 35 -14.54 11.98 -44.53
CA HIS D 35 -15.36 11.44 -43.49
C HIS D 35 -14.66 11.55 -42.15
N GLN D 36 -15.48 11.66 -41.10
CA GLN D 36 -15.02 11.89 -39.76
C GLN D 36 -15.66 10.88 -38.80
N VAL D 37 -14.83 10.30 -37.92
CA VAL D 37 -15.30 9.41 -36.86
C VAL D 37 -14.59 9.71 -35.52
N PRO D 38 -15.38 10.15 -34.51
CA PRO D 38 -14.91 10.48 -33.14
C PRO D 38 -14.58 9.24 -32.34
N HIS D 39 -13.71 9.35 -31.35
CA HIS D 39 -13.42 8.21 -30.47
C HIS D 39 -13.55 8.64 -28.99
N THR D 40 -13.58 7.63 -28.13
CA THR D 40 -14.02 7.88 -26.74
C THR D 40 -12.95 8.57 -25.96
N GLN D 41 -13.31 9.62 -25.24
CA GLN D 41 -12.39 10.27 -24.34
C GLN D 41 -12.47 9.64 -22.92
N HIS D 42 -11.63 8.66 -22.60
CA HIS D 42 -11.61 8.08 -21.21
C HIS D 42 -10.87 8.92 -20.12
N THR D 43 -11.63 9.37 -19.12
CA THR D 43 -11.08 10.15 -18.01
C THR D 43 -11.28 9.39 -16.68
N PRO D 44 -10.34 8.49 -16.33
CA PRO D 44 -10.51 7.75 -15.06
C PRO D 44 -10.34 8.63 -13.80
N HIS D 45 -9.40 9.58 -13.84
CA HIS D 45 -9.12 10.47 -12.70
C HIS D 45 -9.01 11.94 -13.19
N PRO D 46 -9.28 12.92 -12.30
CA PRO D 46 -9.14 14.33 -12.77
C PRO D 46 -7.74 14.67 -13.36
N GLY D 47 -7.71 15.41 -14.47
CA GLY D 47 -6.48 15.61 -15.27
C GLY D 47 -5.92 14.38 -15.98
N TRP D 48 -6.61 13.25 -15.92
CA TRP D 48 -6.17 12.08 -16.71
C TRP D 48 -6.96 11.96 -18.02
N LEU D 49 -6.26 11.53 -19.08
CA LEU D 49 -6.90 11.34 -20.39
C LEU D 49 -6.15 10.31 -21.21
N GLU D 50 -6.93 9.45 -21.83
CA GLU D 50 -6.50 8.19 -22.34
C GLU D 50 -7.36 7.84 -23.54
N HIS D 51 -6.78 7.23 -24.59
CA HIS D 51 -7.59 6.76 -25.73
C HIS D 51 -7.39 5.30 -25.95
N ASP D 52 -8.41 4.69 -26.53
CA ASP D 52 -8.47 3.28 -26.90
C ASP D 52 -7.78 3.13 -28.26
N PRO D 53 -6.63 2.46 -28.27
CA PRO D 53 -5.90 2.48 -29.51
C PRO D 53 -6.60 1.80 -30.62
N MET D 54 -7.36 0.78 -30.28
CA MET D 54 -8.04 -0.04 -31.28
C MET D 54 -9.21 0.69 -31.87
N GLU D 55 -9.93 1.43 -31.04
CA GLU D 55 -11.02 2.28 -31.50
C GLU D 55 -10.53 3.38 -32.51
N ILE D 56 -9.31 3.89 -32.31
CA ILE D 56 -8.69 4.89 -33.18
C ILE D 56 -8.33 4.29 -34.53
N PHE D 57 -7.69 3.12 -34.48
CA PHE D 57 -7.34 2.37 -35.67
C PHE D 57 -8.57 2.04 -36.53
N ARG D 58 -9.65 1.63 -35.88
CA ARG D 58 -10.85 1.22 -36.60
C ARG D 58 -11.50 2.44 -37.19
N SER D 59 -11.35 3.54 -36.48
CA SER D 59 -11.93 4.79 -36.88
C SER D 59 -11.25 5.30 -38.17
N ALA D 60 -9.93 5.19 -38.23
CA ALA D 60 -9.16 5.54 -39.43
C ALA D 60 -9.68 4.75 -40.61
N CYS D 61 -9.77 3.44 -40.41
CA CYS D 61 -10.24 2.50 -41.45
C CYS D 61 -11.66 2.80 -41.92
N LYS D 62 -12.56 3.03 -40.98
CA LYS D 62 -13.91 3.45 -41.31
C LYS D 62 -13.88 4.76 -42.13
N CYS D 63 -13.08 5.73 -41.70
CA CYS D 63 -13.01 7.03 -42.40
C CYS D 63 -12.55 6.82 -43.82
N MET D 64 -11.58 5.93 -43.98
CA MET D 64 -11.09 5.63 -45.30
C MET D 64 -12.19 5.06 -46.20
N SER D 65 -12.89 4.01 -45.78
CA SER D 65 -13.79 3.31 -46.68
C SER D 65 -15.01 4.13 -47.01
N VAL D 66 -15.48 4.91 -46.06
CA VAL D 66 -16.57 5.82 -46.33
C VAL D 66 -16.21 7.00 -47.27
N ALA D 67 -15.11 7.68 -47.00
CA ALA D 67 -14.73 8.80 -47.84
C ALA D 67 -14.42 8.25 -49.28
N ILE D 68 -13.83 7.07 -49.36
CA ILE D 68 -13.57 6.48 -50.66
C ILE D 68 -14.86 6.13 -51.35
N ALA D 69 -15.79 5.47 -50.64
CA ALA D 69 -17.07 5.13 -51.28
C ALA D 69 -17.84 6.37 -51.72
N LYS D 70 -17.81 7.45 -50.94
CA LYS D 70 -18.49 8.68 -51.36
C LYS D 70 -17.83 9.28 -52.62
N LEU D 71 -16.50 9.27 -52.68
CA LEU D 71 -15.81 9.81 -53.85
C LEU D 71 -16.17 9.05 -55.12
N ARG D 72 -16.14 7.72 -55.10
CA ARG D 72 -16.51 6.98 -56.34
C ARG D 72 -17.98 7.11 -56.74
N GLN D 73 -18.85 7.49 -55.82
CA GLN D 73 -20.22 7.88 -56.19
C GLN D 73 -20.26 9.23 -56.92
N LYS D 74 -19.42 10.20 -56.52
CA LYS D 74 -19.54 11.56 -57.06
C LYS D 74 -18.44 12.00 -58.07
N ASP D 75 -17.53 11.13 -58.44
CA ASP D 75 -16.38 11.45 -59.27
C ASP D 75 -16.12 10.24 -60.13
N ALA D 76 -16.58 10.27 -61.37
CA ALA D 76 -16.36 9.14 -62.30
C ALA D 76 -14.93 9.06 -62.78
N SER D 77 -14.10 10.04 -62.44
CA SER D 77 -12.69 10.00 -62.81
C SER D 77 -11.80 9.52 -61.70
N PHE D 78 -12.39 9.25 -60.54
CA PHE D 78 -11.63 8.65 -59.44
C PHE D 78 -11.37 7.16 -59.64
N ARG D 79 -10.12 6.74 -59.70
CA ARG D 79 -9.87 5.31 -59.80
C ARG D 79 -9.29 4.74 -58.49
N LYS D 80 -8.31 5.43 -57.92
CA LYS D 80 -7.57 4.86 -56.83
C LYS D 80 -6.84 6.00 -56.18
N ILE D 81 -6.39 5.75 -54.96
CA ILE D 81 -5.56 6.65 -54.22
C ILE D 81 -4.11 6.24 -54.49
N GLU D 82 -3.31 7.18 -54.94
CA GLU D 82 -1.95 6.95 -55.31
C GLU D 82 -1.06 6.73 -54.09
N ALA D 83 -1.40 7.33 -52.93
CA ALA D 83 -0.74 7.11 -51.65
C ALA D 83 -1.46 7.76 -50.47
N ILE D 84 -1.15 7.26 -49.29
CA ILE D 84 -1.75 7.76 -48.06
C ILE D 84 -0.70 8.42 -47.21
N GLY D 85 -1.06 9.58 -46.67
CA GLY D 85 -0.22 10.27 -45.69
C GLY D 85 -0.92 10.18 -44.33
N ILE D 86 -0.14 10.12 -43.26
CA ILE D 86 -0.67 10.17 -41.90
C ILE D 86 -0.24 11.45 -41.15
N THR D 87 -1.18 12.16 -40.52
CA THR D 87 -0.85 13.23 -39.54
C THR D 87 -1.65 13.03 -38.24
N ASN D 88 -1.01 13.28 -37.14
CA ASN D 88 -1.49 12.76 -35.87
C ASN D 88 -1.27 13.68 -34.66
N GLN D 89 -2.17 13.61 -33.70
CA GLN D 89 -1.92 14.14 -32.37
C GLN D 89 -0.59 13.56 -31.87
N ARG D 90 0.30 14.45 -31.45
CA ARG D 90 1.60 14.06 -31.06
C ARG D 90 1.64 13.65 -29.54
N GLU D 91 2.76 13.06 -29.08
CA GLU D 91 3.00 12.82 -27.66
C GLU D 91 2.20 11.69 -27.06
N THR D 92 0.92 11.62 -27.39
CA THR D 92 0.15 10.45 -27.15
C THR D 92 0.87 9.14 -27.44
N THR D 93 0.84 8.22 -26.47
CA THR D 93 1.72 7.05 -26.56
C THR D 93 1.03 5.71 -26.42
N VAL D 94 1.37 4.79 -27.32
CA VAL D 94 0.71 3.50 -27.34
C VAL D 94 1.75 2.45 -26.98
N ALA D 95 1.32 1.56 -26.10
CA ALA D 95 2.06 0.39 -25.76
C ALA D 95 1.22 -0.82 -26.23
N TRP D 96 1.85 -1.66 -27.05
CA TRP D 96 1.25 -2.87 -27.59
C TRP D 96 2.20 -4.08 -27.57
N ASP D 97 1.63 -5.27 -27.63
CA ASP D 97 2.38 -6.53 -27.74
C ASP D 97 2.62 -6.93 -29.19
N ARG D 98 3.84 -7.23 -29.56
CA ARG D 98 4.17 -7.53 -30.96
C ARG D 98 3.79 -8.94 -31.48
N VAL D 99 3.31 -9.82 -30.59
CA VAL D 99 2.76 -11.12 -31.00
C VAL D 99 1.22 -11.04 -30.98
N THR D 100 0.60 -10.47 -29.93
CA THR D 100 -0.86 -10.30 -29.94
C THR D 100 -1.32 -9.19 -30.89
N LYS D 101 -0.38 -8.33 -31.33
CA LYS D 101 -0.61 -7.14 -32.17
C LYS D 101 -1.62 -6.16 -31.59
N GLU D 102 -1.75 -6.17 -30.26
CA GLU D 102 -2.88 -5.54 -29.56
C GLU D 102 -2.34 -4.68 -28.41
N PRO D 103 -3.07 -3.64 -28.00
CA PRO D 103 -2.53 -2.84 -26.89
C PRO D 103 -2.62 -3.52 -25.53
N LEU D 104 -1.72 -3.11 -24.64
CA LEU D 104 -1.67 -3.59 -23.29
C LEU D 104 -2.46 -2.69 -22.38
N CYS D 105 -2.82 -1.50 -22.83
CA CYS D 105 -3.59 -0.58 -22.00
C CYS D 105 -3.98 0.49 -22.93
N TYR D 106 -4.77 1.41 -22.41
CA TYR D 106 -5.10 2.59 -23.12
C TYR D 106 -3.92 3.59 -23.21
N ALA D 107 -3.99 4.45 -24.21
CA ALA D 107 -2.84 5.31 -24.54
C ALA D 107 -3.01 6.62 -23.85
N PRO D 108 -2.10 6.95 -22.90
CA PRO D 108 -2.17 8.26 -22.28
C PRO D 108 -1.97 9.36 -23.31
N VAL D 109 -2.77 10.40 -23.22
CA VAL D 109 -2.86 11.42 -24.25
C VAL D 109 -1.97 12.63 -23.94
N TRP D 110 -1.52 13.30 -25.00
CA TRP D 110 -0.56 14.36 -24.84
C TRP D 110 -0.81 15.28 -23.62
N ASN D 111 -2.05 15.70 -23.37
CA ASN D 111 -2.33 16.68 -22.25
C ASN D 111 -2.63 16.02 -20.91
N ASP D 112 -2.49 14.71 -20.86
CA ASP D 112 -2.72 14.00 -19.65
C ASP D 112 -1.70 14.40 -18.58
N LEU D 113 -2.17 14.54 -17.35
CA LEU D 113 -1.36 15.01 -16.23
C LEU D 113 -0.85 13.91 -15.27
N ARG D 114 -0.91 12.64 -15.65
CA ARG D 114 -0.57 11.57 -14.72
C ARG D 114 0.92 11.40 -14.47
N THR D 115 1.74 11.86 -15.42
CA THR D 115 3.18 11.76 -15.36
C THR D 115 3.79 12.84 -14.46
N TYR D 116 2.94 13.60 -13.79
CA TYR D 116 3.39 14.69 -12.94
C TYR D 116 4.49 14.26 -11.99
N ASP D 117 4.21 13.26 -11.15
CA ASP D 117 5.22 12.78 -10.17
C ASP D 117 6.51 12.38 -10.82
N ILE D 118 6.42 11.59 -11.86
CA ILE D 118 7.62 11.19 -12.61
C ILE D 118 8.39 12.42 -13.11
N THR D 119 7.67 13.40 -13.57
CA THR D 119 8.34 14.58 -14.12
C THR D 119 9.19 15.36 -13.05
N LYS D 120 8.65 15.48 -11.83
CA LYS D 120 9.32 16.21 -10.77
C LYS D 120 10.54 15.40 -10.33
N LYS D 121 10.40 14.08 -10.41
CA LYS D 121 11.45 13.21 -10.00
C LYS D 121 12.60 13.28 -10.96
N VAL D 122 12.27 13.30 -12.26
CA VAL D 122 13.28 13.44 -13.32
C VAL D 122 14.05 14.78 -13.20
N THR D 123 13.34 15.88 -13.02
CA THR D 123 13.98 17.20 -12.89
C THR D 123 14.94 17.21 -11.65
N ALA D 124 14.39 16.88 -10.49
CA ALA D 124 15.14 16.74 -9.25
C ALA D 124 16.34 15.82 -9.39
N GLU D 125 16.13 14.59 -9.86
CA GLU D 125 17.16 13.56 -9.75
C GLU D 125 18.07 13.33 -10.93
N LEU D 126 17.63 13.55 -12.17
CA LEU D 126 18.58 13.50 -13.31
C LEU D 126 19.02 14.89 -13.80
N GLY D 127 18.31 15.95 -13.42
CA GLY D 127 18.60 17.29 -13.92
C GLY D 127 19.01 18.25 -12.81
N GLY D 128 19.31 17.69 -11.63
CA GLY D 128 19.72 18.45 -10.44
C GLY D 128 18.85 19.68 -10.14
N GLY D 129 17.54 19.53 -10.26
CA GLY D 129 16.62 20.67 -10.10
C GLY D 129 16.34 21.40 -11.40
N ASP D 130 17.21 21.24 -12.42
CA ASP D 130 17.04 21.93 -13.72
C ASP D 130 16.14 21.16 -14.72
N SER D 131 14.98 21.72 -15.05
CA SER D 131 14.07 21.04 -15.98
C SER D 131 14.57 21.15 -17.43
N MET D 132 15.51 22.07 -17.68
CA MET D 132 16.15 22.25 -19.00
C MET D 132 17.41 21.41 -19.23
N PHE D 133 17.67 20.45 -18.37
CA PHE D 133 18.99 19.82 -18.40
C PHE D 133 19.30 19.01 -19.66
N ALA D 134 18.26 18.66 -20.41
CA ALA D 134 18.43 17.83 -21.58
C ALA D 134 18.01 18.58 -22.84
N SER D 135 17.82 19.89 -22.72
CA SER D 135 17.23 20.68 -23.78
C SER D 135 18.13 20.88 -24.96
N LYS D 136 19.44 20.79 -24.75
CA LYS D 136 20.39 20.99 -25.84
C LYS D 136 20.52 19.70 -26.64
N ILE D 137 19.91 18.63 -26.14
CA ILE D 137 19.83 17.36 -26.87
C ILE D 137 18.46 17.16 -27.57
N THR D 138 17.40 17.12 -26.76
CA THR D 138 16.03 16.89 -27.21
C THR D 138 15.32 18.07 -27.80
N GLY D 139 15.72 19.29 -27.43
CA GLY D 139 14.96 20.49 -27.77
C GLY D 139 13.91 20.91 -26.77
N LEU D 140 13.71 20.08 -25.73
CA LEU D 140 12.54 20.08 -24.85
C LEU D 140 12.86 20.23 -23.36
N PRO D 141 12.01 20.93 -22.63
CA PRO D 141 12.05 20.90 -21.16
C PRO D 141 11.38 19.62 -20.65
N VAL D 142 11.74 19.14 -19.47
CA VAL D 142 11.00 18.03 -18.84
C VAL D 142 9.57 18.48 -18.60
N SER D 143 8.60 17.65 -18.99
CA SER D 143 7.18 18.05 -18.86
C SER D 143 6.27 16.86 -19.04
N THR D 144 5.03 16.97 -18.56
CA THR D 144 4.09 15.85 -18.65
C THR D 144 3.73 15.40 -20.05
N TYR D 145 3.96 16.24 -21.04
CA TYR D 145 3.52 15.94 -22.40
C TYR D 145 4.26 14.83 -23.05
N PHE D 146 5.59 14.81 -22.90
CA PHE D 146 6.44 14.05 -23.84
C PHE D 146 6.48 12.56 -23.56
N ALA D 147 6.67 11.80 -24.64
CA ALA D 147 6.33 10.38 -24.66
C ALA D 147 7.13 9.51 -23.69
N ALA D 148 8.37 9.88 -23.37
CA ALA D 148 9.19 8.99 -22.57
C ALA D 148 8.57 8.88 -21.18
N PHE D 149 8.08 10.00 -20.65
CA PHE D 149 7.43 10.03 -19.35
C PHE D 149 6.11 9.24 -19.31
N LYS D 150 5.43 9.14 -20.44
CA LYS D 150 4.23 8.30 -20.50
C LYS D 150 4.66 6.85 -20.57
N MET D 151 5.73 6.55 -21.30
CA MET D 151 6.21 5.20 -21.39
C MET D 151 6.70 4.72 -20.00
N ARG D 152 7.47 5.56 -19.31
CA ARG D 152 7.97 5.22 -17.99
C ARG D 152 6.76 4.95 -17.11
N TRP D 153 5.72 5.79 -17.24
CA TRP D 153 4.58 5.64 -16.35
C TRP D 153 3.87 4.33 -16.57
N MET D 154 3.95 3.79 -17.79
CA MET D 154 3.23 2.54 -18.11
C MET D 154 4.00 1.36 -17.55
N LEU D 155 5.32 1.45 -17.61
CA LEU D 155 6.23 0.44 -17.02
C LEU D 155 6.06 0.30 -15.49
N GLU D 156 5.76 1.41 -14.83
CA GLU D 156 5.69 1.48 -13.41
C GLU D 156 4.30 1.27 -12.88
N ASN D 157 3.28 1.48 -13.71
CA ASN D 157 1.92 1.32 -13.28
C ASN D 157 1.11 0.28 -14.07
N VAL D 158 1.63 -0.30 -15.15
CA VAL D 158 0.79 -1.25 -15.92
C VAL D 158 1.48 -2.60 -15.92
N PRO D 159 0.95 -3.57 -15.14
CA PRO D 159 1.58 -4.89 -15.04
C PRO D 159 1.81 -5.55 -16.39
N ALA D 160 0.75 -5.60 -17.21
CA ALA D 160 0.85 -6.12 -18.58
C ALA D 160 2.07 -5.54 -19.37
N VAL D 161 2.27 -4.22 -19.29
CA VAL D 161 3.37 -3.60 -20.04
C VAL D 161 4.70 -3.99 -19.43
N ALA D 162 4.75 -3.93 -18.11
CA ALA D 162 5.92 -4.50 -17.39
C ALA D 162 6.18 -5.97 -17.83
N ASP D 163 5.15 -6.83 -17.75
CA ASP D 163 5.34 -8.23 -18.19
C ASP D 163 5.87 -8.24 -19.62
N ALA D 164 5.09 -7.58 -20.49
CA ALA D 164 5.40 -7.50 -21.90
C ALA D 164 6.85 -7.06 -22.09
N CYS D 165 7.26 -6.03 -21.35
CA CYS D 165 8.65 -5.53 -21.47
C CYS D 165 9.63 -6.64 -21.17
N ARG D 166 9.35 -7.40 -20.11
CA ARG D 166 10.29 -8.46 -19.71
C ARG D 166 10.46 -9.59 -20.77
N ARG D 167 9.35 -10.04 -21.36
CA ARG D 167 9.38 -11.04 -22.44
C ARG D 167 9.98 -10.52 -23.78
N GLY D 168 10.35 -9.24 -23.86
CA GLY D 168 10.90 -8.65 -25.09
C GLY D 168 9.91 -8.62 -26.26
N THR D 169 8.62 -8.49 -25.93
CA THR D 169 7.57 -8.36 -26.96
C THR D 169 6.85 -6.96 -26.90
N LEU D 170 7.47 -5.98 -26.24
CA LEU D 170 6.83 -4.66 -25.98
C LEU D 170 7.20 -3.69 -27.07
N CYS D 171 6.20 -3.06 -27.67
CA CYS D 171 6.42 -1.95 -28.63
C CYS D 171 5.84 -0.67 -28.05
N PHE D 172 6.64 0.39 -27.99
CA PHE D 172 6.07 1.71 -27.75
C PHE D 172 6.03 2.47 -29.07
N GLY D 173 5.12 3.44 -29.16
CA GLY D 173 4.91 4.18 -30.38
C GLY D 173 3.99 5.36 -30.19
N THR D 174 4.25 6.42 -30.95
CA THR D 174 3.36 7.57 -30.94
C THR D 174 2.30 7.18 -31.98
N ILE D 175 1.29 8.00 -32.18
CA ILE D 175 0.13 7.55 -32.94
C ILE D 175 0.48 7.24 -34.41
N ASP D 176 1.42 7.99 -34.98
CA ASP D 176 1.94 7.69 -36.31
C ASP D 176 2.35 6.23 -36.43
N THR D 177 3.13 5.79 -35.44
CA THR D 177 3.72 4.45 -35.40
C THR D 177 2.68 3.38 -35.22
N TRP D 178 1.78 3.63 -34.30
CA TRP D 178 0.66 2.75 -34.08
C TRP D 178 -0.16 2.56 -35.37
N LEU D 179 -0.50 3.67 -36.00
CA LEU D 179 -1.25 3.62 -37.24
C LEU D 179 -0.53 2.88 -38.39
N MET D 180 0.74 3.13 -38.58
CA MET D 180 1.49 2.47 -39.63
C MET D 180 1.76 1.00 -39.31
N TYR D 181 1.74 0.65 -38.02
CA TYR D 181 1.85 -0.74 -37.61
C TYR D 181 0.59 -1.53 -38.05
N LYS D 182 -0.57 -1.09 -37.62
CA LYS D 182 -1.82 -1.82 -37.92
C LYS D 182 -2.23 -1.76 -39.40
N LEU D 183 -2.05 -0.60 -40.03
CA LEU D 183 -2.48 -0.43 -41.42
C LEU D 183 -1.69 -1.38 -42.32
N SER D 184 -0.44 -1.63 -41.91
CA SER D 184 0.51 -2.58 -42.47
C SER D 184 0.23 -4.08 -42.26
N GLY D 185 -0.79 -4.41 -41.49
CA GLY D 185 -0.98 -5.76 -40.98
C GLY D 185 0.11 -6.20 -40.01
N GLY D 186 0.72 -5.25 -39.30
CA GLY D 186 1.74 -5.56 -38.28
C GLY D 186 3.16 -5.62 -38.79
N LYS D 187 3.38 -5.12 -40.00
CA LYS D 187 4.63 -5.28 -40.74
C LYS D 187 5.68 -4.12 -40.64
N ALA D 188 5.28 -2.93 -40.26
CA ALA D 188 6.22 -1.80 -40.24
C ALA D 188 6.23 -1.26 -38.81
N PHE D 189 7.41 -0.96 -38.28
CA PHE D 189 7.57 -0.41 -36.94
C PHE D 189 8.44 0.85 -37.02
N VAL D 190 7.79 1.96 -37.36
CA VAL D 190 8.52 3.15 -37.79
C VAL D 190 7.87 4.42 -37.26
N THR D 191 8.66 5.48 -37.13
CA THR D 191 8.15 6.77 -36.79
C THR D 191 8.83 7.78 -37.66
N ASP D 192 8.15 8.90 -37.91
CA ASP D 192 8.76 9.96 -38.67
C ASP D 192 9.53 10.83 -37.67
N VAL D 193 10.47 11.63 -38.19
CA VAL D 193 11.36 12.45 -37.33
C VAL D 193 10.62 13.50 -36.47
N THR D 194 9.50 14.00 -36.99
CA THR D 194 8.79 15.06 -36.32
C THR D 194 8.23 14.46 -35.07
N ASN D 195 7.59 13.31 -35.19
CA ASN D 195 6.96 12.68 -34.01
C ASN D 195 8.02 12.17 -33.01
N ALA D 196 9.09 11.62 -33.54
CA ALA D 196 10.16 11.17 -32.65
C ALA D 196 10.77 12.33 -31.88
N SER D 197 10.73 13.53 -32.45
CA SER D 197 11.27 14.69 -31.73
C SER D 197 10.45 15.07 -30.51
N ARG D 198 9.31 14.40 -30.27
CA ARG D 198 8.48 14.73 -29.14
C ARG D 198 8.49 13.65 -28.10
N THR D 199 9.43 12.73 -28.21
CA THR D 199 9.44 11.61 -27.30
C THR D 199 10.30 11.88 -26.08
N PHE D 200 11.17 12.86 -26.21
CA PHE D 200 12.24 13.16 -25.23
C PHE D 200 13.35 12.10 -25.35
N LEU D 201 13.37 11.32 -26.44
CA LEU D 201 14.37 10.25 -26.59
C LEU D 201 15.23 10.43 -27.79
N MET D 202 14.95 11.45 -28.61
CA MET D 202 15.68 11.66 -29.86
C MET D 202 16.64 12.82 -29.73
N ASP D 203 17.84 12.63 -30.29
CA ASP D 203 18.82 13.68 -30.37
C ASP D 203 18.59 14.48 -31.64
N LEU D 204 18.27 15.77 -31.46
CA LEU D 204 17.95 16.65 -32.58
C LEU D 204 19.08 16.83 -33.54
N ARG D 205 20.30 16.79 -33.03
CA ARG D 205 21.50 17.00 -33.85
C ARG D 205 21.77 15.84 -34.83
N THR D 206 21.48 14.61 -34.39
CA THR D 206 21.65 13.42 -35.22
C THR D 206 20.32 12.82 -35.78
N ARG D 207 19.21 13.29 -35.23
CA ARG D 207 17.90 12.72 -35.51
C ARG D 207 17.88 11.20 -35.32
N LYS D 208 18.62 10.69 -34.32
CA LYS D 208 18.59 9.31 -33.95
C LYS D 208 18.29 9.28 -32.49
N TRP D 209 17.89 8.10 -31.99
CA TRP D 209 17.66 7.88 -30.57
C TRP D 209 18.96 8.06 -29.81
N SER D 210 18.89 8.73 -28.67
CA SER D 210 20.01 8.98 -27.80
C SER D 210 20.14 7.81 -26.82
N PRO D 211 21.27 7.13 -26.88
CA PRO D 211 21.57 6.05 -25.93
C PRO D 211 21.59 6.50 -24.47
N GLU D 212 22.16 7.67 -24.20
CA GLU D 212 22.27 8.16 -22.83
C GLU D 212 20.92 8.47 -22.20
N LEU D 213 20.11 9.25 -22.90
CA LEU D 213 18.72 9.48 -22.51
C LEU D 213 17.94 8.18 -22.28
N CYS D 214 18.04 7.23 -23.20
CA CYS D 214 17.31 5.95 -23.02
C CYS D 214 17.77 5.22 -21.77
N GLU D 215 19.09 5.28 -21.50
CA GLU D 215 19.65 4.72 -20.27
C GLU D 215 19.10 5.45 -19.05
N LYS D 216 19.35 6.75 -19.01
CA LYS D 216 18.91 7.53 -17.86
C LYS D 216 17.41 7.48 -17.60
N LEU D 217 16.56 7.38 -18.62
CA LEU D 217 15.12 7.29 -18.34
C LEU D 217 14.67 5.85 -18.28
N LYS D 218 15.61 4.95 -18.55
CA LYS D 218 15.36 3.53 -18.45
C LYS D 218 14.20 3.08 -19.36
N ILE D 219 14.42 3.30 -20.65
CA ILE D 219 13.49 2.86 -21.68
C ILE D 219 14.29 2.05 -22.66
N PRO D 220 13.98 0.75 -22.77
CA PRO D 220 14.87 -0.08 -23.59
C PRO D 220 14.80 0.33 -25.03
N MET D 221 15.95 0.48 -25.67
CA MET D 221 15.93 0.95 -27.02
C MET D 221 15.21 -0.01 -27.96
N GLU D 222 14.89 -1.22 -27.51
CA GLU D 222 14.26 -2.23 -28.39
C GLU D 222 12.72 -2.10 -28.39
N THR D 223 12.15 -1.32 -27.49
CA THR D 223 10.75 -1.03 -27.54
C THR D 223 10.42 0.00 -28.61
N LEU D 224 11.43 0.58 -29.26
CA LEU D 224 11.26 1.79 -30.06
C LEU D 224 11.40 1.55 -31.55
N PRO D 225 10.61 2.27 -32.35
CA PRO D 225 10.64 2.05 -33.79
C PRO D 225 11.80 2.72 -34.41
N GLU D 226 11.96 2.44 -35.67
CA GLU D 226 12.94 3.06 -36.47
C GLU D 226 12.48 4.46 -36.90
N ILE D 227 13.39 5.39 -36.76
CA ILE D 227 13.19 6.75 -37.20
C ILE D 227 13.42 6.93 -38.71
N ARG D 228 12.45 7.57 -39.36
CA ARG D 228 12.58 7.89 -40.74
C ARG D 228 12.17 9.34 -41.01
N SER D 229 12.24 9.77 -42.25
CA SER D 229 11.75 11.06 -42.63
C SER D 229 10.17 11.12 -42.68
N ASN D 230 9.62 12.25 -43.13
CA ASN D 230 8.20 12.44 -43.30
C ASN D 230 7.65 12.01 -44.63
N SER D 231 8.53 11.65 -45.59
CA SER D 231 8.16 11.47 -47.00
C SER D 231 9.05 10.43 -47.70
N GLU D 232 8.52 9.21 -47.88
CA GLU D 232 9.22 8.06 -48.45
C GLU D 232 8.26 6.86 -48.35
N LEU D 233 8.67 5.71 -48.82
CA LEU D 233 7.89 4.49 -48.63
C LEU D 233 7.98 3.95 -47.21
N PHE D 234 6.87 3.94 -46.49
CA PHE D 234 6.78 3.31 -45.15
C PHE D 234 6.27 1.88 -45.16
N GLY D 235 5.31 1.61 -46.02
CA GLY D 235 4.65 0.32 -46.04
C GLY D 235 3.44 0.45 -46.91
N TYR D 236 2.64 -0.61 -46.98
CA TYR D 236 1.43 -0.62 -47.79
C TYR D 236 0.30 -0.95 -46.90
N VAL D 237 -0.90 -0.55 -47.31
CA VAL D 237 -2.09 -0.94 -46.58
C VAL D 237 -2.39 -2.42 -46.86
N GLU D 238 -2.38 -3.24 -45.82
CA GLU D 238 -2.58 -4.67 -46.00
C GLU D 238 -3.58 -5.19 -45.00
N THR D 239 -4.45 -4.32 -44.46
CA THR D 239 -5.51 -4.79 -43.57
C THR D 239 -6.81 -4.64 -44.34
N ASP D 240 -7.85 -5.34 -43.94
CA ASP D 240 -9.16 -5.12 -44.55
C ASP D 240 -10.18 -4.80 -43.47
N GLU D 241 -9.69 -4.36 -42.33
CA GLU D 241 -10.54 -3.88 -41.28
C GLU D 241 -11.44 -2.80 -41.86
N CYS D 242 -12.70 -2.80 -41.39
CA CYS D 242 -13.82 -2.03 -41.91
C CYS D 242 -13.84 -1.83 -43.42
N GLY D 243 -13.35 -2.84 -44.15
CA GLY D 243 -13.50 -2.93 -45.60
C GLY D 243 -12.58 -2.06 -46.39
N VAL D 244 -11.45 -1.73 -45.79
CA VAL D 244 -10.65 -0.67 -46.31
C VAL D 244 -9.80 -1.14 -47.51
N ALA D 245 -9.34 -2.38 -47.49
CA ALA D 245 -8.57 -2.92 -48.63
C ALA D 245 -9.48 -3.00 -49.84
N ALA D 246 -10.71 -3.42 -49.60
CA ALA D 246 -11.69 -3.50 -50.68
C ALA D 246 -12.13 -2.13 -51.19
N ALA D 247 -12.25 -1.12 -50.31
CA ALA D 247 -12.51 0.25 -50.76
C ALA D 247 -11.35 0.77 -51.63
N LEU D 248 -10.12 0.52 -51.21
CA LEU D 248 -8.95 1.02 -51.91
C LEU D 248 -8.74 0.31 -53.22
N ASN D 249 -8.97 -1.01 -53.22
CA ASN D 249 -9.16 -1.82 -54.44
C ASN D 249 -7.86 -2.22 -55.09
N GLU D 250 -6.90 -1.29 -55.14
CA GLU D 250 -5.55 -1.54 -55.58
C GLU D 250 -4.62 -1.36 -54.41
N ARG D 251 -3.46 -1.98 -54.50
CA ARG D 251 -2.38 -1.82 -53.56
C ARG D 251 -2.05 -0.34 -53.35
N THR D 252 -2.07 0.11 -52.10
CA THR D 252 -1.88 1.50 -51.80
C THR D 252 -0.74 1.72 -50.82
N PRO D 253 0.30 2.44 -51.24
CA PRO D 253 1.40 2.70 -50.33
C PRO D 253 1.07 3.79 -49.31
N ILE D 254 1.73 3.73 -48.15
CA ILE D 254 1.68 4.74 -47.11
C ILE D 254 3.01 5.42 -47.24
N MET D 255 2.98 6.70 -47.62
CA MET D 255 4.19 7.41 -48.03
C MET D 255 4.42 8.79 -47.36
N GLY D 256 3.59 9.13 -46.37
CA GLY D 256 3.68 10.38 -45.63
C GLY D 256 3.39 10.10 -44.15
N SER D 257 4.22 10.67 -43.27
CA SER D 257 3.95 10.63 -41.85
C SER D 257 4.49 11.89 -41.19
N ILE D 258 3.64 12.64 -40.49
CA ILE D 258 4.06 13.93 -39.91
C ILE D 258 3.14 14.36 -38.75
N GLY D 259 3.75 14.76 -37.65
CA GLY D 259 3.02 15.32 -36.51
C GLY D 259 2.17 16.52 -36.88
N ASP D 260 1.01 16.64 -36.26
CA ASP D 260 0.01 17.63 -36.69
C ASP D 260 0.52 19.06 -36.78
N GLN D 261 1.25 19.57 -35.81
CA GLN D 261 1.65 20.97 -35.92
C GLN D 261 2.64 21.18 -37.11
N GLN D 262 3.56 20.25 -37.26
CA GLN D 262 4.51 20.21 -38.33
C GLN D 262 3.82 20.05 -39.68
N SER D 263 2.75 19.28 -39.69
CA SER D 263 2.01 19.06 -40.90
C SER D 263 1.37 20.35 -41.30
N ALA D 264 0.83 21.11 -40.32
CA ALA D 264 0.23 22.38 -40.67
C ALA D 264 1.30 23.29 -41.22
N LEU D 265 2.51 23.25 -40.66
CA LEU D 265 3.60 24.06 -41.16
C LEU D 265 3.91 23.75 -42.62
N PHE D 266 3.91 22.48 -42.93
CA PHE D 266 4.26 21.99 -44.24
C PHE D 266 3.12 22.30 -45.19
N GLY D 267 1.91 22.11 -44.70
CA GLY D 267 0.70 22.31 -45.49
C GLY D 267 0.47 23.78 -45.77
N ASN D 268 1.04 24.64 -44.95
CA ASN D 268 1.04 26.06 -45.19
C ASN D 268 2.26 26.52 -45.99
N MET D 269 3.00 25.58 -46.58
CA MET D 269 4.12 25.90 -47.46
C MET D 269 5.24 26.61 -46.74
N CYS D 270 5.54 26.35 -45.48
CA CYS D 270 6.54 27.16 -44.82
C CYS D 270 7.90 26.52 -45.05
N PHE D 271 8.31 26.50 -46.33
CA PHE D 271 9.48 25.70 -46.74
C PHE D 271 10.83 26.36 -46.49
N GLU D 272 10.85 27.70 -46.36
CA GLU D 272 12.09 28.47 -46.18
C GLU D 272 12.24 29.02 -44.77
N LYS D 273 13.49 29.17 -44.35
CA LYS D 273 13.77 29.72 -43.05
C LYS D 273 13.17 31.11 -42.95
N GLY D 274 12.52 31.40 -41.82
CA GLY D 274 11.87 32.68 -41.62
C GLY D 274 10.39 32.64 -41.85
N GLU D 275 9.89 31.58 -42.48
CA GLU D 275 8.45 31.38 -42.70
C GLU D 275 7.81 30.59 -41.54
N ALA D 276 6.69 31.10 -41.07
CA ALA D 276 6.02 30.59 -39.89
C ALA D 276 4.53 30.38 -40.16
N LYS D 277 3.94 29.38 -39.51
CA LYS D 277 2.47 29.30 -39.35
C LYS D 277 2.03 29.51 -37.91
N ASN D 278 0.83 30.06 -37.72
CA ASN D 278 0.11 29.99 -36.47
C ASN D 278 -1.25 29.43 -36.66
N THR D 279 -1.63 28.47 -35.82
CA THR D 279 -2.97 27.93 -35.82
C THR D 279 -3.76 28.61 -34.65
N TYR D 280 -4.84 29.30 -35.00
CA TYR D 280 -5.70 30.03 -34.06
C TYR D 280 -6.88 29.12 -33.75
N GLY D 281 -6.71 28.20 -32.79
CA GLY D 281 -7.74 27.22 -32.38
C GLY D 281 -8.26 27.62 -30.97
N THR D 282 -8.45 26.62 -30.12
CA THR D 282 -8.83 26.82 -28.71
C THR D 282 -7.70 27.57 -28.02
N GLY D 283 -6.48 27.10 -28.32
CA GLY D 283 -5.25 27.83 -28.16
C GLY D 283 -4.59 28.13 -29.52
N CYS D 284 -3.30 28.43 -29.49
CA CYS D 284 -2.49 28.82 -30.64
C CYS D 284 -1.19 28.06 -30.52
N PHE D 285 -0.72 27.60 -31.66
CA PHE D 285 0.52 26.93 -31.82
C PHE D 285 1.17 27.65 -33.00
N LEU D 286 2.34 28.20 -32.77
CA LEU D 286 3.05 28.99 -33.72
C LEU D 286 4.29 28.20 -33.93
N LEU D 287 4.59 27.81 -35.18
CA LEU D 287 5.88 27.21 -35.54
C LEU D 287 6.61 28.02 -36.62
N MET D 288 7.89 28.27 -36.44
CA MET D 288 8.66 28.97 -37.46
C MET D 288 9.73 28.02 -37.95
N ASN D 289 9.86 27.92 -39.27
CA ASN D 289 10.99 27.25 -39.91
C ASN D 289 12.27 28.06 -39.65
N VAL D 290 13.22 27.52 -38.92
CA VAL D 290 14.44 28.25 -38.70
C VAL D 290 15.63 27.78 -39.57
N GLY D 291 15.42 26.91 -40.54
CA GLY D 291 16.48 26.43 -41.43
C GLY D 291 17.07 25.07 -41.08
N GLU D 292 18.24 24.77 -41.67
CA GLU D 292 18.89 23.47 -41.61
C GLU D 292 19.66 23.12 -40.34
N GLU D 293 19.78 24.10 -39.48
CA GLU D 293 20.48 23.97 -38.22
C GLU D 293 19.48 24.17 -37.09
N ALA D 294 19.56 23.31 -36.08
CA ALA D 294 18.70 23.42 -34.89
C ALA D 294 19.04 24.69 -34.17
N ARG D 295 18.01 25.32 -33.65
CA ARG D 295 18.17 26.44 -32.77
C ARG D 295 17.58 26.09 -31.43
N PHE D 296 18.21 26.58 -30.37
CA PHE D 296 17.80 26.31 -28.99
C PHE D 296 17.35 27.63 -28.42
N SER D 297 16.38 27.62 -27.50
CA SER D 297 15.69 28.83 -27.11
C SER D 297 16.30 29.27 -25.80
N LYS D 298 16.36 30.57 -25.56
CA LYS D 298 16.71 31.11 -24.25
C LYS D 298 15.43 31.56 -23.54
N HIS D 299 14.30 31.40 -24.22
CA HIS D 299 13.03 31.88 -23.70
C HIS D 299 12.03 30.80 -23.45
N GLY D 300 12.50 29.57 -23.33
CA GLY D 300 11.61 28.45 -23.05
C GLY D 300 10.74 27.98 -24.22
N LEU D 301 10.94 28.50 -25.43
CA LEU D 301 10.27 27.94 -26.59
C LEU D 301 10.87 26.56 -26.89
N LEU D 302 10.12 25.68 -27.53
CA LEU D 302 10.62 24.33 -27.87
C LEU D 302 11.42 24.36 -29.18
N SER D 303 12.49 23.56 -29.27
CA SER D 303 13.16 23.35 -30.55
C SER D 303 12.71 22.00 -31.05
N THR D 304 12.33 21.91 -32.32
CA THR D 304 11.86 20.65 -32.84
C THR D 304 12.23 20.54 -34.33
N VAL D 305 11.98 19.38 -34.93
CA VAL D 305 12.08 19.22 -36.37
C VAL D 305 10.82 19.77 -37.02
N GLY D 306 10.97 20.52 -38.11
CA GLY D 306 9.83 21.01 -38.88
C GLY D 306 9.40 19.97 -39.87
N PHE D 307 10.35 19.53 -40.66
CA PHE D 307 10.12 18.46 -41.62
C PHE D 307 11.42 17.97 -42.27
N GLN D 308 11.28 16.84 -42.94
CA GLN D 308 12.33 16.24 -43.76
C GLN D 308 11.70 15.35 -44.86
N VAL D 309 11.91 15.74 -46.12
CA VAL D 309 11.42 15.08 -47.32
C VAL D 309 12.48 14.10 -47.90
N GLY D 310 12.21 12.80 -47.96
CA GLY D 310 13.19 11.82 -48.41
C GLY D 310 14.02 11.27 -47.27
N ARG D 311 14.32 10.00 -47.38
CA ARG D 311 15.21 9.36 -46.44
C ARG D 311 16.55 10.10 -46.45
N ASP D 312 17.03 10.46 -45.27
CA ASP D 312 18.26 11.22 -45.14
C ASP D 312 18.26 12.49 -46.03
N GLY D 313 17.07 13.06 -46.28
CA GLY D 313 16.94 14.30 -47.08
C GLY D 313 17.25 15.55 -46.26
N PRO D 314 17.12 16.73 -46.91
CA PRO D 314 17.34 17.96 -46.16
C PRO D 314 16.38 18.03 -44.96
N CYS D 315 16.89 18.43 -43.81
CA CYS D 315 16.09 18.41 -42.60
C CYS D 315 15.94 19.82 -42.13
N TYR D 316 14.71 20.26 -41.94
CA TYR D 316 14.48 21.65 -41.58
C TYR D 316 13.93 21.66 -40.16
N TYR D 317 14.56 22.47 -39.33
CA TYR D 317 14.22 22.57 -37.94
C TYR D 317 13.26 23.74 -37.73
N ALA D 318 12.60 23.73 -36.56
CA ALA D 318 11.65 24.76 -36.25
C ALA D 318 11.71 25.02 -34.75
N LEU D 319 11.20 26.22 -34.40
CA LEU D 319 10.90 26.60 -33.04
C LEU D 319 9.40 26.65 -32.89
N GLU D 320 8.92 26.29 -31.73
CA GLU D 320 7.48 26.21 -31.49
C GLU D 320 7.15 26.97 -30.18
N GLY D 321 6.11 27.79 -30.21
CA GLY D 321 5.53 28.37 -29.05
C GLY D 321 4.00 28.23 -29.10
N ALA D 322 3.35 28.49 -27.98
CA ALA D 322 1.90 28.26 -27.81
C ALA D 322 1.28 29.29 -26.88
N ILE D 323 -0.02 29.53 -27.02
CA ILE D 323 -0.77 30.20 -25.94
C ILE D 323 -2.02 29.33 -25.65
N ALA D 324 -2.40 29.29 -24.37
CA ALA D 324 -3.36 28.32 -23.88
C ALA D 324 -4.76 28.74 -24.23
N CYS D 325 -5.04 30.04 -24.15
CA CYS D 325 -6.42 30.54 -24.28
C CYS D 325 -6.58 31.55 -25.43
N ALA D 326 -7.02 31.05 -26.58
CA ALA D 326 -7.26 31.86 -27.73
C ALA D 326 -8.77 31.81 -28.06
N GLY D 327 -9.16 30.86 -28.88
CA GLY D 327 -10.57 30.50 -29.12
C GLY D 327 -11.33 30.29 -27.82
N ALA D 328 -10.62 29.78 -26.78
CA ALA D 328 -11.27 29.58 -25.48
C ALA D 328 -11.62 30.90 -24.77
N THR D 329 -10.84 31.96 -24.99
CA THR D 329 -11.18 33.23 -24.42
C THR D 329 -12.44 33.72 -25.11
N VAL D 330 -12.56 33.47 -26.40
CA VAL D 330 -13.73 33.91 -27.15
C VAL D 330 -15.00 33.22 -26.68
N GLU D 331 -14.92 31.92 -26.56
CA GLU D 331 -16.02 31.12 -26.02
C GLU D 331 -16.38 31.56 -24.58
N TRP D 332 -15.36 31.70 -23.74
CA TRP D 332 -15.57 32.24 -22.41
C TRP D 332 -16.36 33.55 -22.44
N MET D 333 -16.02 34.48 -23.35
CA MET D 333 -16.65 35.80 -23.31
C MET D 333 -18.15 35.68 -23.60
N ARG D 334 -18.48 34.68 -24.40
CA ARG D 334 -19.82 34.44 -24.87
C ARG D 334 -20.55 33.67 -23.81
N ARG D 335 -20.12 32.45 -23.49
CA ARG D 335 -20.96 31.64 -22.59
C ARG D 335 -20.78 31.88 -21.09
N ASN D 336 -19.65 32.41 -20.67
CA ASN D 336 -19.49 32.67 -19.23
C ASN D 336 -19.86 34.08 -18.83
N MET D 337 -19.69 35.01 -19.79
CA MET D 337 -19.87 36.43 -19.51
C MET D 337 -20.98 37.09 -20.30
N ASN D 338 -21.56 36.38 -21.25
CA ASN D 338 -22.69 36.92 -22.01
C ASN D 338 -22.33 38.15 -22.85
N LEU D 339 -21.06 38.31 -23.18
CA LEU D 339 -20.65 39.51 -23.89
C LEU D 339 -21.17 39.56 -25.33
N PHE D 340 -21.50 38.43 -25.92
CA PHE D 340 -22.19 38.43 -27.23
C PHE D 340 -22.97 37.13 -27.38
N SER D 341 -23.81 37.01 -28.40
CA SER D 341 -24.49 35.72 -28.67
C SER D 341 -24.08 34.97 -29.99
N HIS D 342 -24.35 35.54 -31.16
CA HIS D 342 -23.94 34.95 -32.45
C HIS D 342 -22.45 35.17 -32.63
N ILE D 343 -21.79 34.21 -33.27
CA ILE D 343 -20.34 34.21 -33.33
C ILE D 343 -19.82 35.42 -34.07
N THR D 344 -20.57 35.90 -35.07
CA THR D 344 -20.19 37.05 -35.86
C THR D 344 -20.14 38.29 -35.03
N GLU D 345 -20.86 38.33 -33.90
CA GLU D 345 -20.93 39.54 -33.06
C GLU D 345 -19.59 39.87 -32.39
N CYS D 346 -18.77 38.86 -32.17
CA CYS D 346 -17.46 39.05 -31.57
C CYS D 346 -16.69 40.10 -32.39
N GLU D 347 -16.41 39.77 -33.67
CA GLU D 347 -15.76 40.71 -34.62
C GLU D 347 -16.53 42.04 -34.79
N LYS D 348 -17.84 42.01 -34.98
CA LYS D 348 -18.62 43.23 -35.21
C LYS D 348 -18.52 44.19 -34.04
N LEU D 349 -18.58 43.68 -32.80
CA LEU D 349 -18.47 44.51 -31.61
C LEU D 349 -17.10 45.09 -31.44
N ALA D 350 -16.06 44.26 -31.66
CA ALA D 350 -14.72 44.74 -31.56
C ALA D 350 -14.37 45.80 -32.64
N ARG D 351 -14.97 45.71 -33.82
CA ARG D 351 -14.74 46.75 -34.84
C ARG D 351 -15.50 48.02 -34.54
N SER D 352 -16.49 47.97 -33.64
CA SER D 352 -17.38 49.13 -33.40
C SER D 352 -16.73 50.20 -32.54
N VAL D 353 -15.54 49.92 -32.04
CA VAL D 353 -14.79 50.95 -31.33
C VAL D 353 -13.45 51.08 -32.00
N PRO D 354 -12.89 52.28 -31.99
CA PRO D 354 -11.65 52.51 -32.73
C PRO D 354 -10.43 51.90 -32.05
N GLY D 355 -10.48 51.73 -30.74
CA GLY D 355 -9.45 51.00 -30.01
C GLY D 355 -9.95 50.62 -28.62
N THR D 356 -9.06 50.14 -27.79
CA THR D 356 -9.40 49.75 -26.43
C THR D 356 -9.31 50.86 -25.40
N GLN D 357 -8.79 52.01 -25.80
CA GLN D 357 -8.97 53.26 -25.05
C GLN D 357 -8.34 53.13 -23.63
N GLY D 358 -7.20 52.47 -23.57
CA GLY D 358 -6.45 52.39 -22.34
C GLY D 358 -6.52 51.06 -21.64
N ILE D 359 -7.53 50.22 -21.95
CA ILE D 359 -7.63 48.93 -21.24
C ILE D 359 -6.78 47.82 -21.85
N VAL D 360 -6.50 46.84 -20.98
CA VAL D 360 -5.78 45.64 -21.33
C VAL D 360 -6.43 44.50 -20.60
N PHE D 361 -6.67 43.48 -21.39
CA PHE D 361 -7.30 42.25 -20.97
C PHE D 361 -6.33 41.12 -21.27
N VAL D 362 -5.69 40.59 -20.21
CA VAL D 362 -4.77 39.46 -20.30
C VAL D 362 -5.56 38.20 -19.93
N PRO D 363 -5.94 37.39 -20.93
CA PRO D 363 -6.80 36.26 -20.69
C PRO D 363 -5.93 35.10 -20.37
N ALA D 364 -5.17 35.26 -19.29
CA ALA D 364 -4.24 34.26 -18.87
C ALA D 364 -5.00 33.31 -17.94
N PHE D 365 -6.16 32.82 -18.36
CA PHE D 365 -7.02 32.01 -17.48
C PHE D 365 -6.32 30.75 -16.93
N SER D 366 -5.35 30.19 -17.68
CA SER D 366 -4.61 28.99 -17.26
C SER D 366 -3.15 29.31 -17.08
N GLY D 367 -2.87 30.59 -16.85
CA GLY D 367 -1.50 31.04 -16.74
C GLY D 367 -0.89 31.39 -18.09
N LEU D 368 0.35 31.82 -18.03
CA LEU D 368 1.09 32.27 -19.20
C LEU D 368 2.13 31.22 -19.61
N LEU D 369 2.31 31.07 -20.93
CA LEU D 369 3.22 30.06 -21.48
C LEU D 369 4.35 30.77 -22.17
N ALA D 370 4.69 30.33 -23.39
CA ALA D 370 5.23 31.25 -24.46
C ALA D 370 6.55 31.65 -23.88
N PRO D 371 6.98 32.94 -24.08
CA PRO D 371 8.27 33.29 -23.51
C PRO D 371 8.23 33.97 -22.15
N TYR D 372 7.10 33.88 -21.46
CA TYR D 372 7.02 34.33 -20.09
C TYR D 372 6.24 33.33 -19.27
N TRP D 373 6.71 32.09 -19.18
CA TRP D 373 6.02 31.00 -18.47
C TRP D 373 5.78 31.37 -17.00
N ASP D 374 4.50 31.38 -16.61
CA ASP D 374 4.09 31.77 -15.26
C ASP D 374 2.70 31.19 -15.01
N PRO D 375 2.68 30.07 -14.26
CA PRO D 375 1.42 29.38 -13.97
C PRO D 375 0.64 30.06 -12.86
N SER D 376 1.22 31.05 -12.21
CA SER D 376 0.45 31.84 -11.23
C SER D 376 -0.39 32.98 -11.87
N ALA D 377 -0.08 33.34 -13.13
CA ALA D 377 -0.84 34.38 -13.87
C ALA D 377 -2.27 33.93 -14.05
N ARG D 378 -3.19 34.88 -13.94
CA ARG D 378 -4.63 34.62 -14.11
C ARG D 378 -5.25 35.66 -15.02
N GLY D 379 -6.49 35.42 -15.40
CA GLY D 379 -7.17 36.35 -16.24
C GLY D 379 -7.32 37.68 -15.54
N THR D 380 -6.94 38.76 -16.23
CA THR D 380 -7.00 40.05 -15.61
C THR D 380 -7.31 41.17 -16.56
N ILE D 381 -8.07 42.12 -16.04
CA ILE D 381 -8.41 43.31 -16.75
C ILE D 381 -8.05 44.50 -15.89
N VAL D 382 -7.38 45.46 -16.56
CA VAL D 382 -6.99 46.74 -16.02
C VAL D 382 -7.39 47.89 -16.91
N GLY D 383 -7.48 49.07 -16.30
CA GLY D 383 -7.63 50.34 -17.00
C GLY D 383 -9.05 50.74 -17.30
N MET D 384 -10.03 50.02 -16.77
CA MET D 384 -11.43 50.32 -17.09
C MET D 384 -11.97 51.63 -16.53
N THR D 385 -12.85 52.29 -17.31
CA THR D 385 -13.63 53.43 -16.85
C THR D 385 -15.13 53.15 -17.11
N LEU D 386 -16.01 54.05 -16.68
CA LEU D 386 -17.43 53.97 -16.99
C LEU D 386 -17.73 54.16 -18.49
N LYS D 387 -16.72 54.54 -19.26
CA LYS D 387 -16.81 54.55 -20.76
C LYS D 387 -16.50 53.18 -21.36
N THR D 388 -15.82 52.31 -20.63
CA THR D 388 -15.53 50.98 -21.10
C THR D 388 -16.81 50.16 -21.27
N THR D 389 -16.92 49.52 -22.44
CA THR D 389 -18.05 48.67 -22.74
C THR D 389 -17.52 47.31 -23.15
N ARG D 390 -18.43 46.38 -23.38
CA ARG D 390 -18.10 45.06 -23.88
C ARG D 390 -17.33 45.05 -25.17
N ALA D 391 -17.53 46.09 -26.00
CA ALA D 391 -16.86 46.22 -27.30
C ALA D 391 -15.34 46.34 -27.08
N HIS D 392 -14.97 47.16 -26.08
CA HIS D 392 -13.59 47.40 -25.75
C HIS D 392 -12.97 46.15 -25.20
N VAL D 393 -13.74 45.42 -24.38
CA VAL D 393 -13.26 44.20 -23.75
C VAL D 393 -13.02 43.10 -24.75
N ILE D 394 -13.98 42.89 -25.64
CA ILE D 394 -13.82 41.94 -26.73
C ILE D 394 -12.58 42.25 -27.57
N ARG D 395 -12.43 43.51 -27.96
CA ARG D 395 -11.31 43.93 -28.78
C ARG D 395 -9.97 43.72 -28.06
N ALA D 396 -10.01 43.99 -26.76
CA ALA D 396 -8.83 43.87 -25.94
C ALA D 396 -8.35 42.40 -25.88
N ALA D 397 -9.31 41.46 -25.80
CA ALA D 397 -9.02 40.02 -25.77
C ALA D 397 -8.32 39.67 -27.08
N LEU D 398 -8.85 40.22 -28.18
CA LEU D 398 -8.29 39.92 -29.51
C LEU D 398 -6.84 40.43 -29.62
N GLN D 399 -6.66 41.64 -29.12
CA GLN D 399 -5.38 42.33 -29.13
C GLN D 399 -4.39 41.55 -28.32
N ALA D 400 -4.86 41.02 -27.18
CA ALA D 400 -4.02 40.20 -26.31
C ALA D 400 -3.54 38.92 -26.98
N ILE D 401 -4.41 38.27 -27.70
CA ILE D 401 -4.01 37.09 -28.39
C ILE D 401 -2.91 37.44 -29.36
N ALA D 402 -3.11 38.51 -30.12
CA ALA D 402 -2.09 38.97 -31.08
C ALA D 402 -0.83 39.50 -30.37
N LEU D 403 -0.96 40.10 -29.18
CA LEU D 403 0.24 40.62 -28.48
C LEU D 403 1.10 39.50 -27.96
N GLN D 404 0.45 38.47 -27.45
CA GLN D 404 1.20 37.30 -27.01
C GLN D 404 1.96 36.65 -28.21
N LEU D 405 1.30 36.47 -29.32
CA LEU D 405 1.98 35.97 -30.53
C LEU D 405 3.19 36.84 -30.96
N ASN D 406 3.02 38.16 -30.85
CA ASN D 406 4.11 39.10 -31.10
C ASN D 406 5.35 38.85 -30.21
N ASP D 407 5.13 38.67 -28.92
CA ASP D 407 6.17 38.21 -28.00
C ASP D 407 6.82 36.86 -28.37
N VAL D 408 6.00 35.89 -28.79
CA VAL D 408 6.52 34.58 -29.18
C VAL D 408 7.38 34.73 -30.42
N VAL D 409 6.88 35.45 -31.42
CA VAL D 409 7.68 35.67 -32.62
C VAL D 409 8.97 36.44 -32.24
N GLY D 410 8.85 37.47 -31.41
CA GLY D 410 10.05 38.23 -30.97
C GLY D 410 11.13 37.31 -30.42
N SER D 411 10.76 36.41 -29.50
CA SER D 411 11.68 35.43 -29.00
C SER D 411 12.29 34.50 -30.04
N MET D 412 11.48 33.97 -30.95
CA MET D 412 12.00 33.14 -32.02
C MET D 412 13.03 33.88 -32.88
N LYS D 413 12.71 35.12 -33.25
CA LYS D 413 13.61 35.98 -33.99
C LYS D 413 14.95 36.10 -33.33
N ARG D 414 14.99 36.25 -32.01
CA ARG D 414 16.28 36.38 -31.31
C ARG D 414 16.97 35.00 -31.24
N ASP D 415 16.25 33.97 -30.82
CA ASP D 415 16.84 32.65 -30.70
C ASP D 415 17.40 32.16 -32.07
N ALA D 416 16.68 32.41 -33.16
CA ALA D 416 17.08 31.91 -34.49
C ALA D 416 18.02 32.82 -35.29
N GLY D 417 18.31 34.03 -34.79
CA GLY D 417 18.96 35.10 -35.58
C GLY D 417 18.32 35.31 -36.96
N LEU D 418 16.99 35.29 -37.03
CA LEU D 418 16.33 35.62 -38.30
C LEU D 418 15.07 36.46 -38.16
N ASN D 419 14.64 37.02 -39.29
CA ASN D 419 13.38 37.74 -39.38
C ASN D 419 12.21 36.81 -39.69
N LEU D 420 11.02 37.27 -39.36
CA LEU D 420 9.78 36.65 -39.86
C LEU D 420 9.47 37.20 -41.22
N SER D 421 9.38 36.32 -42.23
CA SER D 421 9.17 36.82 -43.59
C SER D 421 7.66 36.91 -43.86
N SER D 422 6.91 35.89 -43.47
CA SER D 422 5.46 36.03 -43.43
C SER D 422 4.82 35.04 -42.49
N LEU D 423 3.52 35.21 -42.27
CA LEU D 423 2.81 34.37 -41.33
C LEU D 423 1.61 33.79 -42.01
N ARG D 424 1.59 32.47 -42.17
CA ARG D 424 0.41 31.82 -42.70
C ARG D 424 -0.47 31.44 -41.50
N VAL D 425 -1.79 31.52 -41.65
CA VAL D 425 -2.72 31.32 -40.50
C VAL D 425 -3.86 30.39 -40.84
N ASP D 426 -4.23 29.58 -39.86
CA ASP D 426 -5.34 28.65 -39.95
C ASP D 426 -6.00 28.52 -38.57
N GLY D 427 -6.95 27.60 -38.46
CA GLY D 427 -7.86 27.51 -37.35
C GLY D 427 -9.05 28.42 -37.53
N GLY D 428 -10.16 28.10 -36.88
CA GLY D 428 -11.40 28.91 -36.91
C GLY D 428 -11.32 30.39 -36.56
N LEU D 429 -10.52 30.74 -35.55
CA LEU D 429 -10.29 32.17 -35.25
C LEU D 429 -9.55 32.97 -36.35
N SER D 430 -8.99 32.29 -37.34
CA SER D 430 -8.42 33.00 -38.50
C SER D 430 -9.53 33.64 -39.37
N LYS D 431 -10.78 33.27 -39.18
CA LYS D 431 -11.91 33.85 -39.88
C LYS D 431 -12.28 35.18 -39.25
N ASN D 432 -11.67 35.52 -38.12
CA ASN D 432 -11.89 36.85 -37.57
C ASN D 432 -10.92 37.85 -38.25
N GLY D 433 -11.45 38.59 -39.22
CA GLY D 433 -10.63 39.48 -40.03
C GLY D 433 -9.92 40.52 -39.21
N LEU D 434 -10.60 41.06 -38.20
CA LEU D 434 -10.01 42.11 -37.38
C LEU D 434 -8.80 41.58 -36.62
N LEU D 435 -8.93 40.37 -36.08
CA LEU D 435 -7.77 39.77 -35.39
C LEU D 435 -6.58 39.61 -36.32
N MET D 436 -6.85 39.21 -37.57
CA MET D 436 -5.78 39.05 -38.57
C MET D 436 -5.16 40.44 -38.90
N GLU D 437 -5.97 41.48 -39.00
CA GLU D 437 -5.46 42.87 -39.17
C GLU D 437 -4.59 43.35 -38.04
N ILE D 438 -5.06 43.17 -36.81
CA ILE D 438 -4.26 43.54 -35.69
C ILE D 438 -2.94 42.75 -35.73
N GLN D 439 -3.01 41.47 -36.01
CA GLN D 439 -1.80 40.67 -36.00
C GLN D 439 -0.76 41.13 -37.05
N ALA D 440 -1.21 41.42 -38.26
CA ALA D 440 -0.28 41.92 -39.29
C ALA D 440 0.39 43.26 -38.92
N SER D 441 -0.41 44.13 -38.31
CA SER D 441 0.06 45.47 -37.90
C SER D 441 1.06 45.38 -36.81
N LEU D 442 0.92 44.39 -35.91
CA LEU D 442 1.88 44.20 -34.82
C LEU D 442 3.17 43.61 -35.32
N LEU D 443 3.09 42.61 -36.16
CA LEU D 443 4.29 41.95 -36.61
C LEU D 443 4.96 42.72 -37.77
N GLY D 444 4.24 43.62 -38.42
CA GLY D 444 4.80 44.33 -39.59
C GLY D 444 5.03 43.44 -40.82
N VAL D 445 4.39 42.27 -40.92
CA VAL D 445 4.54 41.42 -42.11
C VAL D 445 3.17 41.08 -42.63
N ASP D 446 3.10 40.52 -43.83
CA ASP D 446 1.83 40.12 -44.38
C ASP D 446 1.37 38.84 -43.71
N ILE D 447 0.06 38.71 -43.57
CA ILE D 447 -0.57 37.49 -43.08
C ILE D 447 -1.31 36.85 -44.23
N LEU D 448 -1.06 35.56 -44.43
CA LEU D 448 -1.70 34.79 -45.51
C LEU D 448 -2.71 33.82 -44.97
N VAL D 449 -3.92 33.94 -45.46
CA VAL D 449 -5.04 33.13 -45.04
C VAL D 449 -5.44 32.23 -46.20
N PRO D 450 -5.18 30.91 -46.13
CA PRO D 450 -5.62 29.95 -47.17
C PRO D 450 -7.11 29.79 -47.16
N SER D 451 -7.74 29.89 -48.31
CA SER D 451 -9.15 29.66 -48.42
C SER D 451 -9.38 28.14 -48.38
N MET D 452 -8.40 27.35 -48.82
CA MET D 452 -8.38 25.88 -48.54
C MET D 452 -7.71 25.61 -47.19
N HIS D 453 -8.52 25.57 -46.13
CA HIS D 453 -8.00 25.69 -44.72
C HIS D 453 -7.64 24.32 -44.05
N GLU D 454 -7.77 23.23 -44.79
CA GLU D 454 -7.44 21.89 -44.31
C GLU D 454 -5.93 21.71 -44.34
N THR D 455 -5.24 22.54 -43.59
CA THR D 455 -3.79 22.64 -43.73
C THR D 455 -3.07 21.46 -43.15
N THR D 456 -3.56 20.96 -42.02
CA THR D 456 -2.99 19.80 -41.35
C THR D 456 -3.08 18.58 -42.20
N ALA D 457 -4.27 18.31 -42.66
CA ALA D 457 -4.48 17.19 -43.52
C ALA D 457 -3.66 17.38 -44.81
N LEU D 458 -3.60 18.62 -45.33
CA LEU D 458 -2.85 18.87 -46.57
C LEU D 458 -1.38 18.51 -46.40
N GLY D 459 -0.81 18.78 -45.23
CA GLY D 459 0.62 18.54 -45.00
C GLY D 459 0.98 17.09 -45.26
N ALA D 460 0.17 16.22 -44.71
CA ALA D 460 0.38 14.81 -44.83
C ALA D 460 0.13 14.33 -46.25
N ALA D 461 -0.88 14.85 -46.90
CA ALA D 461 -1.10 14.50 -48.30
C ALA D 461 0.05 15.00 -49.20
N LEU D 462 0.68 16.11 -48.87
CA LEU D 462 1.80 16.63 -49.67
C LEU D 462 3.04 15.76 -49.51
N CYS D 463 3.33 15.41 -48.27
CA CYS D 463 4.39 14.45 -48.01
C CYS D 463 4.17 13.18 -48.85
N ALA D 464 2.95 12.65 -48.84
CA ALA D 464 2.72 11.36 -49.44
C ALA D 464 2.85 11.48 -50.95
N GLY D 465 2.31 12.56 -51.49
CA GLY D 465 2.19 12.78 -52.91
C GLY D 465 3.55 13.10 -53.49
N LEU D 466 4.40 13.74 -52.68
CA LEU D 466 5.75 14.01 -53.09
C LEU D 466 6.50 12.71 -53.32
N ALA D 467 6.49 11.87 -52.33
CA ALA D 467 7.18 10.63 -52.42
C ALA D 467 6.57 9.74 -53.49
N ALA D 468 5.31 9.95 -53.84
CA ALA D 468 4.63 9.13 -54.85
C ALA D 468 4.73 9.66 -56.28
N GLY D 469 5.22 10.89 -56.48
CA GLY D 469 5.33 11.48 -57.80
C GLY D 469 4.16 12.34 -58.25
N VAL D 470 3.17 12.58 -57.37
CA VAL D 470 2.00 13.41 -57.75
C VAL D 470 2.40 14.86 -57.94
N TRP D 471 3.27 15.31 -57.07
CA TRP D 471 3.99 16.61 -57.18
C TRP D 471 5.45 16.20 -57.11
N THR D 472 6.30 16.87 -57.87
CA THR D 472 7.69 16.42 -58.06
C THR D 472 8.74 17.35 -57.38
N SER D 473 8.36 18.57 -57.03
CA SER D 473 9.22 19.42 -56.22
C SER D 473 8.36 20.21 -55.23
N LEU D 474 9.00 20.79 -54.22
CA LEU D 474 8.37 21.77 -53.35
C LEU D 474 7.91 23.01 -54.10
N GLU D 475 8.66 23.35 -55.12
CA GLU D 475 8.37 24.52 -55.95
C GLU D 475 7.02 24.32 -56.66
N GLU D 476 6.83 23.12 -57.19
CA GLU D 476 5.56 22.76 -57.87
C GLU D 476 4.32 22.77 -56.91
N VAL D 477 4.53 22.20 -55.73
CA VAL D 477 3.57 22.29 -54.64
C VAL D 477 3.08 23.70 -54.45
N LYS D 478 4.02 24.62 -54.32
CA LYS D 478 3.67 26.01 -54.12
C LYS D 478 2.93 26.60 -55.28
N ALA D 479 3.43 26.33 -56.48
CA ALA D 479 2.83 26.86 -57.73
C ALA D 479 1.41 26.29 -57.95
N VAL D 480 1.23 24.97 -57.77
CA VAL D 480 -0.16 24.42 -57.74
C VAL D 480 -1.06 25.13 -56.73
N SER D 481 -0.58 25.36 -55.52
CA SER D 481 -1.42 26.08 -54.49
C SER D 481 -1.73 27.44 -54.94
N ARG D 482 -0.69 28.15 -55.41
CA ARG D 482 -0.90 29.52 -55.90
C ARG D 482 -1.93 29.48 -57.02
N ARG D 483 -1.84 28.51 -57.92
CA ARG D 483 -2.79 28.50 -59.05
C ARG D 483 -4.23 28.09 -58.70
N GLU D 484 -4.41 27.09 -57.85
CA GLU D 484 -5.71 26.48 -57.69
C GLU D 484 -6.51 26.92 -56.47
N ASN D 485 -5.81 27.29 -55.41
CA ASN D 485 -6.47 27.67 -54.14
C ASN D 485 -6.21 29.14 -53.78
N SER D 486 -7.28 29.84 -53.49
CA SER D 486 -7.28 31.24 -53.21
C SER D 486 -6.61 31.46 -51.85
N TRP D 487 -5.74 32.46 -51.75
CA TRP D 487 -5.18 32.93 -50.50
C TRP D 487 -5.51 34.41 -50.39
N LYS D 488 -5.86 34.88 -49.21
CA LYS D 488 -6.17 36.29 -48.92
C LYS D 488 -4.90 36.82 -48.31
N THR D 489 -4.49 38.01 -48.68
CA THR D 489 -3.36 38.57 -47.99
C THR D 489 -3.83 39.71 -47.09
N VAL D 490 -3.31 39.74 -45.87
CA VAL D 490 -3.71 40.74 -44.89
C VAL D 490 -2.45 41.45 -44.53
N SER D 491 -2.40 42.72 -44.90
CA SER D 491 -1.19 43.54 -44.79
C SER D 491 -1.24 44.39 -43.54
N PRO D 492 -0.07 44.75 -42.98
CA PRO D 492 -0.04 45.69 -41.87
C PRO D 492 -0.80 46.98 -42.17
N SER D 493 -1.53 47.48 -41.19
CA SER D 493 -2.41 48.60 -41.42
C SER D 493 -2.70 49.46 -40.20
N GLY D 494 -1.77 49.58 -39.28
CA GLY D 494 -1.94 50.54 -38.23
C GLY D 494 -0.81 51.54 -38.32
N SER D 495 -0.43 52.10 -37.19
CA SER D 495 0.62 53.02 -37.14
C SER D 495 1.66 52.49 -36.19
N ALA D 496 2.91 52.73 -36.54
CA ALA D 496 4.01 52.38 -35.64
C ALA D 496 3.83 53.05 -34.28
N MET D 497 3.13 54.19 -34.26
CA MET D 497 2.88 54.89 -33.00
C MET D 497 1.90 54.08 -32.18
N GLU D 498 0.79 53.67 -32.78
CA GLU D 498 -0.19 52.86 -32.08
C GLU D 498 0.41 51.55 -31.54
N ARG D 499 1.20 50.89 -32.39
CA ARG D 499 1.86 49.63 -32.06
C ARG D 499 2.73 49.74 -30.83
N GLU D 500 3.55 50.79 -30.78
CA GLU D 500 4.47 51.01 -29.68
C GLU D 500 3.68 51.19 -28.39
N ALA D 501 2.62 52.00 -28.48
CA ALA D 501 1.77 52.27 -27.35
C ALA D 501 1.05 51.01 -26.88
N MET D 502 0.52 50.22 -27.80
CA MET D 502 -0.23 49.04 -27.40
C MET D 502 0.73 48.05 -26.75
N ILE D 503 1.95 47.93 -27.28
CA ILE D 503 2.99 47.08 -26.66
C ILE D 503 3.45 47.57 -25.26
N ALA D 504 3.59 48.86 -25.06
CA ALA D 504 3.92 49.40 -23.76
C ALA D 504 2.82 49.18 -22.74
N GLU D 505 1.54 49.28 -23.14
CA GLU D 505 0.40 48.97 -22.27
C GLU D 505 0.41 47.51 -21.86
N TRP D 506 0.62 46.66 -22.86
CA TRP D 506 0.61 45.23 -22.70
C TRP D 506 1.62 44.80 -21.62
N ARG D 507 2.84 45.30 -21.76
CA ARG D 507 3.99 44.90 -20.94
C ARG D 507 3.79 45.42 -19.51
N GLU D 508 3.23 46.62 -19.34
CA GLU D 508 2.81 47.00 -17.98
C GLU D 508 1.78 46.08 -17.40
N ALA D 509 0.78 45.75 -18.20
CA ALA D 509 -0.36 44.99 -17.66
C ALA D 509 0.09 43.60 -17.24
N LEU D 510 1.09 43.05 -17.95
CA LEU D 510 1.61 41.72 -17.57
C LEU D 510 2.11 41.67 -16.12
N LYS D 511 2.71 42.75 -15.64
CA LYS D 511 3.09 42.88 -14.20
C LYS D 511 1.96 42.78 -13.17
N ARG D 512 0.70 42.81 -13.58
CA ARG D 512 -0.41 42.82 -12.64
C ARG D 512 -1.16 41.50 -12.58
N THR D 513 -0.69 40.53 -13.36
CA THR D 513 -1.42 39.26 -13.54
C THR D 513 -1.14 38.15 -12.56
N LYS D 514 -0.02 38.22 -11.83
CA LYS D 514 0.33 37.16 -10.89
C LYS D 514 -0.68 37.15 -9.76
N TRP D 515 -1.34 36.03 -9.54
CA TRP D 515 -2.42 35.92 -8.54
C TRP D 515 -2.45 34.60 -7.72
N ALA D 516 -2.53 33.47 -8.39
CA ALA D 516 -2.72 32.17 -7.76
C ALA D 516 -1.62 31.79 -6.77
N LYS D 517 -2.03 31.15 -5.66
CA LYS D 517 -1.19 30.92 -4.47
C LYS D 517 -0.72 32.24 -3.86
#